data_1SSC
# 
_entry.id   1SSC 
# 
_audit_conform.dict_name       mmcif_pdbx.dic 
_audit_conform.dict_version    5.398 
_audit_conform.dict_location   http://mmcif.pdb.org/dictionaries/ascii/mmcif_pdbx.dic 
# 
loop_
_database_2.database_id 
_database_2.database_code 
_database_2.pdbx_database_accession 
_database_2.pdbx_DOI 
PDB   1SSC         pdb_00001ssc 10.2210/pdb1ssc/pdb 
WWPDB D_1000176494 ?            ?                   
# 
loop_
_pdbx_audit_revision_history.ordinal 
_pdbx_audit_revision_history.data_content_type 
_pdbx_audit_revision_history.major_revision 
_pdbx_audit_revision_history.minor_revision 
_pdbx_audit_revision_history.revision_date 
1 'Structure model' 1 0 1995-01-26 
2 'Structure model' 1 1 2008-03-24 
3 'Structure model' 1 2 2011-07-13 
4 'Structure model' 1 3 2024-11-06 
# 
_pdbx_audit_revision_details.ordinal             1 
_pdbx_audit_revision_details.revision_ordinal    1 
_pdbx_audit_revision_details.data_content_type   'Structure model' 
_pdbx_audit_revision_details.provider            repository 
_pdbx_audit_revision_details.type                'Initial release' 
_pdbx_audit_revision_details.description         ? 
_pdbx_audit_revision_details.details             ? 
# 
loop_
_pdbx_audit_revision_group.ordinal 
_pdbx_audit_revision_group.revision_ordinal 
_pdbx_audit_revision_group.data_content_type 
_pdbx_audit_revision_group.group 
1 2 'Structure model' 'Version format compliance' 
2 3 'Structure model' 'Version format compliance' 
3 4 'Structure model' 'Data collection'           
4 4 'Structure model' 'Database references'       
5 4 'Structure model' 'Derived calculations'      
6 4 'Structure model' 'Structure summary'         
# 
loop_
_pdbx_audit_revision_category.ordinal 
_pdbx_audit_revision_category.revision_ordinal 
_pdbx_audit_revision_category.data_content_type 
_pdbx_audit_revision_category.category 
1 4 'Structure model' chem_comp_atom            
2 4 'Structure model' chem_comp_bond            
3 4 'Structure model' database_2                
4 4 'Structure model' pdbx_entry_details        
5 4 'Structure model' pdbx_modification_feature 
6 4 'Structure model' struct_site               
# 
loop_
_pdbx_audit_revision_item.ordinal 
_pdbx_audit_revision_item.revision_ordinal 
_pdbx_audit_revision_item.data_content_type 
_pdbx_audit_revision_item.item 
1 4 'Structure model' '_database_2.pdbx_DOI'                
2 4 'Structure model' '_database_2.pdbx_database_accession' 
3 4 'Structure model' '_struct_site.pdbx_auth_asym_id'      
4 4 'Structure model' '_struct_site.pdbx_auth_comp_id'      
5 4 'Structure model' '_struct_site.pdbx_auth_seq_id'       
# 
_pdbx_database_status.status_code                     REL 
_pdbx_database_status.entry_id                        1SSC 
_pdbx_database_status.recvd_initial_deposition_date   1994-10-05 
_pdbx_database_status.deposit_site                    ? 
_pdbx_database_status.process_site                    BNL 
_pdbx_database_status.SG_entry                        . 
_pdbx_database_status.pdb_format_compatible           Y 
_pdbx_database_status.status_code_mr                  ? 
_pdbx_database_status.status_code_sf                  ? 
_pdbx_database_status.status_code_cs                  ? 
_pdbx_database_status.status_code_nmr_data            ? 
_pdbx_database_status.methods_development_category    ? 
# 
loop_
_audit_author.name 
_audit_author.pdbx_ordinal 
'De Mel, V.S.J.'  1 
'Doscher, M.S.'   2 
'Martin, P.D.'    3 
'Rodier, F.'      4 
'Edwards, B.F.P.' 5 
# 
loop_
_citation.id 
_citation.title 
_citation.journal_abbrev 
_citation.journal_volume 
_citation.page_first 
_citation.page_last 
_citation.year 
_citation.journal_id_ASTM 
_citation.country 
_citation.journal_id_ISSN 
_citation.journal_id_CSD 
_citation.book_publisher 
_citation.pdbx_database_id_PubMed 
_citation.pdbx_database_id_DOI 
primary 
;1.6 A structure of semisynthetic ribonuclease crystallized from aqueous ethanol. Comparison with crystals from salt solutions and with ribonuclease A from aqueous alcohol solutions.
;
'Acta Crystallogr.,Sect.D' 51  1003  1012 1995 ABCRE6 DK 0907-4449 0766 ? 15299768 10.1107/S0907444995004574 
1       'Structural Changes that Accompany the Reduced Catalytic Efficiency of Two Semisynthetic Ribonuclease Analogs' 
J.Biol.Chem.               267 247   ?    1992 JBCHA3 US 0021-9258 0071 ? ?        ?                         
2       'The Refined Crystal Structure of Fully Active Semisynthetic Ribonuclease At 1.8-A Resolution.' J.Biol.Chem.               
262 15930 ?    1987 JBCHA3 US 0021-9258 0071 ? ?        ?                         
# 
loop_
_citation_author.citation_id 
_citation_author.name 
_citation_author.ordinal 
_citation_author.identifier_ORCID 
primary 'de Mel, S.J.'    1  ? 
primary 'Doscher, M.S.'   2  ? 
primary 'Martin, P.D.'    3  ? 
primary 'Rodier, F.'      4  ? 
primary 'Edwards, B.F.'   5  ? 
1       'De Mel, V.S.J.'  6  ? 
1       'Martin, P.D.'    7  ? 
1       'Doscher, M.S.'   8  ? 
1       'Edwards, B.F.P.' 9  ? 
2       'Martin, P.D.'    10 ? 
2       'Doscher, M.S.'   11 ? 
2       'Edwards, B.F.P.' 12 ? 
# 
loop_
_entity.id 
_entity.type 
_entity.src_method 
_entity.pdbx_description 
_entity.formula_weight 
_entity.pdbx_number_of_molecules 
_entity.pdbx_ec 
_entity.pdbx_mutation 
_entity.pdbx_fragment 
_entity.details 
1 polymer     man 'RIBONUCLEASE A' 12380.861 1  ? ? ? ? 
2 polymer     man 'RIBONUCLEASE A' 1231.375  1  ? ? ? ? 
3 non-polymer syn 'PHOSPHATE ION'  94.971    1  ? ? ? ? 
4 water       nat water            18.015    95 ? ? ? ? 
# 
loop_
_entity_poly.entity_id 
_entity_poly.type 
_entity_poly.nstd_linkage 
_entity_poly.nstd_monomer 
_entity_poly.pdbx_seq_one_letter_code 
_entity_poly.pdbx_seq_one_letter_code_can 
_entity_poly.pdbx_strand_id 
_entity_poly.pdbx_target_identifier 
1 'polypeptide(L)' no no 
;KETAAAKFERQHMDSSTSAASSSNYCNQMMKSRNLTKDRCKPVNTFVHESLADVQAVCSQKNVACKNGQTNCYQSYSTMS
ITDCRETGSSKYPNCAYKTTQANKHIIVACEG
;
;KETAAAKFERQHMDSSTSAASSSNYCNQMMKSRNLTKDRCKPVNTFVHESLADVQAVCSQKNVACKNGQTNCYQSYSTMS
ITDCRETGSSKYPNCAYKTTQANKHIIVACEG
;
A ? 
2 'polypeptide(L)' no no PYVPVHFDASV PYVPVHFDASV B ? 
# 
loop_
_pdbx_entity_nonpoly.entity_id 
_pdbx_entity_nonpoly.name 
_pdbx_entity_nonpoly.comp_id 
3 'PHOSPHATE ION' PO4 
4 water           HOH 
# 
loop_
_entity_poly_seq.entity_id 
_entity_poly_seq.num 
_entity_poly_seq.mon_id 
_entity_poly_seq.hetero 
1 1   LYS n 
1 2   GLU n 
1 3   THR n 
1 4   ALA n 
1 5   ALA n 
1 6   ALA n 
1 7   LYS n 
1 8   PHE n 
1 9   GLU n 
1 10  ARG n 
1 11  GLN n 
1 12  HIS n 
1 13  MET n 
1 14  ASP n 
1 15  SER n 
1 16  SER n 
1 17  THR n 
1 18  SER n 
1 19  ALA n 
1 20  ALA n 
1 21  SER n 
1 22  SER n 
1 23  SER n 
1 24  ASN n 
1 25  TYR n 
1 26  CYS n 
1 27  ASN n 
1 28  GLN n 
1 29  MET n 
1 30  MET n 
1 31  LYS n 
1 32  SER n 
1 33  ARG n 
1 34  ASN n 
1 35  LEU n 
1 36  THR n 
1 37  LYS n 
1 38  ASP n 
1 39  ARG n 
1 40  CYS n 
1 41  LYS n 
1 42  PRO n 
1 43  VAL n 
1 44  ASN n 
1 45  THR n 
1 46  PHE n 
1 47  VAL n 
1 48  HIS n 
1 49  GLU n 
1 50  SER n 
1 51  LEU n 
1 52  ALA n 
1 53  ASP n 
1 54  VAL n 
1 55  GLN n 
1 56  ALA n 
1 57  VAL n 
1 58  CYS n 
1 59  SER n 
1 60  GLN n 
1 61  LYS n 
1 62  ASN n 
1 63  VAL n 
1 64  ALA n 
1 65  CYS n 
1 66  LYS n 
1 67  ASN n 
1 68  GLY n 
1 69  GLN n 
1 70  THR n 
1 71  ASN n 
1 72  CYS n 
1 73  TYR n 
1 74  GLN n 
1 75  SER n 
1 76  TYR n 
1 77  SER n 
1 78  THR n 
1 79  MET n 
1 80  SER n 
1 81  ILE n 
1 82  THR n 
1 83  ASP n 
1 84  CYS n 
1 85  ARG n 
1 86  GLU n 
1 87  THR n 
1 88  GLY n 
1 89  SER n 
1 90  SER n 
1 91  LYS n 
1 92  TYR n 
1 93  PRO n 
1 94  ASN n 
1 95  CYS n 
1 96  ALA n 
1 97  TYR n 
1 98  LYS n 
1 99  THR n 
1 100 THR n 
1 101 GLN n 
1 102 ALA n 
1 103 ASN n 
1 104 LYS n 
1 105 HIS n 
1 106 ILE n 
1 107 ILE n 
1 108 VAL n 
1 109 ALA n 
1 110 CYS n 
1 111 GLU n 
1 112 GLY n 
2 1   PRO n 
2 2   TYR n 
2 3   VAL n 
2 4   PRO n 
2 5   VAL n 
2 6   HIS n 
2 7   PHE n 
2 8   ASP n 
2 9   ALA n 
2 10  SER n 
2 11  VAL n 
# 
loop_
_entity_src_gen.entity_id 
_entity_src_gen.pdbx_src_id 
_entity_src_gen.pdbx_alt_source_flag 
_entity_src_gen.pdbx_seq_type 
_entity_src_gen.pdbx_beg_seq_num 
_entity_src_gen.pdbx_end_seq_num 
_entity_src_gen.gene_src_common_name 
_entity_src_gen.gene_src_genus 
_entity_src_gen.pdbx_gene_src_gene 
_entity_src_gen.gene_src_species 
_entity_src_gen.gene_src_strain 
_entity_src_gen.gene_src_tissue 
_entity_src_gen.gene_src_tissue_fraction 
_entity_src_gen.gene_src_details 
_entity_src_gen.pdbx_gene_src_fragment 
_entity_src_gen.pdbx_gene_src_scientific_name 
_entity_src_gen.pdbx_gene_src_ncbi_taxonomy_id 
_entity_src_gen.pdbx_gene_src_variant 
_entity_src_gen.pdbx_gene_src_cell_line 
_entity_src_gen.pdbx_gene_src_atcc 
_entity_src_gen.pdbx_gene_src_organ 
_entity_src_gen.pdbx_gene_src_organelle 
_entity_src_gen.pdbx_gene_src_cell 
_entity_src_gen.pdbx_gene_src_cellular_location 
_entity_src_gen.host_org_common_name 
_entity_src_gen.pdbx_host_org_scientific_name 
_entity_src_gen.pdbx_host_org_ncbi_taxonomy_id 
_entity_src_gen.host_org_genus 
_entity_src_gen.pdbx_host_org_gene 
_entity_src_gen.pdbx_host_org_organ 
_entity_src_gen.host_org_species 
_entity_src_gen.pdbx_host_org_tissue 
_entity_src_gen.pdbx_host_org_tissue_fraction 
_entity_src_gen.pdbx_host_org_strain 
_entity_src_gen.pdbx_host_org_variant 
_entity_src_gen.pdbx_host_org_cell_line 
_entity_src_gen.pdbx_host_org_atcc 
_entity_src_gen.pdbx_host_org_culture_collection 
_entity_src_gen.pdbx_host_org_cell 
_entity_src_gen.pdbx_host_org_organelle 
_entity_src_gen.pdbx_host_org_cellular_location 
_entity_src_gen.pdbx_host_org_vector_type 
_entity_src_gen.pdbx_host_org_vector 
_entity_src_gen.host_org_details 
_entity_src_gen.expression_system_id 
_entity_src_gen.plasmid_name 
_entity_src_gen.plasmid_details 
_entity_src_gen.pdbx_description 
1 1 sample ? ? ? cattle Bos ? ? ? ? ? ? ? 'Bos taurus' 9913 ? ? ? ? ? ? ? ? ? ? ? ? ? ? ? ? ? ? ? ? ? ? ? ? ? ? ? ? ? ? ? 
2 1 sample ? ? ? cattle Bos ? ? ? ? ? ? ? 'Bos taurus' 9913 ? ? ? ? ? ? ? ? ? ? ? ? ? ? ? ? ? ? ? ? ? ? ? ? ? ? ? ? ? ? ? 
# 
loop_
_chem_comp.id 
_chem_comp.type 
_chem_comp.mon_nstd_flag 
_chem_comp.name 
_chem_comp.pdbx_synonyms 
_chem_comp.formula 
_chem_comp.formula_weight 
ALA 'L-peptide linking' y ALANINE         ? 'C3 H7 N O2'     89.093  
ARG 'L-peptide linking' y ARGININE        ? 'C6 H15 N4 O2 1' 175.209 
ASN 'L-peptide linking' y ASPARAGINE      ? 'C4 H8 N2 O3'    132.118 
ASP 'L-peptide linking' y 'ASPARTIC ACID' ? 'C4 H7 N O4'     133.103 
CYS 'L-peptide linking' y CYSTEINE        ? 'C3 H7 N O2 S'   121.158 
GLN 'L-peptide linking' y GLUTAMINE       ? 'C5 H10 N2 O3'   146.144 
GLU 'L-peptide linking' y 'GLUTAMIC ACID' ? 'C5 H9 N O4'     147.129 
GLY 'peptide linking'   y GLYCINE         ? 'C2 H5 N O2'     75.067  
HIS 'L-peptide linking' y HISTIDINE       ? 'C6 H10 N3 O2 1' 156.162 
HOH non-polymer         . WATER           ? 'H2 O'           18.015  
ILE 'L-peptide linking' y ISOLEUCINE      ? 'C6 H13 N O2'    131.173 
LEU 'L-peptide linking' y LEUCINE         ? 'C6 H13 N O2'    131.173 
LYS 'L-peptide linking' y LYSINE          ? 'C6 H15 N2 O2 1' 147.195 
MET 'L-peptide linking' y METHIONINE      ? 'C5 H11 N O2 S'  149.211 
PHE 'L-peptide linking' y PHENYLALANINE   ? 'C9 H11 N O2'    165.189 
PO4 non-polymer         . 'PHOSPHATE ION' ? 'O4 P -3'        94.971  
PRO 'L-peptide linking' y PROLINE         ? 'C5 H9 N O2'     115.130 
SER 'L-peptide linking' y SERINE          ? 'C3 H7 N O3'     105.093 
THR 'L-peptide linking' y THREONINE       ? 'C4 H9 N O3'     119.119 
TYR 'L-peptide linking' y TYROSINE        ? 'C9 H11 N O3'    181.189 
VAL 'L-peptide linking' y VALINE          ? 'C5 H11 N O2'    117.146 
# 
loop_
_pdbx_poly_seq_scheme.asym_id 
_pdbx_poly_seq_scheme.entity_id 
_pdbx_poly_seq_scheme.seq_id 
_pdbx_poly_seq_scheme.mon_id 
_pdbx_poly_seq_scheme.ndb_seq_num 
_pdbx_poly_seq_scheme.pdb_seq_num 
_pdbx_poly_seq_scheme.auth_seq_num 
_pdbx_poly_seq_scheme.pdb_mon_id 
_pdbx_poly_seq_scheme.auth_mon_id 
_pdbx_poly_seq_scheme.pdb_strand_id 
_pdbx_poly_seq_scheme.pdb_ins_code 
_pdbx_poly_seq_scheme.hetero 
A 1 1   LYS 1   1   1   LYS LYS A . n 
A 1 2   GLU 2   2   2   GLU GLU A . n 
A 1 3   THR 3   3   3   THR THR A . n 
A 1 4   ALA 4   4   4   ALA ALA A . n 
A 1 5   ALA 5   5   5   ALA ALA A . n 
A 1 6   ALA 6   6   6   ALA ALA A . n 
A 1 7   LYS 7   7   7   LYS LYS A . n 
A 1 8   PHE 8   8   8   PHE PHE A . n 
A 1 9   GLU 9   9   9   GLU GLU A . n 
A 1 10  ARG 10  10  10  ARG ARG A . n 
A 1 11  GLN 11  11  11  GLN GLN A . n 
A 1 12  HIS 12  12  12  HIS HIS A . n 
A 1 13  MET 13  13  13  MET MET A . n 
A 1 14  ASP 14  14  14  ASP ASP A . n 
A 1 15  SER 15  15  15  SER SER A . n 
A 1 16  SER 16  16  16  SER SER A . n 
A 1 17  THR 17  17  17  THR THR A . n 
A 1 18  SER 18  18  18  SER SER A . n 
A 1 19  ALA 19  19  19  ALA ALA A . n 
A 1 20  ALA 20  20  20  ALA ALA A . n 
A 1 21  SER 21  21  21  SER SER A . n 
A 1 22  SER 22  22  22  SER SER A . n 
A 1 23  SER 23  23  23  SER SER A . n 
A 1 24  ASN 24  24  24  ASN ASN A . n 
A 1 25  TYR 25  25  25  TYR TYR A . n 
A 1 26  CYS 26  26  26  CYS CYS A . n 
A 1 27  ASN 27  27  27  ASN ASN A . n 
A 1 28  GLN 28  28  28  GLN GLN A . n 
A 1 29  MET 29  29  29  MET MET A . n 
A 1 30  MET 30  30  30  MET MET A . n 
A 1 31  LYS 31  31  31  LYS LYS A . n 
A 1 32  SER 32  32  32  SER SER A . n 
A 1 33  ARG 33  33  33  ARG ARG A . n 
A 1 34  ASN 34  34  34  ASN ASN A . n 
A 1 35  LEU 35  35  35  LEU LEU A . n 
A 1 36  THR 36  36  36  THR THR A . n 
A 1 37  LYS 37  37  37  LYS LYS A . n 
A 1 38  ASP 38  38  38  ASP ASP A . n 
A 1 39  ARG 39  39  39  ARG ARG A . n 
A 1 40  CYS 40  40  40  CYS CYS A . n 
A 1 41  LYS 41  41  41  LYS LYS A . n 
A 1 42  PRO 42  42  42  PRO PRO A . n 
A 1 43  VAL 43  43  43  VAL VAL A . n 
A 1 44  ASN 44  44  44  ASN ASN A . n 
A 1 45  THR 45  45  45  THR THR A . n 
A 1 46  PHE 46  46  46  PHE PHE A . n 
A 1 47  VAL 47  47  47  VAL VAL A . n 
A 1 48  HIS 48  48  48  HIS HIS A . n 
A 1 49  GLU 49  49  49  GLU GLU A . n 
A 1 50  SER 50  50  50  SER SER A . n 
A 1 51  LEU 51  51  51  LEU LEU A . n 
A 1 52  ALA 52  52  52  ALA ALA A . n 
A 1 53  ASP 53  53  53  ASP ASP A . n 
A 1 54  VAL 54  54  54  VAL VAL A . n 
A 1 55  GLN 55  55  55  GLN GLN A . n 
A 1 56  ALA 56  56  56  ALA ALA A . n 
A 1 57  VAL 57  57  57  VAL VAL A . n 
A 1 58  CYS 58  58  58  CYS CYS A . n 
A 1 59  SER 59  59  59  SER SER A . n 
A 1 60  GLN 60  60  60  GLN GLN A . n 
A 1 61  LYS 61  61  61  LYS LYS A . n 
A 1 62  ASN 62  62  62  ASN ASN A . n 
A 1 63  VAL 63  63  63  VAL VAL A . n 
A 1 64  ALA 64  64  64  ALA ALA A . n 
A 1 65  CYS 65  65  65  CYS CYS A . n 
A 1 66  LYS 66  66  66  LYS LYS A . n 
A 1 67  ASN 67  67  67  ASN ASN A . n 
A 1 68  GLY 68  68  68  GLY GLY A . n 
A 1 69  GLN 69  69  69  GLN GLN A . n 
A 1 70  THR 70  70  70  THR THR A . n 
A 1 71  ASN 71  71  71  ASN ASN A . n 
A 1 72  CYS 72  72  72  CYS CYS A . n 
A 1 73  TYR 73  73  73  TYR TYR A . n 
A 1 74  GLN 74  74  74  GLN GLN A . n 
A 1 75  SER 75  75  75  SER SER A . n 
A 1 76  TYR 76  76  76  TYR TYR A . n 
A 1 77  SER 77  77  77  SER SER A . n 
A 1 78  THR 78  78  78  THR THR A . n 
A 1 79  MET 79  79  79  MET MET A . n 
A 1 80  SER 80  80  80  SER SER A . n 
A 1 81  ILE 81  81  81  ILE ILE A . n 
A 1 82  THR 82  82  82  THR THR A . n 
A 1 83  ASP 83  83  83  ASP ASP A . n 
A 1 84  CYS 84  84  84  CYS CYS A . n 
A 1 85  ARG 85  85  85  ARG ARG A . n 
A 1 86  GLU 86  86  86  GLU GLU A . n 
A 1 87  THR 87  87  87  THR THR A . n 
A 1 88  GLY 88  88  88  GLY GLY A . n 
A 1 89  SER 89  89  89  SER SER A . n 
A 1 90  SER 90  90  90  SER SER A . n 
A 1 91  LYS 91  91  91  LYS LYS A . n 
A 1 92  TYR 92  92  92  TYR TYR A . n 
A 1 93  PRO 93  93  93  PRO PRO A . n 
A 1 94  ASN 94  94  94  ASN ASN A . n 
A 1 95  CYS 95  95  95  CYS CYS A . n 
A 1 96  ALA 96  96  96  ALA ALA A . n 
A 1 97  TYR 97  97  97  TYR TYR A . n 
A 1 98  LYS 98  98  98  LYS LYS A . n 
A 1 99  THR 99  99  99  THR THR A . n 
A 1 100 THR 100 100 100 THR THR A . n 
A 1 101 GLN 101 101 101 GLN GLN A . n 
A 1 102 ALA 102 102 102 ALA ALA A . n 
A 1 103 ASN 103 103 103 ASN ASN A . n 
A 1 104 LYS 104 104 104 LYS LYS A . n 
A 1 105 HIS 105 105 105 HIS HIS A . n 
A 1 106 ILE 106 106 106 ILE ILE A . n 
A 1 107 ILE 107 107 107 ILE ILE A . n 
A 1 108 VAL 108 108 108 VAL VAL A . n 
A 1 109 ALA 109 109 109 ALA ALA A . n 
A 1 110 CYS 110 110 110 CYS CYS A . n 
A 1 111 GLU 111 111 111 GLU GLU A . n 
A 1 112 GLY 112 112 112 GLY GLY A . n 
B 2 1   PRO 1   114 114 PRO PRO B . n 
B 2 2   TYR 2   115 115 TYR TYR B . n 
B 2 3   VAL 3   116 116 VAL VAL B . n 
B 2 4   PRO 4   117 117 PRO PRO B . n 
B 2 5   VAL 5   118 118 VAL VAL B . n 
B 2 6   HIS 6   119 119 HIS HIS B . n 
B 2 7   PHE 7   120 120 PHE PHE B . n 
B 2 8   ASP 8   121 121 ASP ASP B . n 
B 2 9   ALA 9   122 122 ALA ALA B . n 
B 2 10  SER 10  123 123 SER SER B . n 
B 2 11  VAL 11  124 124 VAL VAL B . n 
# 
loop_
_pdbx_nonpoly_scheme.asym_id 
_pdbx_nonpoly_scheme.entity_id 
_pdbx_nonpoly_scheme.mon_id 
_pdbx_nonpoly_scheme.ndb_seq_num 
_pdbx_nonpoly_scheme.pdb_seq_num 
_pdbx_nonpoly_scheme.auth_seq_num 
_pdbx_nonpoly_scheme.pdb_mon_id 
_pdbx_nonpoly_scheme.auth_mon_id 
_pdbx_nonpoly_scheme.pdb_strand_id 
_pdbx_nonpoly_scheme.pdb_ins_code 
C 3 PO4 1  125 125 PO4 PO4 A . 
D 4 HOH 1  126 126 HOH HOH A . 
D 4 HOH 2  127 127 HOH HOH A . 
D 4 HOH 3  128 128 HOH HOH A . 
D 4 HOH 4  129 129 HOH HOH A . 
D 4 HOH 5  130 130 HOH HOH A . 
D 4 HOH 6  131 131 HOH HOH A . 
D 4 HOH 7  132 132 HOH HOH A . 
D 4 HOH 8  134 134 HOH HOH A . 
D 4 HOH 9  135 135 HOH HOH A . 
D 4 HOH 10 137 137 HOH HOH A . 
D 4 HOH 11 138 138 HOH HOH A . 
D 4 HOH 12 139 139 HOH HOH A . 
D 4 HOH 13 140 140 HOH HOH A . 
D 4 HOH 14 141 141 HOH HOH A . 
D 4 HOH 15 143 143 HOH HOH A . 
D 4 HOH 16 144 144 HOH HOH A . 
D 4 HOH 17 145 145 HOH HOH A . 
D 4 HOH 18 147 147 HOH HOH A . 
D 4 HOH 19 148 148 HOH HOH A . 
D 4 HOH 20 149 149 HOH HOH A . 
D 4 HOH 21 150 150 HOH HOH A . 
D 4 HOH 22 151 151 HOH HOH A . 
D 4 HOH 23 152 152 HOH HOH A . 
D 4 HOH 24 153 153 HOH HOH A . 
D 4 HOH 25 154 154 HOH HOH A . 
D 4 HOH 26 155 155 HOH HOH A . 
D 4 HOH 27 156 156 HOH HOH A . 
D 4 HOH 28 157 157 HOH HOH A . 
D 4 HOH 29 158 158 HOH HOH A . 
D 4 HOH 30 159 159 HOH HOH A . 
D 4 HOH 31 162 162 HOH HOH A . 
D 4 HOH 32 163 163 HOH HOH A . 
D 4 HOH 33 164 164 HOH HOH A . 
D 4 HOH 34 165 165 HOH HOH A . 
D 4 HOH 35 166 166 HOH HOH A . 
D 4 HOH 36 167 167 HOH HOH A . 
D 4 HOH 37 168 168 HOH HOH A . 
D 4 HOH 38 169 169 HOH HOH A . 
D 4 HOH 39 170 170 HOH HOH A . 
D 4 HOH 40 171 171 HOH HOH A . 
D 4 HOH 41 172 172 HOH HOH A . 
D 4 HOH 42 173 173 HOH HOH A . 
D 4 HOH 43 174 174 HOH HOH A . 
D 4 HOH 44 175 175 HOH HOH A . 
D 4 HOH 45 176 176 HOH HOH A . 
D 4 HOH 46 177 177 HOH HOH A . 
D 4 HOH 47 179 179 HOH HOH A . 
D 4 HOH 48 180 180 HOH HOH A . 
D 4 HOH 49 181 181 HOH HOH A . 
D 4 HOH 50 182 182 HOH HOH A . 
D 4 HOH 51 183 183 HOH HOH A . 
D 4 HOH 52 184 184 HOH HOH A . 
D 4 HOH 53 186 186 HOH HOH A . 
D 4 HOH 54 187 187 HOH HOH A . 
D 4 HOH 55 189 189 HOH HOH A . 
D 4 HOH 56 191 191 HOH HOH A . 
D 4 HOH 57 192 192 HOH HOH A . 
D 4 HOH 58 193 193 HOH HOH A . 
D 4 HOH 59 195 195 HOH HOH A . 
D 4 HOH 60 196 196 HOH HOH A . 
D 4 HOH 61 197 197 HOH HOH A . 
D 4 HOH 62 199 199 HOH HOH A . 
D 4 HOH 63 200 200 HOH HOH A . 
D 4 HOH 64 201 201 HOH HOH A . 
D 4 HOH 65 202 202 HOH HOH A . 
D 4 HOH 66 203 203 HOH HOH A . 
D 4 HOH 67 204 204 HOH HOH A . 
D 4 HOH 68 205 205 HOH HOH A . 
D 4 HOH 69 206 206 HOH HOH A . 
D 4 HOH 70 207 207 HOH HOH A . 
D 4 HOH 71 208 208 HOH HOH A . 
D 4 HOH 72 209 209 HOH HOH A . 
D 4 HOH 73 210 210 HOH HOH A . 
D 4 HOH 74 211 211 HOH HOH A . 
D 4 HOH 75 212 212 HOH HOH A . 
D 4 HOH 76 213 213 HOH HOH A . 
D 4 HOH 77 214 214 HOH HOH A . 
D 4 HOH 78 215 215 HOH HOH A . 
D 4 HOH 79 216 216 HOH HOH A . 
D 4 HOH 80 217 217 HOH HOH A . 
D 4 HOH 81 218 218 HOH HOH A . 
D 4 HOH 82 221 221 HOH HOH A . 
D 4 HOH 83 222 222 HOH HOH A . 
D 4 HOH 84 223 223 HOH HOH A . 
D 4 HOH 85 224 224 HOH HOH A . 
D 4 HOH 86 229 229 HOH HOH A . 
D 4 HOH 87 230 230 HOH HOH A . 
E 4 HOH 1  133 133 HOH HOH B . 
E 4 HOH 2  136 136 HOH HOH B . 
E 4 HOH 3  146 146 HOH HOH B . 
E 4 HOH 4  160 160 HOH HOH B . 
E 4 HOH 5  161 161 HOH HOH B . 
E 4 HOH 6  185 185 HOH HOH B . 
E 4 HOH 7  219 219 HOH HOH B . 
E 4 HOH 8  226 226 HOH HOH B . 
# 
loop_
_software.name 
_software.classification 
_software.version 
_software.citation_id 
_software.pdbx_ordinal 
X-PLOR 'model building' . ? 1 
PROLSQ refinement       . ? 2 
X-PLOR refinement       . ? 3 
FRODO  'model building' . ? 4 
X-PLOR phasing          . ? 5 
# 
_cell.entry_id           1SSC 
_cell.length_a           30.360 
_cell.length_b           38.340 
_cell.length_c           53.550 
_cell.angle_alpha        90.00 
_cell.angle_beta         106.35 
_cell.angle_gamma        90.00 
_cell.Z_PDB              2 
_cell.pdbx_unique_axis   ? 
# 
_symmetry.entry_id                         1SSC 
_symmetry.space_group_name_H-M             'P 1 21 1' 
_symmetry.pdbx_full_space_group_name_H-M   ? 
_symmetry.cell_setting                     ? 
_symmetry.Int_Tables_number                4 
# 
_exptl.entry_id          1SSC 
_exptl.method            'X-RAY DIFFRACTION' 
_exptl.crystals_number   ? 
# 
_exptl_crystal.id                    1 
_exptl_crystal.density_meas          ? 
_exptl_crystal.density_Matthews      2.20 
_exptl_crystal.density_percent_sol   44.00 
_exptl_crystal.description           ? 
# 
_refine.entry_id                                 1SSC 
_refine.ls_number_reflns_obs                     ? 
_refine.ls_number_reflns_all                     ? 
_refine.pdbx_ls_sigma_I                          ? 
_refine.pdbx_ls_sigma_F                          ? 
_refine.pdbx_data_cutoff_high_absF               ? 
_refine.pdbx_data_cutoff_low_absF                ? 
_refine.pdbx_data_cutoff_high_rms_absF           ? 
_refine.ls_d_res_low                             ? 
_refine.ls_d_res_high                            2.0 
_refine.ls_percent_reflns_obs                    ? 
_refine.ls_R_factor_obs                          0.166 
_refine.ls_R_factor_all                          ? 
_refine.ls_R_factor_R_work                       ? 
_refine.ls_R_factor_R_free                       ? 
_refine.ls_R_factor_R_free_error                 ? 
_refine.ls_R_factor_R_free_error_details         ? 
_refine.ls_percent_reflns_R_free                 ? 
_refine.ls_number_reflns_R_free                  ? 
_refine.ls_number_parameters                     ? 
_refine.ls_number_restraints                     ? 
_refine.occupancy_min                            ? 
_refine.occupancy_max                            ? 
_refine.B_iso_mean                               ? 
_refine.aniso_B[1][1]                            ? 
_refine.aniso_B[2][2]                            ? 
_refine.aniso_B[3][3]                            ? 
_refine.aniso_B[1][2]                            ? 
_refine.aniso_B[1][3]                            ? 
_refine.aniso_B[2][3]                            ? 
_refine.solvent_model_details                    ? 
_refine.solvent_model_param_ksol                 ? 
_refine.solvent_model_param_bsol                 ? 
_refine.pdbx_ls_cross_valid_method               ? 
_refine.details                                  
;THE CLOSE CONTACT BETWEEN THE ASP 83 OD2 AND ARG 85 NH2 IS
DUE TO WEAK DENSITY AND DISORDER ASSOCIATED WITH THE ARG 85
RESIDUE.
;
_refine.pdbx_starting_model                      ? 
_refine.pdbx_method_to_determine_struct          ? 
_refine.pdbx_isotropic_thermal_model             ? 
_refine.pdbx_stereochemistry_target_values       ? 
_refine.pdbx_stereochem_target_val_spec_case     ? 
_refine.pdbx_R_Free_selection_details            ? 
_refine.pdbx_overall_ESU_R                       ? 
_refine.pdbx_overall_ESU_R_Free                  ? 
_refine.overall_SU_ML                            ? 
_refine.overall_SU_B                             ? 
_refine.pdbx_refine_id                           'X-RAY DIFFRACTION' 
_refine.pdbx_diffrn_id                           1 
_refine.pdbx_TLS_residual_ADP_flag               ? 
_refine.correlation_coeff_Fo_to_Fc               ? 
_refine.correlation_coeff_Fo_to_Fc_free          ? 
_refine.pdbx_solvent_vdw_probe_radii             ? 
_refine.pdbx_solvent_ion_probe_radii             ? 
_refine.pdbx_solvent_shrinkage_radii             ? 
_refine.pdbx_overall_phase_error                 ? 
_refine.overall_SU_R_Cruickshank_DPI             ? 
_refine.pdbx_overall_SU_R_free_Cruickshank_DPI   ? 
_refine.pdbx_overall_SU_R_Blow_DPI               ? 
_refine.pdbx_overall_SU_R_free_Blow_DPI          ? 
# 
_refine_hist.pdbx_refine_id                   'X-RAY DIFFRACTION' 
_refine_hist.cycle_id                         LAST 
_refine_hist.pdbx_number_atoms_protein        943 
_refine_hist.pdbx_number_atoms_nucleic_acid   0 
_refine_hist.pdbx_number_atoms_ligand         5 
_refine_hist.number_atoms_solvent             95 
_refine_hist.number_atoms_total               1043 
_refine_hist.d_res_high                       2.0 
_refine_hist.d_res_low                        . 
# 
loop_
_refine_ls_restr.type 
_refine_ls_restr.dev_ideal 
_refine_ls_restr.dev_ideal_target 
_refine_ls_restr.weight 
_refine_ls_restr.number 
_refine_ls_restr.pdbx_refine_id 
_refine_ls_restr.pdbx_restraint_function 
o_bond_d                0.020 ? ? ? 'X-RAY DIFFRACTION' ? 
o_bond_d_na             ?     ? ? ? 'X-RAY DIFFRACTION' ? 
o_bond_d_prot           ?     ? ? ? 'X-RAY DIFFRACTION' ? 
o_angle_d               ?     ? ? ? 'X-RAY DIFFRACTION' ? 
o_angle_d_na            ?     ? ? ? 'X-RAY DIFFRACTION' ? 
o_angle_d_prot          ?     ? ? ? 'X-RAY DIFFRACTION' ? 
o_angle_deg             ?     ? ? ? 'X-RAY DIFFRACTION' ? 
o_angle_deg_na          ?     ? ? ? 'X-RAY DIFFRACTION' ? 
o_angle_deg_prot        ?     ? ? ? 'X-RAY DIFFRACTION' ? 
o_dihedral_angle_d      ?     ? ? ? 'X-RAY DIFFRACTION' ? 
o_dihedral_angle_d_na   ?     ? ? ? 'X-RAY DIFFRACTION' ? 
o_dihedral_angle_d_prot ?     ? ? ? 'X-RAY DIFFRACTION' ? 
o_improper_angle_d      ?     ? ? ? 'X-RAY DIFFRACTION' ? 
o_improper_angle_d_na   ?     ? ? ? 'X-RAY DIFFRACTION' ? 
o_improper_angle_d_prot ?     ? ? ? 'X-RAY DIFFRACTION' ? 
o_mcbond_it             ?     ? ? ? 'X-RAY DIFFRACTION' ? 
o_mcangle_it            ?     ? ? ? 'X-RAY DIFFRACTION' ? 
o_scbond_it             ?     ? ? ? 'X-RAY DIFFRACTION' ? 
o_scangle_it            ?     ? ? ? 'X-RAY DIFFRACTION' ? 
# 
_struct.entry_id                  1SSC 
_struct.title                     
;THE 1.6 ANGSTROMS STRUCTURE OF A SEMISYNTHETIC RIBONUCLEASE CRYSTALLIZED FROM AQUEOUS ETHANOL. COMPARISON WITH CRYSTALS FROM SALT SOLUTIONS AND WITH RNASE A FROM AQUEOUS ALCOHOL SOLUTIONS
;
_struct.pdbx_model_details        ? 
_struct.pdbx_CASP_flag            ? 
_struct.pdbx_model_type_details   ? 
# 
_struct_keywords.entry_id        1SSC 
_struct_keywords.pdbx_keywords   ENDONUCLEASE 
_struct_keywords.text            ENDONUCLEASE 
# 
loop_
_struct_asym.id 
_struct_asym.pdbx_blank_PDB_chainid_flag 
_struct_asym.pdbx_modified 
_struct_asym.entity_id 
_struct_asym.details 
A N N 1 ? 
B N N 2 ? 
C N N 3 ? 
D N N 4 ? 
E N N 4 ? 
# 
loop_
_struct_ref.id 
_struct_ref.db_name 
_struct_ref.db_code 
_struct_ref.pdbx_db_accession 
_struct_ref.entity_id 
_struct_ref.pdbx_align_begin 
_struct_ref.pdbx_db_isoform 
_struct_ref.pdbx_seq_one_letter_code 
1 UNP RNAS1_BOVIN P61823 1 27  ? ? 
2 UNP RNAS1_BOVIN P61823 2 140 ? ? 
# 
loop_
_struct_ref_seq.align_id 
_struct_ref_seq.ref_id 
_struct_ref_seq.pdbx_PDB_id_code 
_struct_ref_seq.pdbx_strand_id 
_struct_ref_seq.seq_align_beg 
_struct_ref_seq.pdbx_seq_align_beg_ins_code 
_struct_ref_seq.seq_align_end 
_struct_ref_seq.pdbx_seq_align_end_ins_code 
_struct_ref_seq.pdbx_db_accession 
_struct_ref_seq.db_align_beg 
_struct_ref_seq.pdbx_db_align_beg_ins_code 
_struct_ref_seq.db_align_end 
_struct_ref_seq.pdbx_db_align_end_ins_code 
_struct_ref_seq.pdbx_auth_seq_align_beg 
_struct_ref_seq.pdbx_auth_seq_align_end 
1 1 1SSC A 1 ? 112 ? P61823 27  ? 138 ? 1   112 
2 2 1SSC B 1 ? 11  ? P61823 140 ? 150 ? 114 124 
# 
_pdbx_struct_assembly.id                   1 
_pdbx_struct_assembly.details              author_and_software_defined_assembly 
_pdbx_struct_assembly.method_details       PISA 
_pdbx_struct_assembly.oligomeric_details   dimeric 
_pdbx_struct_assembly.oligomeric_count     2 
# 
loop_
_pdbx_struct_assembly_prop.biol_id 
_pdbx_struct_assembly_prop.type 
_pdbx_struct_assembly_prop.value 
_pdbx_struct_assembly_prop.details 
1 'ABSA (A^2)' 2010 ? 
1 MORE         -19  ? 
1 'SSA (A^2)'  6700 ? 
# 
_pdbx_struct_assembly_gen.assembly_id       1 
_pdbx_struct_assembly_gen.oper_expression   1 
_pdbx_struct_assembly_gen.asym_id_list      A,B,C,D,E 
# 
_pdbx_struct_oper_list.id                   1 
_pdbx_struct_oper_list.type                 'identity operation' 
_pdbx_struct_oper_list.name                 1_555 
_pdbx_struct_oper_list.symmetry_operation   x,y,z 
_pdbx_struct_oper_list.matrix[1][1]         1.0000000000 
_pdbx_struct_oper_list.matrix[1][2]         0.0000000000 
_pdbx_struct_oper_list.matrix[1][3]         0.0000000000 
_pdbx_struct_oper_list.vector[1]            0.0000000000 
_pdbx_struct_oper_list.matrix[2][1]         0.0000000000 
_pdbx_struct_oper_list.matrix[2][2]         1.0000000000 
_pdbx_struct_oper_list.matrix[2][3]         0.0000000000 
_pdbx_struct_oper_list.vector[2]            0.0000000000 
_pdbx_struct_oper_list.matrix[3][1]         0.0000000000 
_pdbx_struct_oper_list.matrix[3][2]         0.0000000000 
_pdbx_struct_oper_list.matrix[3][3]         1.0000000000 
_pdbx_struct_oper_list.vector[3]            0.0000000000 
# 
_struct_biol.id   1 
# 
loop_
_struct_conf.conf_type_id 
_struct_conf.id 
_struct_conf.pdbx_PDB_helix_id 
_struct_conf.beg_label_comp_id 
_struct_conf.beg_label_asym_id 
_struct_conf.beg_label_seq_id 
_struct_conf.pdbx_beg_PDB_ins_code 
_struct_conf.end_label_comp_id 
_struct_conf.end_label_asym_id 
_struct_conf.end_label_seq_id 
_struct_conf.pdbx_end_PDB_ins_code 
_struct_conf.beg_auth_comp_id 
_struct_conf.beg_auth_asym_id 
_struct_conf.beg_auth_seq_id 
_struct_conf.end_auth_comp_id 
_struct_conf.end_auth_asym_id 
_struct_conf.end_auth_seq_id 
_struct_conf.pdbx_PDB_helix_class 
_struct_conf.details 
_struct_conf.pdbx_PDB_helix_length 
HELX_P HELX_P1 H1 THR A 3  ? MET A 13 ? THR A 3  MET A 13 1 ? 11 
HELX_P HELX_P2 H2 ASN A 24 ? ASN A 34 ? ASN A 24 ASN A 34 1 ? 11 
HELX_P HELX_P3 H3 SER A 50 ? GLN A 60 ? SER A 50 GLN A 60 1 ? 11 
# 
_struct_conf_type.id          HELX_P 
_struct_conf_type.criteria    ? 
_struct_conf_type.reference   ? 
# 
loop_
_struct_conn.id 
_struct_conn.conn_type_id 
_struct_conn.pdbx_leaving_atom_flag 
_struct_conn.pdbx_PDB_id 
_struct_conn.ptnr1_label_asym_id 
_struct_conn.ptnr1_label_comp_id 
_struct_conn.ptnr1_label_seq_id 
_struct_conn.ptnr1_label_atom_id 
_struct_conn.pdbx_ptnr1_label_alt_id 
_struct_conn.pdbx_ptnr1_PDB_ins_code 
_struct_conn.pdbx_ptnr1_standard_comp_id 
_struct_conn.ptnr1_symmetry 
_struct_conn.ptnr2_label_asym_id 
_struct_conn.ptnr2_label_comp_id 
_struct_conn.ptnr2_label_seq_id 
_struct_conn.ptnr2_label_atom_id 
_struct_conn.pdbx_ptnr2_label_alt_id 
_struct_conn.pdbx_ptnr2_PDB_ins_code 
_struct_conn.ptnr1_auth_asym_id 
_struct_conn.ptnr1_auth_comp_id 
_struct_conn.ptnr1_auth_seq_id 
_struct_conn.ptnr2_auth_asym_id 
_struct_conn.ptnr2_auth_comp_id 
_struct_conn.ptnr2_auth_seq_id 
_struct_conn.ptnr2_symmetry 
_struct_conn.pdbx_ptnr3_label_atom_id 
_struct_conn.pdbx_ptnr3_label_seq_id 
_struct_conn.pdbx_ptnr3_label_comp_id 
_struct_conn.pdbx_ptnr3_label_asym_id 
_struct_conn.pdbx_ptnr3_label_alt_id 
_struct_conn.pdbx_ptnr3_PDB_ins_code 
_struct_conn.details 
_struct_conn.pdbx_dist_value 
_struct_conn.pdbx_value_order 
_struct_conn.pdbx_role 
disulf1 disulf ? ? A CYS 26 SG ? ? ? 1_555 A CYS 84  SG ? ? A CYS 26 A CYS 84  1_555 ? ? ? ? ? ? ? 2.057 ? ? 
disulf2 disulf ? ? A CYS 40 SG ? ? ? 1_555 A CYS 95  SG ? ? A CYS 40 A CYS 95  1_555 ? ? ? ? ? ? ? 1.973 ? ? 
disulf3 disulf ? ? A CYS 58 SG ? ? ? 1_555 A CYS 110 SG ? ? A CYS 58 A CYS 110 1_555 ? ? ? ? ? ? ? 1.970 ? ? 
disulf4 disulf ? ? A CYS 65 SG ? ? ? 1_555 A CYS 72  SG ? ? A CYS 65 A CYS 72  1_555 ? ? ? ? ? ? ? 2.007 ? ? 
# 
_struct_conn_type.id          disulf 
_struct_conn_type.criteria    ? 
_struct_conn_type.reference   ? 
# 
loop_
_pdbx_modification_feature.ordinal 
_pdbx_modification_feature.label_comp_id 
_pdbx_modification_feature.label_asym_id 
_pdbx_modification_feature.label_seq_id 
_pdbx_modification_feature.label_alt_id 
_pdbx_modification_feature.modified_residue_label_comp_id 
_pdbx_modification_feature.modified_residue_label_asym_id 
_pdbx_modification_feature.modified_residue_label_seq_id 
_pdbx_modification_feature.modified_residue_label_alt_id 
_pdbx_modification_feature.auth_comp_id 
_pdbx_modification_feature.auth_asym_id 
_pdbx_modification_feature.auth_seq_id 
_pdbx_modification_feature.PDB_ins_code 
_pdbx_modification_feature.symmetry 
_pdbx_modification_feature.modified_residue_auth_comp_id 
_pdbx_modification_feature.modified_residue_auth_asym_id 
_pdbx_modification_feature.modified_residue_auth_seq_id 
_pdbx_modification_feature.modified_residue_PDB_ins_code 
_pdbx_modification_feature.modified_residue_symmetry 
_pdbx_modification_feature.comp_id_linking_atom 
_pdbx_modification_feature.modified_residue_id_linking_atom 
_pdbx_modification_feature.modified_residue_id 
_pdbx_modification_feature.ref_pcm_id 
_pdbx_modification_feature.ref_comp_id 
_pdbx_modification_feature.type 
_pdbx_modification_feature.category 
1 CYS A 26 ? CYS A 84  ? CYS A 26 ? 1_555 CYS A 84  ? 1_555 SG SG . . . None 'Disulfide bridge' 
2 CYS A 40 ? CYS A 95  ? CYS A 40 ? 1_555 CYS A 95  ? 1_555 SG SG . . . None 'Disulfide bridge' 
3 CYS A 58 ? CYS A 110 ? CYS A 58 ? 1_555 CYS A 110 ? 1_555 SG SG . . . None 'Disulfide bridge' 
4 CYS A 65 ? CYS A 72  ? CYS A 65 ? 1_555 CYS A 72  ? 1_555 SG SG . . . None 'Disulfide bridge' 
# 
_struct_mon_prot_cis.pdbx_id                1 
_struct_mon_prot_cis.label_comp_id          TYR 
_struct_mon_prot_cis.label_seq_id           92 
_struct_mon_prot_cis.label_asym_id          A 
_struct_mon_prot_cis.label_alt_id           . 
_struct_mon_prot_cis.pdbx_PDB_ins_code      ? 
_struct_mon_prot_cis.auth_comp_id           TYR 
_struct_mon_prot_cis.auth_seq_id            92 
_struct_mon_prot_cis.auth_asym_id           A 
_struct_mon_prot_cis.pdbx_label_comp_id_2   PRO 
_struct_mon_prot_cis.pdbx_label_seq_id_2    93 
_struct_mon_prot_cis.pdbx_label_asym_id_2   A 
_struct_mon_prot_cis.pdbx_PDB_ins_code_2    ? 
_struct_mon_prot_cis.pdbx_auth_comp_id_2    PRO 
_struct_mon_prot_cis.pdbx_auth_seq_id_2     93 
_struct_mon_prot_cis.pdbx_auth_asym_id_2    A 
_struct_mon_prot_cis.pdbx_PDB_model_num     1 
_struct_mon_prot_cis.pdbx_omega_angle       1.68 
# 
_struct_sheet.id               S1 
_struct_sheet.type             ? 
_struct_sheet.number_strands   3 
_struct_sheet.details          ? 
# 
loop_
_struct_sheet_order.sheet_id 
_struct_sheet_order.range_id_1 
_struct_sheet_order.range_id_2 
_struct_sheet_order.offset 
_struct_sheet_order.sense 
S1 1 2 ? anti-parallel 
S1 2 3 ? anti-parallel 
# 
loop_
_struct_sheet_range.sheet_id 
_struct_sheet_range.id 
_struct_sheet_range.beg_label_comp_id 
_struct_sheet_range.beg_label_asym_id 
_struct_sheet_range.beg_label_seq_id 
_struct_sheet_range.pdbx_beg_PDB_ins_code 
_struct_sheet_range.end_label_comp_id 
_struct_sheet_range.end_label_asym_id 
_struct_sheet_range.end_label_seq_id 
_struct_sheet_range.pdbx_end_PDB_ins_code 
_struct_sheet_range.beg_auth_comp_id 
_struct_sheet_range.beg_auth_asym_id 
_struct_sheet_range.beg_auth_seq_id 
_struct_sheet_range.end_auth_comp_id 
_struct_sheet_range.end_auth_asym_id 
_struct_sheet_range.end_auth_seq_id 
S1 1 PRO A 42 ? HIS A 48  ? PRO A 42 HIS A 48  
S1 2 ASN A 71 ? TYR A 92  ? ASN A 71 TYR A 92  
S1 3 ASN A 94 ? CYS A 110 ? ASN A 94 CYS A 110 
# 
loop_
_pdbx_struct_sheet_hbond.sheet_id 
_pdbx_struct_sheet_hbond.range_id_1 
_pdbx_struct_sheet_hbond.range_id_2 
_pdbx_struct_sheet_hbond.range_1_label_atom_id 
_pdbx_struct_sheet_hbond.range_1_label_comp_id 
_pdbx_struct_sheet_hbond.range_1_label_asym_id 
_pdbx_struct_sheet_hbond.range_1_label_seq_id 
_pdbx_struct_sheet_hbond.range_1_PDB_ins_code 
_pdbx_struct_sheet_hbond.range_1_auth_atom_id 
_pdbx_struct_sheet_hbond.range_1_auth_comp_id 
_pdbx_struct_sheet_hbond.range_1_auth_asym_id 
_pdbx_struct_sheet_hbond.range_1_auth_seq_id 
_pdbx_struct_sheet_hbond.range_2_label_atom_id 
_pdbx_struct_sheet_hbond.range_2_label_comp_id 
_pdbx_struct_sheet_hbond.range_2_label_asym_id 
_pdbx_struct_sheet_hbond.range_2_label_seq_id 
_pdbx_struct_sheet_hbond.range_2_PDB_ins_code 
_pdbx_struct_sheet_hbond.range_2_auth_atom_id 
_pdbx_struct_sheet_hbond.range_2_auth_comp_id 
_pdbx_struct_sheet_hbond.range_2_auth_asym_id 
_pdbx_struct_sheet_hbond.range_2_auth_seq_id 
S1 1 2 O PHE A 46 ? O PHE A 46 N THR A 82  ? N THR A 82  
S1 2 3 O ILE A 81 ? O ILE A 81 N ALA A 102 ? N ALA A 102 
# 
_struct_site.id                   AC1 
_struct_site.pdbx_evidence_code   Software 
_struct_site.pdbx_auth_asym_id    A 
_struct_site.pdbx_auth_comp_id    PO4 
_struct_site.pdbx_auth_seq_id     125 
_struct_site.pdbx_auth_ins_code   ? 
_struct_site.pdbx_num_residues    7 
_struct_site.details              'BINDING SITE FOR RESIDUE PO4 A 125' 
# 
loop_
_struct_site_gen.id 
_struct_site_gen.site_id 
_struct_site_gen.pdbx_num_res 
_struct_site_gen.label_comp_id 
_struct_site_gen.label_asym_id 
_struct_site_gen.label_seq_id 
_struct_site_gen.pdbx_auth_ins_code 
_struct_site_gen.auth_comp_id 
_struct_site_gen.auth_asym_id 
_struct_site_gen.auth_seq_id 
_struct_site_gen.label_atom_id 
_struct_site_gen.label_alt_id 
_struct_site_gen.symmetry 
_struct_site_gen.details 
1 AC1 7 GLN A 11 ? GLN A 11  . ? 1_555 ? 
2 AC1 7 HIS A 12 ? HIS A 12  . ? 1_555 ? 
3 AC1 7 LYS A 41 ? LYS A 41  . ? 1_555 ? 
4 AC1 7 HOH D .  ? HOH A 141 . ? 1_555 ? 
5 AC1 7 HOH D .  ? HOH A 200 . ? 1_555 ? 
6 AC1 7 HIS B 6  ? HIS B 119 . ? 1_555 ? 
7 AC1 7 PHE B 7  ? PHE B 120 . ? 1_555 ? 
# 
_pdbx_entry_details.entry_id                   1SSC 
_pdbx_entry_details.compound_details           ? 
_pdbx_entry_details.source_details             ? 
_pdbx_entry_details.nonpolymer_details         ? 
_pdbx_entry_details.sequence_details           ? 
_pdbx_entry_details.has_ligand_of_interest     ? 
_pdbx_entry_details.has_protein_modification   Y 
# 
loop_
_pdbx_validate_close_contact.id 
_pdbx_validate_close_contact.PDB_model_num 
_pdbx_validate_close_contact.auth_atom_id_1 
_pdbx_validate_close_contact.auth_asym_id_1 
_pdbx_validate_close_contact.auth_comp_id_1 
_pdbx_validate_close_contact.auth_seq_id_1 
_pdbx_validate_close_contact.PDB_ins_code_1 
_pdbx_validate_close_contact.label_alt_id_1 
_pdbx_validate_close_contact.auth_atom_id_2 
_pdbx_validate_close_contact.auth_asym_id_2 
_pdbx_validate_close_contact.auth_comp_id_2 
_pdbx_validate_close_contact.auth_seq_id_2 
_pdbx_validate_close_contact.PDB_ins_code_2 
_pdbx_validate_close_contact.label_alt_id_2 
_pdbx_validate_close_contact.dist 
1 1 OD2 A ASP 83  ? ? NH2 A ARG 85  ? ? 2.05 
2 1 O   A HOH 137 ? ? O   A HOH 191 ? ? 2.12 
# 
loop_
_pdbx_validate_rmsd_angle.id 
_pdbx_validate_rmsd_angle.PDB_model_num 
_pdbx_validate_rmsd_angle.auth_atom_id_1 
_pdbx_validate_rmsd_angle.auth_asym_id_1 
_pdbx_validate_rmsd_angle.auth_comp_id_1 
_pdbx_validate_rmsd_angle.auth_seq_id_1 
_pdbx_validate_rmsd_angle.PDB_ins_code_1 
_pdbx_validate_rmsd_angle.label_alt_id_1 
_pdbx_validate_rmsd_angle.auth_atom_id_2 
_pdbx_validate_rmsd_angle.auth_asym_id_2 
_pdbx_validate_rmsd_angle.auth_comp_id_2 
_pdbx_validate_rmsd_angle.auth_seq_id_2 
_pdbx_validate_rmsd_angle.PDB_ins_code_2 
_pdbx_validate_rmsd_angle.label_alt_id_2 
_pdbx_validate_rmsd_angle.auth_atom_id_3 
_pdbx_validate_rmsd_angle.auth_asym_id_3 
_pdbx_validate_rmsd_angle.auth_comp_id_3 
_pdbx_validate_rmsd_angle.auth_seq_id_3 
_pdbx_validate_rmsd_angle.PDB_ins_code_3 
_pdbx_validate_rmsd_angle.label_alt_id_3 
_pdbx_validate_rmsd_angle.angle_value 
_pdbx_validate_rmsd_angle.angle_target_value 
_pdbx_validate_rmsd_angle.angle_deviation 
_pdbx_validate_rmsd_angle.angle_standard_deviation 
_pdbx_validate_rmsd_angle.linker_flag 
1  1 NH1 A ARG 10  ? ? CZ A ARG 10  ? ? NH2 A ARG 10  ? ? 110.33 119.40 -9.07  1.10 N 
2  1 NE  A ARG 10  ? ? CZ A ARG 10  ? ? NH1 A ARG 10  ? ? 123.52 120.30 3.22   0.50 N 
3  1 NE  A ARG 10  ? ? CZ A ARG 10  ? ? NH2 A ARG 10  ? ? 126.14 120.30 5.84   0.50 N 
4  1 CD  A ARG 39  ? ? NE A ARG 39  ? ? CZ  A ARG 39  ? ? 132.19 123.60 8.59   1.40 N 
5  1 NE  A ARG 39  ? ? CZ A ARG 39  ? ? NH1 A ARG 39  ? ? 123.73 120.30 3.43   0.50 N 
6  1 N   A THR 70  ? ? CA A THR 70  ? ? CB  A THR 70  ? ? 94.96  110.30 -15.34 1.90 N 
7  1 CB  A ASP 83  ? ? CG A ASP 83  ? ? OD2 A ASP 83  ? ? 110.41 118.30 -7.89  0.90 N 
8  1 NE  A ARG 85  ? ? CZ A ARG 85  ? ? NH1 A ARG 85  ? ? 127.63 120.30 7.33   0.50 N 
9  1 NE  A ARG 85  ? ? CZ A ARG 85  ? ? NH2 A ARG 85  ? ? 116.34 120.30 -3.96  0.50 N 
10 1 OE1 A GLU 86  ? ? CD A GLU 86  ? ? OE2 A GLU 86  ? ? 130.64 123.30 7.34   1.20 N 
11 1 CA  A GLY 112 ? ? C  A GLY 112 ? ? O   A GLY 112 ? ? 107.51 120.60 -13.09 1.80 N 
12 1 N   B VAL 118 ? ? CA B VAL 118 ? ? CB  B VAL 118 ? ? 96.24  111.50 -15.26 2.20 N 
13 1 CB  B ASP 121 ? ? CG B ASP 121 ? ? OD2 B ASP 121 ? ? 112.11 118.30 -6.19  0.90 N 
14 1 CB  B VAL 124 ? ? CA B VAL 124 ? ? C   B VAL 124 ? ? 125.13 111.40 13.73  1.90 N 
# 
loop_
_pdbx_validate_torsion.id 
_pdbx_validate_torsion.PDB_model_num 
_pdbx_validate_torsion.auth_comp_id 
_pdbx_validate_torsion.auth_asym_id 
_pdbx_validate_torsion.auth_seq_id 
_pdbx_validate_torsion.PDB_ins_code 
_pdbx_validate_torsion.label_alt_id 
_pdbx_validate_torsion.phi 
_pdbx_validate_torsion.psi 
1 1 HIS A 48 ? ? -100.21 59.38   
2 1 GLN A 60 ? ? -97.40  -135.66 
# 
loop_
_chem_comp_atom.comp_id 
_chem_comp_atom.atom_id 
_chem_comp_atom.type_symbol 
_chem_comp_atom.pdbx_aromatic_flag 
_chem_comp_atom.pdbx_stereo_config 
_chem_comp_atom.pdbx_ordinal 
ALA N    N N N 1   
ALA CA   C N S 2   
ALA C    C N N 3   
ALA O    O N N 4   
ALA CB   C N N 5   
ALA OXT  O N N 6   
ALA H    H N N 7   
ALA H2   H N N 8   
ALA HA   H N N 9   
ALA HB1  H N N 10  
ALA HB2  H N N 11  
ALA HB3  H N N 12  
ALA HXT  H N N 13  
ARG N    N N N 14  
ARG CA   C N S 15  
ARG C    C N N 16  
ARG O    O N N 17  
ARG CB   C N N 18  
ARG CG   C N N 19  
ARG CD   C N N 20  
ARG NE   N N N 21  
ARG CZ   C N N 22  
ARG NH1  N N N 23  
ARG NH2  N N N 24  
ARG OXT  O N N 25  
ARG H    H N N 26  
ARG H2   H N N 27  
ARG HA   H N N 28  
ARG HB2  H N N 29  
ARG HB3  H N N 30  
ARG HG2  H N N 31  
ARG HG3  H N N 32  
ARG HD2  H N N 33  
ARG HD3  H N N 34  
ARG HE   H N N 35  
ARG HH11 H N N 36  
ARG HH12 H N N 37  
ARG HH21 H N N 38  
ARG HH22 H N N 39  
ARG HXT  H N N 40  
ASN N    N N N 41  
ASN CA   C N S 42  
ASN C    C N N 43  
ASN O    O N N 44  
ASN CB   C N N 45  
ASN CG   C N N 46  
ASN OD1  O N N 47  
ASN ND2  N N N 48  
ASN OXT  O N N 49  
ASN H    H N N 50  
ASN H2   H N N 51  
ASN HA   H N N 52  
ASN HB2  H N N 53  
ASN HB3  H N N 54  
ASN HD21 H N N 55  
ASN HD22 H N N 56  
ASN HXT  H N N 57  
ASP N    N N N 58  
ASP CA   C N S 59  
ASP C    C N N 60  
ASP O    O N N 61  
ASP CB   C N N 62  
ASP CG   C N N 63  
ASP OD1  O N N 64  
ASP OD2  O N N 65  
ASP OXT  O N N 66  
ASP H    H N N 67  
ASP H2   H N N 68  
ASP HA   H N N 69  
ASP HB2  H N N 70  
ASP HB3  H N N 71  
ASP HD2  H N N 72  
ASP HXT  H N N 73  
CYS N    N N N 74  
CYS CA   C N R 75  
CYS C    C N N 76  
CYS O    O N N 77  
CYS CB   C N N 78  
CYS SG   S N N 79  
CYS OXT  O N N 80  
CYS H    H N N 81  
CYS H2   H N N 82  
CYS HA   H N N 83  
CYS HB2  H N N 84  
CYS HB3  H N N 85  
CYS HG   H N N 86  
CYS HXT  H N N 87  
GLN N    N N N 88  
GLN CA   C N S 89  
GLN C    C N N 90  
GLN O    O N N 91  
GLN CB   C N N 92  
GLN CG   C N N 93  
GLN CD   C N N 94  
GLN OE1  O N N 95  
GLN NE2  N N N 96  
GLN OXT  O N N 97  
GLN H    H N N 98  
GLN H2   H N N 99  
GLN HA   H N N 100 
GLN HB2  H N N 101 
GLN HB3  H N N 102 
GLN HG2  H N N 103 
GLN HG3  H N N 104 
GLN HE21 H N N 105 
GLN HE22 H N N 106 
GLN HXT  H N N 107 
GLU N    N N N 108 
GLU CA   C N S 109 
GLU C    C N N 110 
GLU O    O N N 111 
GLU CB   C N N 112 
GLU CG   C N N 113 
GLU CD   C N N 114 
GLU OE1  O N N 115 
GLU OE2  O N N 116 
GLU OXT  O N N 117 
GLU H    H N N 118 
GLU H2   H N N 119 
GLU HA   H N N 120 
GLU HB2  H N N 121 
GLU HB3  H N N 122 
GLU HG2  H N N 123 
GLU HG3  H N N 124 
GLU HE2  H N N 125 
GLU HXT  H N N 126 
GLY N    N N N 127 
GLY CA   C N N 128 
GLY C    C N N 129 
GLY O    O N N 130 
GLY OXT  O N N 131 
GLY H    H N N 132 
GLY H2   H N N 133 
GLY HA2  H N N 134 
GLY HA3  H N N 135 
GLY HXT  H N N 136 
HIS N    N N N 137 
HIS CA   C N S 138 
HIS C    C N N 139 
HIS O    O N N 140 
HIS CB   C N N 141 
HIS CG   C Y N 142 
HIS ND1  N Y N 143 
HIS CD2  C Y N 144 
HIS CE1  C Y N 145 
HIS NE2  N Y N 146 
HIS OXT  O N N 147 
HIS H    H N N 148 
HIS H2   H N N 149 
HIS HA   H N N 150 
HIS HB2  H N N 151 
HIS HB3  H N N 152 
HIS HD1  H N N 153 
HIS HD2  H N N 154 
HIS HE1  H N N 155 
HIS HE2  H N N 156 
HIS HXT  H N N 157 
HOH O    O N N 158 
HOH H1   H N N 159 
HOH H2   H N N 160 
ILE N    N N N 161 
ILE CA   C N S 162 
ILE C    C N N 163 
ILE O    O N N 164 
ILE CB   C N S 165 
ILE CG1  C N N 166 
ILE CG2  C N N 167 
ILE CD1  C N N 168 
ILE OXT  O N N 169 
ILE H    H N N 170 
ILE H2   H N N 171 
ILE HA   H N N 172 
ILE HB   H N N 173 
ILE HG12 H N N 174 
ILE HG13 H N N 175 
ILE HG21 H N N 176 
ILE HG22 H N N 177 
ILE HG23 H N N 178 
ILE HD11 H N N 179 
ILE HD12 H N N 180 
ILE HD13 H N N 181 
ILE HXT  H N N 182 
LEU N    N N N 183 
LEU CA   C N S 184 
LEU C    C N N 185 
LEU O    O N N 186 
LEU CB   C N N 187 
LEU CG   C N N 188 
LEU CD1  C N N 189 
LEU CD2  C N N 190 
LEU OXT  O N N 191 
LEU H    H N N 192 
LEU H2   H N N 193 
LEU HA   H N N 194 
LEU HB2  H N N 195 
LEU HB3  H N N 196 
LEU HG   H N N 197 
LEU HD11 H N N 198 
LEU HD12 H N N 199 
LEU HD13 H N N 200 
LEU HD21 H N N 201 
LEU HD22 H N N 202 
LEU HD23 H N N 203 
LEU HXT  H N N 204 
LYS N    N N N 205 
LYS CA   C N S 206 
LYS C    C N N 207 
LYS O    O N N 208 
LYS CB   C N N 209 
LYS CG   C N N 210 
LYS CD   C N N 211 
LYS CE   C N N 212 
LYS NZ   N N N 213 
LYS OXT  O N N 214 
LYS H    H N N 215 
LYS H2   H N N 216 
LYS HA   H N N 217 
LYS HB2  H N N 218 
LYS HB3  H N N 219 
LYS HG2  H N N 220 
LYS HG3  H N N 221 
LYS HD2  H N N 222 
LYS HD3  H N N 223 
LYS HE2  H N N 224 
LYS HE3  H N N 225 
LYS HZ1  H N N 226 
LYS HZ2  H N N 227 
LYS HZ3  H N N 228 
LYS HXT  H N N 229 
MET N    N N N 230 
MET CA   C N S 231 
MET C    C N N 232 
MET O    O N N 233 
MET CB   C N N 234 
MET CG   C N N 235 
MET SD   S N N 236 
MET CE   C N N 237 
MET OXT  O N N 238 
MET H    H N N 239 
MET H2   H N N 240 
MET HA   H N N 241 
MET HB2  H N N 242 
MET HB3  H N N 243 
MET HG2  H N N 244 
MET HG3  H N N 245 
MET HE1  H N N 246 
MET HE2  H N N 247 
MET HE3  H N N 248 
MET HXT  H N N 249 
PHE N    N N N 250 
PHE CA   C N S 251 
PHE C    C N N 252 
PHE O    O N N 253 
PHE CB   C N N 254 
PHE CG   C Y N 255 
PHE CD1  C Y N 256 
PHE CD2  C Y N 257 
PHE CE1  C Y N 258 
PHE CE2  C Y N 259 
PHE CZ   C Y N 260 
PHE OXT  O N N 261 
PHE H    H N N 262 
PHE H2   H N N 263 
PHE HA   H N N 264 
PHE HB2  H N N 265 
PHE HB3  H N N 266 
PHE HD1  H N N 267 
PHE HD2  H N N 268 
PHE HE1  H N N 269 
PHE HE2  H N N 270 
PHE HZ   H N N 271 
PHE HXT  H N N 272 
PO4 P    P N N 273 
PO4 O1   O N N 274 
PO4 O2   O N N 275 
PO4 O3   O N N 276 
PO4 O4   O N N 277 
PRO N    N N N 278 
PRO CA   C N S 279 
PRO C    C N N 280 
PRO O    O N N 281 
PRO CB   C N N 282 
PRO CG   C N N 283 
PRO CD   C N N 284 
PRO OXT  O N N 285 
PRO H    H N N 286 
PRO HA   H N N 287 
PRO HB2  H N N 288 
PRO HB3  H N N 289 
PRO HG2  H N N 290 
PRO HG3  H N N 291 
PRO HD2  H N N 292 
PRO HD3  H N N 293 
PRO HXT  H N N 294 
SER N    N N N 295 
SER CA   C N S 296 
SER C    C N N 297 
SER O    O N N 298 
SER CB   C N N 299 
SER OG   O N N 300 
SER OXT  O N N 301 
SER H    H N N 302 
SER H2   H N N 303 
SER HA   H N N 304 
SER HB2  H N N 305 
SER HB3  H N N 306 
SER HG   H N N 307 
SER HXT  H N N 308 
THR N    N N N 309 
THR CA   C N S 310 
THR C    C N N 311 
THR O    O N N 312 
THR CB   C N R 313 
THR OG1  O N N 314 
THR CG2  C N N 315 
THR OXT  O N N 316 
THR H    H N N 317 
THR H2   H N N 318 
THR HA   H N N 319 
THR HB   H N N 320 
THR HG1  H N N 321 
THR HG21 H N N 322 
THR HG22 H N N 323 
THR HG23 H N N 324 
THR HXT  H N N 325 
TYR N    N N N 326 
TYR CA   C N S 327 
TYR C    C N N 328 
TYR O    O N N 329 
TYR CB   C N N 330 
TYR CG   C Y N 331 
TYR CD1  C Y N 332 
TYR CD2  C Y N 333 
TYR CE1  C Y N 334 
TYR CE2  C Y N 335 
TYR CZ   C Y N 336 
TYR OH   O N N 337 
TYR OXT  O N N 338 
TYR H    H N N 339 
TYR H2   H N N 340 
TYR HA   H N N 341 
TYR HB2  H N N 342 
TYR HB3  H N N 343 
TYR HD1  H N N 344 
TYR HD2  H N N 345 
TYR HE1  H N N 346 
TYR HE2  H N N 347 
TYR HH   H N N 348 
TYR HXT  H N N 349 
VAL N    N N N 350 
VAL CA   C N S 351 
VAL C    C N N 352 
VAL O    O N N 353 
VAL CB   C N N 354 
VAL CG1  C N N 355 
VAL CG2  C N N 356 
VAL OXT  O N N 357 
VAL H    H N N 358 
VAL H2   H N N 359 
VAL HA   H N N 360 
VAL HB   H N N 361 
VAL HG11 H N N 362 
VAL HG12 H N N 363 
VAL HG13 H N N 364 
VAL HG21 H N N 365 
VAL HG22 H N N 366 
VAL HG23 H N N 367 
VAL HXT  H N N 368 
# 
loop_
_chem_comp_bond.comp_id 
_chem_comp_bond.atom_id_1 
_chem_comp_bond.atom_id_2 
_chem_comp_bond.value_order 
_chem_comp_bond.pdbx_aromatic_flag 
_chem_comp_bond.pdbx_stereo_config 
_chem_comp_bond.pdbx_ordinal 
ALA N   CA   sing N N 1   
ALA N   H    sing N N 2   
ALA N   H2   sing N N 3   
ALA CA  C    sing N N 4   
ALA CA  CB   sing N N 5   
ALA CA  HA   sing N N 6   
ALA C   O    doub N N 7   
ALA C   OXT  sing N N 8   
ALA CB  HB1  sing N N 9   
ALA CB  HB2  sing N N 10  
ALA CB  HB3  sing N N 11  
ALA OXT HXT  sing N N 12  
ARG N   CA   sing N N 13  
ARG N   H    sing N N 14  
ARG N   H2   sing N N 15  
ARG CA  C    sing N N 16  
ARG CA  CB   sing N N 17  
ARG CA  HA   sing N N 18  
ARG C   O    doub N N 19  
ARG C   OXT  sing N N 20  
ARG CB  CG   sing N N 21  
ARG CB  HB2  sing N N 22  
ARG CB  HB3  sing N N 23  
ARG CG  CD   sing N N 24  
ARG CG  HG2  sing N N 25  
ARG CG  HG3  sing N N 26  
ARG CD  NE   sing N N 27  
ARG CD  HD2  sing N N 28  
ARG CD  HD3  sing N N 29  
ARG NE  CZ   sing N N 30  
ARG NE  HE   sing N N 31  
ARG CZ  NH1  sing N N 32  
ARG CZ  NH2  doub N N 33  
ARG NH1 HH11 sing N N 34  
ARG NH1 HH12 sing N N 35  
ARG NH2 HH21 sing N N 36  
ARG NH2 HH22 sing N N 37  
ARG OXT HXT  sing N N 38  
ASN N   CA   sing N N 39  
ASN N   H    sing N N 40  
ASN N   H2   sing N N 41  
ASN CA  C    sing N N 42  
ASN CA  CB   sing N N 43  
ASN CA  HA   sing N N 44  
ASN C   O    doub N N 45  
ASN C   OXT  sing N N 46  
ASN CB  CG   sing N N 47  
ASN CB  HB2  sing N N 48  
ASN CB  HB3  sing N N 49  
ASN CG  OD1  doub N N 50  
ASN CG  ND2  sing N N 51  
ASN ND2 HD21 sing N N 52  
ASN ND2 HD22 sing N N 53  
ASN OXT HXT  sing N N 54  
ASP N   CA   sing N N 55  
ASP N   H    sing N N 56  
ASP N   H2   sing N N 57  
ASP CA  C    sing N N 58  
ASP CA  CB   sing N N 59  
ASP CA  HA   sing N N 60  
ASP C   O    doub N N 61  
ASP C   OXT  sing N N 62  
ASP CB  CG   sing N N 63  
ASP CB  HB2  sing N N 64  
ASP CB  HB3  sing N N 65  
ASP CG  OD1  doub N N 66  
ASP CG  OD2  sing N N 67  
ASP OD2 HD2  sing N N 68  
ASP OXT HXT  sing N N 69  
CYS N   CA   sing N N 70  
CYS N   H    sing N N 71  
CYS N   H2   sing N N 72  
CYS CA  C    sing N N 73  
CYS CA  CB   sing N N 74  
CYS CA  HA   sing N N 75  
CYS C   O    doub N N 76  
CYS C   OXT  sing N N 77  
CYS CB  SG   sing N N 78  
CYS CB  HB2  sing N N 79  
CYS CB  HB3  sing N N 80  
CYS SG  HG   sing N N 81  
CYS OXT HXT  sing N N 82  
GLN N   CA   sing N N 83  
GLN N   H    sing N N 84  
GLN N   H2   sing N N 85  
GLN CA  C    sing N N 86  
GLN CA  CB   sing N N 87  
GLN CA  HA   sing N N 88  
GLN C   O    doub N N 89  
GLN C   OXT  sing N N 90  
GLN CB  CG   sing N N 91  
GLN CB  HB2  sing N N 92  
GLN CB  HB3  sing N N 93  
GLN CG  CD   sing N N 94  
GLN CG  HG2  sing N N 95  
GLN CG  HG3  sing N N 96  
GLN CD  OE1  doub N N 97  
GLN CD  NE2  sing N N 98  
GLN NE2 HE21 sing N N 99  
GLN NE2 HE22 sing N N 100 
GLN OXT HXT  sing N N 101 
GLU N   CA   sing N N 102 
GLU N   H    sing N N 103 
GLU N   H2   sing N N 104 
GLU CA  C    sing N N 105 
GLU CA  CB   sing N N 106 
GLU CA  HA   sing N N 107 
GLU C   O    doub N N 108 
GLU C   OXT  sing N N 109 
GLU CB  CG   sing N N 110 
GLU CB  HB2  sing N N 111 
GLU CB  HB3  sing N N 112 
GLU CG  CD   sing N N 113 
GLU CG  HG2  sing N N 114 
GLU CG  HG3  sing N N 115 
GLU CD  OE1  doub N N 116 
GLU CD  OE2  sing N N 117 
GLU OE2 HE2  sing N N 118 
GLU OXT HXT  sing N N 119 
GLY N   CA   sing N N 120 
GLY N   H    sing N N 121 
GLY N   H2   sing N N 122 
GLY CA  C    sing N N 123 
GLY CA  HA2  sing N N 124 
GLY CA  HA3  sing N N 125 
GLY C   O    doub N N 126 
GLY C   OXT  sing N N 127 
GLY OXT HXT  sing N N 128 
HIS N   CA   sing N N 129 
HIS N   H    sing N N 130 
HIS N   H2   sing N N 131 
HIS CA  C    sing N N 132 
HIS CA  CB   sing N N 133 
HIS CA  HA   sing N N 134 
HIS C   O    doub N N 135 
HIS C   OXT  sing N N 136 
HIS CB  CG   sing N N 137 
HIS CB  HB2  sing N N 138 
HIS CB  HB3  sing N N 139 
HIS CG  ND1  sing Y N 140 
HIS CG  CD2  doub Y N 141 
HIS ND1 CE1  doub Y N 142 
HIS ND1 HD1  sing N N 143 
HIS CD2 NE2  sing Y N 144 
HIS CD2 HD2  sing N N 145 
HIS CE1 NE2  sing Y N 146 
HIS CE1 HE1  sing N N 147 
HIS NE2 HE2  sing N N 148 
HIS OXT HXT  sing N N 149 
HOH O   H1   sing N N 150 
HOH O   H2   sing N N 151 
ILE N   CA   sing N N 152 
ILE N   H    sing N N 153 
ILE N   H2   sing N N 154 
ILE CA  C    sing N N 155 
ILE CA  CB   sing N N 156 
ILE CA  HA   sing N N 157 
ILE C   O    doub N N 158 
ILE C   OXT  sing N N 159 
ILE CB  CG1  sing N N 160 
ILE CB  CG2  sing N N 161 
ILE CB  HB   sing N N 162 
ILE CG1 CD1  sing N N 163 
ILE CG1 HG12 sing N N 164 
ILE CG1 HG13 sing N N 165 
ILE CG2 HG21 sing N N 166 
ILE CG2 HG22 sing N N 167 
ILE CG2 HG23 sing N N 168 
ILE CD1 HD11 sing N N 169 
ILE CD1 HD12 sing N N 170 
ILE CD1 HD13 sing N N 171 
ILE OXT HXT  sing N N 172 
LEU N   CA   sing N N 173 
LEU N   H    sing N N 174 
LEU N   H2   sing N N 175 
LEU CA  C    sing N N 176 
LEU CA  CB   sing N N 177 
LEU CA  HA   sing N N 178 
LEU C   O    doub N N 179 
LEU C   OXT  sing N N 180 
LEU CB  CG   sing N N 181 
LEU CB  HB2  sing N N 182 
LEU CB  HB3  sing N N 183 
LEU CG  CD1  sing N N 184 
LEU CG  CD2  sing N N 185 
LEU CG  HG   sing N N 186 
LEU CD1 HD11 sing N N 187 
LEU CD1 HD12 sing N N 188 
LEU CD1 HD13 sing N N 189 
LEU CD2 HD21 sing N N 190 
LEU CD2 HD22 sing N N 191 
LEU CD2 HD23 sing N N 192 
LEU OXT HXT  sing N N 193 
LYS N   CA   sing N N 194 
LYS N   H    sing N N 195 
LYS N   H2   sing N N 196 
LYS CA  C    sing N N 197 
LYS CA  CB   sing N N 198 
LYS CA  HA   sing N N 199 
LYS C   O    doub N N 200 
LYS C   OXT  sing N N 201 
LYS CB  CG   sing N N 202 
LYS CB  HB2  sing N N 203 
LYS CB  HB3  sing N N 204 
LYS CG  CD   sing N N 205 
LYS CG  HG2  sing N N 206 
LYS CG  HG3  sing N N 207 
LYS CD  CE   sing N N 208 
LYS CD  HD2  sing N N 209 
LYS CD  HD3  sing N N 210 
LYS CE  NZ   sing N N 211 
LYS CE  HE2  sing N N 212 
LYS CE  HE3  sing N N 213 
LYS NZ  HZ1  sing N N 214 
LYS NZ  HZ2  sing N N 215 
LYS NZ  HZ3  sing N N 216 
LYS OXT HXT  sing N N 217 
MET N   CA   sing N N 218 
MET N   H    sing N N 219 
MET N   H2   sing N N 220 
MET CA  C    sing N N 221 
MET CA  CB   sing N N 222 
MET CA  HA   sing N N 223 
MET C   O    doub N N 224 
MET C   OXT  sing N N 225 
MET CB  CG   sing N N 226 
MET CB  HB2  sing N N 227 
MET CB  HB3  sing N N 228 
MET CG  SD   sing N N 229 
MET CG  HG2  sing N N 230 
MET CG  HG3  sing N N 231 
MET SD  CE   sing N N 232 
MET CE  HE1  sing N N 233 
MET CE  HE2  sing N N 234 
MET CE  HE3  sing N N 235 
MET OXT HXT  sing N N 236 
PHE N   CA   sing N N 237 
PHE N   H    sing N N 238 
PHE N   H2   sing N N 239 
PHE CA  C    sing N N 240 
PHE CA  CB   sing N N 241 
PHE CA  HA   sing N N 242 
PHE C   O    doub N N 243 
PHE C   OXT  sing N N 244 
PHE CB  CG   sing N N 245 
PHE CB  HB2  sing N N 246 
PHE CB  HB3  sing N N 247 
PHE CG  CD1  doub Y N 248 
PHE CG  CD2  sing Y N 249 
PHE CD1 CE1  sing Y N 250 
PHE CD1 HD1  sing N N 251 
PHE CD2 CE2  doub Y N 252 
PHE CD2 HD2  sing N N 253 
PHE CE1 CZ   doub Y N 254 
PHE CE1 HE1  sing N N 255 
PHE CE2 CZ   sing Y N 256 
PHE CE2 HE2  sing N N 257 
PHE CZ  HZ   sing N N 258 
PHE OXT HXT  sing N N 259 
PO4 P   O1   doub N N 260 
PO4 P   O2   sing N N 261 
PO4 P   O3   sing N N 262 
PO4 P   O4   sing N N 263 
PRO N   CA   sing N N 264 
PRO N   CD   sing N N 265 
PRO N   H    sing N N 266 
PRO CA  C    sing N N 267 
PRO CA  CB   sing N N 268 
PRO CA  HA   sing N N 269 
PRO C   O    doub N N 270 
PRO C   OXT  sing N N 271 
PRO CB  CG   sing N N 272 
PRO CB  HB2  sing N N 273 
PRO CB  HB3  sing N N 274 
PRO CG  CD   sing N N 275 
PRO CG  HG2  sing N N 276 
PRO CG  HG3  sing N N 277 
PRO CD  HD2  sing N N 278 
PRO CD  HD3  sing N N 279 
PRO OXT HXT  sing N N 280 
SER N   CA   sing N N 281 
SER N   H    sing N N 282 
SER N   H2   sing N N 283 
SER CA  C    sing N N 284 
SER CA  CB   sing N N 285 
SER CA  HA   sing N N 286 
SER C   O    doub N N 287 
SER C   OXT  sing N N 288 
SER CB  OG   sing N N 289 
SER CB  HB2  sing N N 290 
SER CB  HB3  sing N N 291 
SER OG  HG   sing N N 292 
SER OXT HXT  sing N N 293 
THR N   CA   sing N N 294 
THR N   H    sing N N 295 
THR N   H2   sing N N 296 
THR CA  C    sing N N 297 
THR CA  CB   sing N N 298 
THR CA  HA   sing N N 299 
THR C   O    doub N N 300 
THR C   OXT  sing N N 301 
THR CB  OG1  sing N N 302 
THR CB  CG2  sing N N 303 
THR CB  HB   sing N N 304 
THR OG1 HG1  sing N N 305 
THR CG2 HG21 sing N N 306 
THR CG2 HG22 sing N N 307 
THR CG2 HG23 sing N N 308 
THR OXT HXT  sing N N 309 
TYR N   CA   sing N N 310 
TYR N   H    sing N N 311 
TYR N   H2   sing N N 312 
TYR CA  C    sing N N 313 
TYR CA  CB   sing N N 314 
TYR CA  HA   sing N N 315 
TYR C   O    doub N N 316 
TYR C   OXT  sing N N 317 
TYR CB  CG   sing N N 318 
TYR CB  HB2  sing N N 319 
TYR CB  HB3  sing N N 320 
TYR CG  CD1  doub Y N 321 
TYR CG  CD2  sing Y N 322 
TYR CD1 CE1  sing Y N 323 
TYR CD1 HD1  sing N N 324 
TYR CD2 CE2  doub Y N 325 
TYR CD2 HD2  sing N N 326 
TYR CE1 CZ   doub Y N 327 
TYR CE1 HE1  sing N N 328 
TYR CE2 CZ   sing Y N 329 
TYR CE2 HE2  sing N N 330 
TYR CZ  OH   sing N N 331 
TYR OH  HH   sing N N 332 
TYR OXT HXT  sing N N 333 
VAL N   CA   sing N N 334 
VAL N   H    sing N N 335 
VAL N   H2   sing N N 336 
VAL CA  C    sing N N 337 
VAL CA  CB   sing N N 338 
VAL CA  HA   sing N N 339 
VAL C   O    doub N N 340 
VAL C   OXT  sing N N 341 
VAL CB  CG1  sing N N 342 
VAL CB  CG2  sing N N 343 
VAL CB  HB   sing N N 344 
VAL CG1 HG11 sing N N 345 
VAL CG1 HG12 sing N N 346 
VAL CG1 HG13 sing N N 347 
VAL CG2 HG21 sing N N 348 
VAL CG2 HG22 sing N N 349 
VAL CG2 HG23 sing N N 350 
VAL OXT HXT  sing N N 351 
# 
_atom_sites.entry_id                    1SSC 
_atom_sites.fract_transf_matrix[1][1]   0.00556436 
_atom_sites.fract_transf_matrix[1][2]   0.03312655 
_atom_sites.fract_transf_matrix[1][3]   -0.00706790 
_atom_sites.fract_transf_matrix[2][1]   0.01302140 
_atom_sites.fract_transf_matrix[2][2]   0.00260242 
_atom_sites.fract_transf_matrix[2][3]   0.02244864 
_atom_sites.fract_transf_matrix[3][1]   0.01678262 
_atom_sites.fract_transf_matrix[3][2]   0.00076187 
_atom_sites.fract_transf_matrix[3][3]   -0.00982313 
_atom_sites.fract_transf_vector[1]      1.092998 
_atom_sites.fract_transf_vector[2]      0.459631 
_atom_sites.fract_transf_vector[3]      0.257383 
# 
_atom_sites_footnote.id     1 
_atom_sites_footnote.text   'CIS PROLINE - PRO A    93' 
# 
loop_
_atom_type.symbol 
C 
N 
O 
P 
S 
# 
loop_
_atom_site.group_PDB 
_atom_site.id 
_atom_site.type_symbol 
_atom_site.label_atom_id 
_atom_site.label_alt_id 
_atom_site.label_comp_id 
_atom_site.label_asym_id 
_atom_site.label_entity_id 
_atom_site.label_seq_id 
_atom_site.pdbx_PDB_ins_code 
_atom_site.Cartn_x 
_atom_site.Cartn_y 
_atom_site.Cartn_z 
_atom_site.occupancy 
_atom_site.B_iso_or_equiv 
_atom_site.pdbx_formal_charge 
_atom_site.auth_seq_id 
_atom_site.auth_comp_id 
_atom_site.auth_asym_id 
_atom_site.auth_atom_id 
_atom_site.pdbx_PDB_model_num 
ATOM   1    N N   . LYS A 1 1   ? -7.252  -11.902 16.279  1.00 23.40 ? 1   LYS A N   1 
ATOM   2    C CA  . LYS A 1 1   ? -7.521  -11.460 14.910  1.00 23.13 ? 1   LYS A CA  1 
ATOM   3    C C   . LYS A 1 1   ? -6.262  -10.683 14.453  1.00 20.32 ? 1   LYS A C   1 
ATOM   4    O O   . LYS A 1 1   ? -5.465  -10.267 15.323  1.00 19.35 ? 1   LYS A O   1 
ATOM   5    C CB  . LYS A 1 1   ? -8.733  -10.542 14.783  1.00 26.30 ? 1   LYS A CB  1 
ATOM   6    C CG  . LYS A 1 1   ? -9.574  -10.811 13.526  1.00 31.37 ? 1   LYS A CG  1 
ATOM   7    C CD  . LYS A 1 1   ? -10.786 -9.876  13.417  1.00 34.00 ? 1   LYS A CD  1 
ATOM   8    C CE  . LYS A 1 1   ? -11.543 -10.142 12.110  1.00 35.67 ? 1   LYS A CE  1 
ATOM   9    N NZ  . LYS A 1 1   ? -12.994 -9.821  12.288  1.00 36.91 ? 1   LYS A NZ  1 
ATOM   10   N N   . GLU A 1 2   ? -6.160  -10.572 13.145  1.00 17.95 ? 2   GLU A N   1 
ATOM   11   C CA  . GLU A 1 2   ? -4.982  -9.826  12.612  1.00 16.35 ? 2   GLU A CA  1 
ATOM   12   C C   . GLU A 1 2   ? -5.086  -8.371  13.087  1.00 14.91 ? 2   GLU A C   1 
ATOM   13   O O   . GLU A 1 2   ? -6.170  -7.814  12.999  1.00 15.27 ? 2   GLU A O   1 
ATOM   14   C CB  . GLU A 1 2   ? -4.970  -9.802  11.128  1.00 14.79 ? 2   GLU A CB  1 
ATOM   15   C CG  . GLU A 1 2   ? -3.772  -9.309  10.335  1.00 13.81 ? 2   GLU A CG  1 
ATOM   16   C CD  . GLU A 1 2   ? -4.045  -9.415  8.832   1.00 12.47 ? 2   GLU A CD  1 
ATOM   17   O OE1 . GLU A 1 2   ? -5.168  -9.318  8.404   1.00 14.46 ? 2   GLU A OE1 1 
ATOM   18   O OE2 . GLU A 1 2   ? -3.044  -9.606  8.167   1.00 12.54 ? 2   GLU A OE2 1 
ATOM   19   N N   . THR A 1 3   ? -3.985  -7.847  13.543  1.00 14.77 ? 3   THR A N   1 
ATOM   20   C CA  . THR A 1 3   ? -3.892  -6.460  14.023  1.00 17.65 ? 3   THR A CA  1 
ATOM   21   C C   . THR A 1 3   ? -3.914  -5.514  12.794  1.00 17.41 ? 3   THR A C   1 
ATOM   22   O O   . THR A 1 3   ? -3.581  -5.956  11.685  1.00 16.05 ? 3   THR A O   1 
ATOM   23   C CB  . THR A 1 3   ? -2.625  -6.173  14.899  1.00 18.86 ? 3   THR A CB  1 
ATOM   24   O OG1 . THR A 1 3   ? -1.442  -6.309  14.028  1.00 20.32 ? 3   THR A OG1 1 
ATOM   25   C CG2 . THR A 1 3   ? -2.411  -7.112  16.107  1.00 19.25 ? 3   THR A CG2 1 
ATOM   26   N N   . ALA A 1 4   ? -4.321  -4.268  13.059  1.00 16.77 ? 4   ALA A N   1 
ATOM   27   C CA  . ALA A 1 4   ? -4.365  -3.274  11.958  1.00 15.01 ? 4   ALA A CA  1 
ATOM   28   C C   . ALA A 1 4   ? -2.944  -3.053  11.422  1.00 14.33 ? 4   ALA A C   1 
ATOM   29   O O   . ALA A 1 4   ? -2.772  -2.905  10.205  1.00 14.30 ? 4   ALA A O   1 
ATOM   30   C CB  . ALA A 1 4   ? -5.042  -2.014  12.423  1.00 15.33 ? 4   ALA A CB  1 
ATOM   31   N N   . ALA A 1 5   ? -1.967  -3.081  12.303  1.00 13.41 ? 5   ALA A N   1 
ATOM   32   C CA  . ALA A 1 5   ? -0.569  -2.907  11.898  1.00 14.43 ? 5   ALA A CA  1 
ATOM   33   C C   . ALA A 1 5   ? -0.142  -4.067  11.002  1.00 13.59 ? 5   ALA A C   1 
ATOM   34   O O   . ALA A 1 5   ? 0.506   -3.840  9.976   1.00 14.10 ? 5   ALA A O   1 
ATOM   35   C CB  . ALA A 1 5   ? 0.384   -2.798  13.043  1.00 14.28 ? 5   ALA A CB  1 
ATOM   36   N N   . ALA A 1 6   ? -0.482  -5.266  11.402  1.00 13.82 ? 6   ALA A N   1 
ATOM   37   C CA  . ALA A 1 6   ? -0.124  -6.463  10.616  1.00 12.97 ? 6   ALA A CA  1 
ATOM   38   C C   . ALA A 1 6   ? -0.834  -6.468  9.270   1.00 11.08 ? 6   ALA A C   1 
ATOM   39   O O   . ALA A 1 6   ? -0.247  -6.921  8.270   1.00 11.15 ? 6   ALA A O   1 
ATOM   40   C CB  . ALA A 1 6   ? -0.495  -7.691  11.433  1.00 14.19 ? 6   ALA A CB  1 
ATOM   41   N N   . LYS A 1 7   ? -2.064  -6.003  9.243   1.00 10.04 ? 7   LYS A N   1 
ATOM   42   C CA  . LYS A 1 7   ? -2.878  -5.926  8.036   1.00 11.13 ? 7   LYS A CA  1 
ATOM   43   C C   . LYS A 1 7   ? -2.193  -4.951  7.050   1.00 10.26 ? 7   LYS A C   1 
ATOM   44   O O   . LYS A 1 7   ? -2.169  -5.151  5.829   1.00 8.20  ? 7   LYS A O   1 
ATOM   45   C CB  . LYS A 1 7   ? -4.304  -5.440  8.303   1.00 11.72 ? 7   LYS A CB  1 
ATOM   46   C CG  . LYS A 1 7   ? -5.107  -5.381  7.017   1.00 17.05 ? 7   LYS A CG  1 
ATOM   47   C CD  . LYS A 1 7   ? -6.586  -5.086  7.183   1.00 21.02 ? 7   LYS A CD  1 
ATOM   48   C CE  . LYS A 1 7   ? -7.345  -5.563  5.907   1.00 25.86 ? 7   LYS A CE  1 
ATOM   49   N NZ  . LYS A 1 7   ? -8.744  -4.993  5.999   1.00 29.82 ? 7   LYS A NZ  1 
ATOM   50   N N   . PHE A 1 8   ? -1.634  -3.913  7.669   1.00 9.74  ? 8   PHE A N   1 
ATOM   51   C CA  . PHE A 1 8   ? -0.899  -2.892  6.831   1.00 10.25 ? 8   PHE A CA  1 
ATOM   52   C C   . PHE A 1 8   ? 0.285   -3.562  6.138   1.00 8.81  ? 8   PHE A C   1 
ATOM   53   O O   . PHE A 1 8   ? 0.434   -3.347  4.923   1.00 9.70  ? 8   PHE A O   1 
ATOM   54   C CB  . PHE A 1 8   ? -0.477  -1.660  7.654   1.00 10.91 ? 8   PHE A CB  1 
ATOM   55   C CG  . PHE A 1 8   ? 0.294   -0.654  6.846   1.00 10.20 ? 8   PHE A CG  1 
ATOM   56   C CD1 . PHE A 1 8   ? 1.664   -0.786  6.675   1.00 9.94  ? 8   PHE A CD1 1 
ATOM   57   C CD2 . PHE A 1 8   ? -0.397  0.382   6.198   1.00 11.73 ? 8   PHE A CD2 1 
ATOM   58   C CE1 . PHE A 1 8   ? 2.351   0.128   5.885   1.00 10.08 ? 8   PHE A CE1 1 
ATOM   59   C CE2 . PHE A 1 8   ? 0.275   1.305   5.415   1.00 9.65  ? 8   PHE A CE2 1 
ATOM   60   C CZ  . PHE A 1 8   ? 1.631   1.172   5.259   1.00 10.27 ? 8   PHE A CZ  1 
ATOM   61   N N   . GLU A 1 9   ? 1.078   -4.310  6.879   1.00 8.71  ? 9   GLU A N   1 
ATOM   62   C CA  . GLU A 1 9   ? 2.242   -4.973  6.242   1.00 9.61  ? 9   GLU A CA  1 
ATOM   63   C C   . GLU A 1 9   ? 1.845   -5.915  5.143   1.00 9.26  ? 9   GLU A C   1 
ATOM   64   O O   . GLU A 1 9   ? 2.428   -5.999  4.051   1.00 9.10  ? 9   GLU A O   1 
ATOM   65   C CB  . GLU A 1 9   ? 3.113   -5.752  7.220   1.00 11.31 ? 9   GLU A CB  1 
ATOM   66   C CG  . GLU A 1 9   ? 3.735   -4.892  8.322   1.00 17.00 ? 9   GLU A CG  1 
ATOM   67   C CD  . GLU A 1 9   ? 4.493   -5.728  9.346   1.00 19.62 ? 9   GLU A CD  1 
ATOM   68   O OE1 . GLU A 1 9   ? 4.896   -6.776  8.789   1.00 21.61 ? 9   GLU A OE1 1 
ATOM   69   O OE2 . GLU A 1 9   ? 4.665   -5.383  10.472  1.00 22.24 ? 9   GLU A OE2 1 
ATOM   70   N N   . ARG A 1 10  ? 0.786   -6.711  5.423   1.00 8.06  ? 10  ARG A N   1 
ATOM   71   C CA  . ARG A 1 10  ? 0.303   -7.682  4.446   1.00 8.27  ? 10  ARG A CA  1 
ATOM   72   C C   . ARG A 1 10  ? -0.243  -7.033  3.199   1.00 7.66  ? 10  ARG A C   1 
ATOM   73   O O   . ARG A 1 10  ? 0.021   -7.514  2.087   1.00 9.45  ? 10  ARG A O   1 
ATOM   74   C CB  . ARG A 1 10  ? -0.800  -8.619  5.068   1.00 8.99  ? 10  ARG A CB  1 
ATOM   75   C CG  . ARG A 1 10  ? -1.401  -9.629  4.061   1.00 8.23  ? 10  ARG A CG  1 
ATOM   76   C CD  . ARG A 1 10  ? -2.272  -10.651 4.758   1.00 9.83  ? 10  ARG A CD  1 
ATOM   77   N NE  . ARG A 1 10  ? -3.367  -9.981  5.467   1.00 9.98  ? 10  ARG A NE  1 
ATOM   78   C CZ  . ARG A 1 10  ? -4.467  -9.572  4.927   1.00 12.02 ? 10  ARG A CZ  1 
ATOM   79   N NH1 . ARG A 1 10  ? -4.760  -9.725  3.596   1.00 13.87 ? 10  ARG A NH1 1 
ATOM   80   N NH2 . ARG A 1 10  ? -5.458  -8.936  5.549   1.00 13.71 ? 10  ARG A NH2 1 
ATOM   81   N N   . GLN A 1 11  ? -1.020  -5.973  3.315   1.00 7.66  ? 11  GLN A N   1 
ATOM   82   C CA  . GLN A 1 11  ? -1.640  -5.333  2.222   1.00 8.08  ? 11  GLN A CA  1 
ATOM   83   C C   . GLN A 1 11  ? -0.708  -4.401  1.422   1.00 7.83  ? 11  GLN A C   1 
ATOM   84   O O   . GLN A 1 11  ? -1.012  -4.232  0.278   1.00 8.22  ? 11  GLN A O   1 
ATOM   85   C CB  . GLN A 1 11  ? -2.829  -4.454  2.619   1.00 10.66 ? 11  GLN A CB  1 
ATOM   86   C CG  . GLN A 1 11  ? -3.991  -5.103  3.281   1.00 14.25 ? 11  GLN A CG  1 
ATOM   87   C CD  . GLN A 1 11  ? -5.206  -4.169  3.286   1.00 18.11 ? 11  GLN A CD  1 
ATOM   88   O OE1 . GLN A 1 11  ? -6.148  -4.496  2.565   1.00 20.70 ? 11  GLN A OE1 1 
ATOM   89   N NE2 . GLN A 1 11  ? -5.164  -3.107  4.061   1.00 18.45 ? 11  GLN A NE2 1 
ATOM   90   N N   . HIS A 1 12  ? 0.296   -3.873  2.102   1.00 8.54  ? 12  HIS A N   1 
ATOM   91   C CA  . HIS A 1 12  ? 1.122   -2.875  1.427   1.00 8.97  ? 12  HIS A CA  1 
ATOM   92   C C   . HIS A 1 12  ? 2.599   -2.973  1.474   1.00 9.52  ? 12  HIS A C   1 
ATOM   93   O O   . HIS A 1 12  ? 3.222   -2.093  0.713   1.00 11.07 ? 12  HIS A O   1 
ATOM   94   C CB  . HIS A 1 12  ? 0.745   -1.503  2.130   1.00 8.21  ? 12  HIS A CB  1 
ATOM   95   C CG  . HIS A 1 12  ? -0.690  -1.118  2.012   1.00 8.06  ? 12  HIS A CG  1 
ATOM   96   N ND1 . HIS A 1 12  ? -1.371  -0.805  0.869   1.00 7.98  ? 12  HIS A ND1 1 
ATOM   97   C CD2 . HIS A 1 12  ? -1.594  -0.949  3.024   1.00 7.82  ? 12  HIS A CD2 1 
ATOM   98   C CE1 . HIS A 1 12  ? -2.638  -0.493  1.202   1.00 8.97  ? 12  HIS A CE1 1 
ATOM   99   N NE2 . HIS A 1 12  ? -2.741  -0.578  2.510   1.00 8.16  ? 12  HIS A NE2 1 
ATOM   100  N N   . MET A 1 13  ? 3.202   -3.837  2.205   1.00 7.78  ? 13  MET A N   1 
ATOM   101  C CA  . MET A 1 13  ? 4.703   -3.820  2.205   1.00 9.91  ? 13  MET A CA  1 
ATOM   102  C C   . MET A 1 13  ? 5.318   -4.828  1.306   1.00 10.07 ? 13  MET A C   1 
ATOM   103  O O   . MET A 1 13  ? 4.857   -5.975  1.320   1.00 12.58 ? 13  MET A O   1 
ATOM   104  C CB  . MET A 1 13  ? 5.190   -4.007  3.646   1.00 10.05 ? 13  MET A CB  1 
ATOM   105  C CG  . MET A 1 13  ? 4.888   -2.848  4.541   1.00 11.46 ? 13  MET A CG  1 
ATOM   106  S SD  . MET A 1 13  ? 5.737   -1.349  3.925   1.00 13.38 ? 13  MET A SD  1 
ATOM   107  C CE  . MET A 1 13  ? 7.412   -1.904  3.736   1.00 11.47 ? 13  MET A CE  1 
ATOM   108  N N   . ASP A 1 14  ? 6.345   -4.470  0.519   1.00 10.18 ? 14  ASP A N   1 
ATOM   109  C CA  . ASP A 1 14  ? 7.005   -5.449  -0.320  1.00 10.54 ? 14  ASP A CA  1 
ATOM   110  C C   . ASP A 1 14  ? 8.524   -5.112  -0.321  1.00 11.40 ? 14  ASP A C   1 
ATOM   111  O O   . ASP A 1 14  ? 8.991   -4.651  -1.346  1.00 10.83 ? 14  ASP A O   1 
ATOM   112  C CB  . ASP A 1 14  ? 6.503   -5.655  -1.746  1.00 11.66 ? 14  ASP A CB  1 
ATOM   113  C CG  . ASP A 1 14  ? 7.198   -6.845  -2.411  1.00 13.58 ? 14  ASP A CG  1 
ATOM   114  O OD1 . ASP A 1 14  ? 7.958   -7.576  -1.700  1.00 13.37 ? 14  ASP A OD1 1 
ATOM   115  O OD2 . ASP A 1 14  ? 7.040   -7.074  -3.609  1.00 14.11 ? 14  ASP A OD2 1 
ATOM   116  N N   . SER A 1 15  ? 9.145   -5.386  0.780   1.00 12.43 ? 15  SER A N   1 
ATOM   117  C CA  . SER A 1 15  ? 10.588  -5.141  0.909   1.00 13.62 ? 15  SER A CA  1 
ATOM   118  C C   . SER A 1 15  ? 11.440  -6.147  0.186   1.00 14.80 ? 15  SER A C   1 
ATOM   119  O O   . SER A 1 15  ? 12.687  -5.971  0.321   1.00 16.97 ? 15  SER A O   1 
ATOM   120  C CB  . SER A 1 15  ? 10.954  -5.284  2.408   1.00 14.33 ? 15  SER A CB  1 
ATOM   121  O OG  . SER A 1 15  ? 10.254  -4.308  3.120   1.00 16.05 ? 15  SER A OG  1 
ATOM   122  N N   . SER A 1 16  ? 10.956  -7.132  -0.495  1.00 15.73 ? 16  SER A N   1 
ATOM   123  C CA  . SER A 1 16  ? 11.762  -8.149  -1.168  1.00 18.06 ? 16  SER A CA  1 
ATOM   124  C C   . SER A 1 16  ? 12.103  -7.851  -2.617  1.00 17.06 ? 16  SER A C   1 
ATOM   125  O O   . SER A 1 16  ? 12.814  -8.626  -3.304  1.00 19.54 ? 16  SER A O   1 
ATOM   126  C CB  . SER A 1 16  ? 11.072  -9.545  -1.159  1.00 17.95 ? 16  SER A CB  1 
ATOM   127  O OG  . SER A 1 16  ? 10.277  -9.531  -2.396  1.00 22.69 ? 16  SER A OG  1 
ATOM   128  N N   . THR A 1 17  ? 11.593  -6.782  -3.123  1.00 16.54 ? 17  THR A N   1 
ATOM   129  C CA  . THR A 1 17  ? 11.775  -6.330  -4.475  1.00 16.42 ? 17  THR A CA  1 
ATOM   130  C C   . THR A 1 17  ? 11.948  -4.818  -4.441  1.00 16.36 ? 17  THR A C   1 
ATOM   131  O O   . THR A 1 17  ? 11.364  -4.151  -3.558  1.00 13.96 ? 17  THR A O   1 
ATOM   132  C CB  . THR A 1 17  ? 10.508  -6.842  -5.290  1.00 18.76 ? 17  THR A CB  1 
ATOM   133  O OG1 . THR A 1 17  ? 9.397   -5.977  -4.957  1.00 18.59 ? 17  THR A OG1 1 
ATOM   134  C CG2 . THR A 1 17  ? 10.117  -8.303  -4.907  1.00 18.87 ? 17  THR A CG2 1 
ATOM   135  N N   . SER A 1 18  ? 12.767  -4.297  -5.385  1.00 15.64 ? 18  SER A N   1 
ATOM   136  C CA  . SER A 1 18  ? 12.935  -2.844  -5.405  1.00 17.60 ? 18  SER A CA  1 
ATOM   137  C C   . SER A 1 18  ? 11.853  -2.125  -6.172  1.00 16.10 ? 18  SER A C   1 
ATOM   138  O O   . SER A 1 18  ? 11.636  -0.907  -6.001  1.00 15.72 ? 18  SER A O   1 
ATOM   139  C CB  . SER A 1 18  ? 14.352  -2.441  -5.904  1.00 20.48 ? 18  SER A CB  1 
ATOM   140  O OG  . SER A 1 18  ? 15.142  -2.630  -4.662  1.00 26.31 ? 18  SER A OG  1 
ATOM   141  N N   . ALA A 1 19  ? 11.146  -2.866  -6.997  1.00 16.38 ? 19  ALA A N   1 
ATOM   142  C CA  . ALA A 1 19  ? 10.072  -2.313  -7.840  1.00 16.03 ? 19  ALA A CA  1 
ATOM   143  C C   . ALA A 1 19  ? 9.396   -3.480  -8.566  1.00 16.39 ? 19  ALA A C   1 
ATOM   144  O O   . ALA A 1 19  ? 9.987   -4.580  -8.569  1.00 16.24 ? 19  ALA A O   1 
ATOM   145  C CB  . ALA A 1 19  ? 10.722  -1.368  -8.838  1.00 15.19 ? 19  ALA A CB  1 
ATOM   146  N N   . ALA A 1 20  ? 8.256   -3.245  -9.139  1.00 15.82 ? 20  ALA A N   1 
ATOM   147  C CA  . ALA A 1 20  ? 7.539   -4.323  -9.869  1.00 17.52 ? 20  ALA A CA  1 
ATOM   148  C C   . ALA A 1 20  ? 8.417   -4.733  -11.044 1.00 19.69 ? 20  ALA A C   1 
ATOM   149  O O   . ALA A 1 20  ? 8.880   -3.861  -11.806 1.00 20.17 ? 20  ALA A O   1 
ATOM   150  C CB  . ALA A 1 20  ? 6.184   -3.781  -10.260 1.00 17.70 ? 20  ALA A CB  1 
ATOM   151  N N   . SER A 1 21  ? 8.626   -6.029  -11.200 1.00 21.41 ? 21  SER A N   1 
ATOM   152  C CA  . SER A 1 21  ? 9.476   -6.525  -12.296 1.00 23.29 ? 21  SER A CA  1 
ATOM   153  C C   . SER A 1 21  ? 8.784   -6.911  -13.575 1.00 22.19 ? 21  SER A C   1 
ATOM   154  O O   . SER A 1 21  ? 9.478   -7.141  -14.600 1.00 23.65 ? 21  SER A O   1 
ATOM   155  C CB  . SER A 1 21  ? 10.210  -7.788  -11.765 1.00 24.52 ? 21  SER A CB  1 
ATOM   156  O OG  . SER A 1 21  ? 9.114   -8.683  -11.472 1.00 28.19 ? 21  SER A OG  1 
ATOM   157  N N   . SER A 1 22  ? 7.481   -7.030  -13.596 1.00 20.60 ? 22  SER A N   1 
ATOM   158  C CA  . SER A 1 22  ? 6.760   -7.425  -14.810 1.00 18.72 ? 22  SER A CA  1 
ATOM   159  C C   . SER A 1 22  ? 5.317   -6.978  -14.680 1.00 18.70 ? 22  SER A C   1 
ATOM   160  O O   . SER A 1 22  ? 4.900   -6.605  -13.571 1.00 18.42 ? 22  SER A O   1 
ATOM   161  C CB  . SER A 1 22  ? 6.790   -8.924  -15.010 1.00 18.83 ? 22  SER A CB  1 
ATOM   162  O OG  . SER A 1 22  ? 5.688   -9.487  -14.296 1.00 19.78 ? 22  SER A OG  1 
ATOM   163  N N   . SER A 1 23  ? 4.637   -7.070  -15.820 1.00 17.50 ? 23  SER A N   1 
ATOM   164  C CA  . SER A 1 23  ? 3.238   -6.680  -15.884 1.00 16.75 ? 23  SER A CA  1 
ATOM   165  C C   . SER A 1 23  ? 2.382   -7.585  -14.970 1.00 15.38 ? 23  SER A C   1 
ATOM   166  O O   . SER A 1 23  ? 1.273   -7.121  -14.660 1.00 15.90 ? 23  SER A O   1 
ATOM   167  C CB  . SER A 1 23  ? 2.684   -6.694  -17.305 1.00 16.64 ? 23  SER A CB  1 
ATOM   168  O OG  . SER A 1 23  ? 2.774   -7.986  -17.860 1.00 18.68 ? 23  SER A OG  1 
ATOM   169  N N   . ASN A 1 24  ? 2.873   -8.729  -14.593 1.00 14.22 ? 24  ASN A N   1 
ATOM   170  C CA  . ASN A 1 24  ? 2.150   -9.668  -13.745 1.00 15.07 ? 24  ASN A CA  1 
ATOM   171  C C   . ASN A 1 24  ? 2.267   -9.459  -12.244 1.00 12.99 ? 24  ASN A C   1 
ATOM   172  O O   . ASN A 1 24  ? 1.615   -10.162 -11.451 1.00 12.12 ? 24  ASN A O   1 
ATOM   173  C CB  . ASN A 1 24  ? 2.585   -11.136 -14.093 1.00 18.49 ? 24  ASN A CB  1 
ATOM   174  C CG  . ASN A 1 24  ? 1.568   -11.595 -15.140 1.00 23.65 ? 24  ASN A CG  1 
ATOM   175  O OD1 . ASN A 1 24  ? 0.353   -11.529 -14.835 1.00 26.38 ? 24  ASN A OD1 1 
ATOM   176  N ND2 . ASN A 1 24  ? 2.061   -11.992 -16.295 1.00 26.10 ? 24  ASN A ND2 1 
ATOM   177  N N   . TYR A 1 25  ? 3.099   -8.548  -11.846 1.00 12.49 ? 25  TYR A N   1 
ATOM   178  C CA  . TYR A 1 25  ? 3.314   -8.283  -10.402 1.00 10.96 ? 25  TYR A CA  1 
ATOM   179  C C   . TYR A 1 25  ? 2.012   -8.112  -9.637  1.00 10.40 ? 25  TYR A C   1 
ATOM   180  O O   . TYR A 1 25  ? 1.829   -8.860  -8.652  1.00 10.38 ? 25  TYR A O   1 
ATOM   181  C CB  . TYR A 1 25  ? 4.293   -7.129  -10.211 1.00 10.86 ? 25  TYR A CB  1 
ATOM   182  C CG  . TYR A 1 25  ? 4.540   -6.781  -8.761  1.00 11.16 ? 25  TYR A CG  1 
ATOM   183  C CD1 . TYR A 1 25  ? 3.721   -5.872  -8.090  1.00 11.26 ? 25  TYR A CD1 1 
ATOM   184  C CD2 . TYR A 1 25  ? 5.610   -7.335  -8.055  1.00 11.14 ? 25  TYR A CD2 1 
ATOM   185  C CE1 . TYR A 1 25  ? 3.928   -5.538  -6.749  1.00 10.53 ? 25  TYR A CE1 1 
ATOM   186  C CE2 . TYR A 1 25  ? 5.835   -7.002  -6.719  1.00 10.39 ? 25  TYR A CE2 1 
ATOM   187  C CZ  . TYR A 1 25  ? 4.994   -6.109  -6.084  1.00 11.36 ? 25  TYR A CZ  1 
ATOM   188  O OH  . TYR A 1 25  ? 5.176   -5.768  -4.782  1.00 13.01 ? 25  TYR A OH  1 
ATOM   189  N N   . CYS A 1 26  ? 1.140   -7.226  -10.002 1.00 9.64  ? 26  CYS A N   1 
ATOM   190  C CA  . CYS A 1 26  ? -0.116  -6.951  -9.297  1.00 10.40 ? 26  CYS A CA  1 
ATOM   191  C C   . CYS A 1 26  ? -0.963  -8.205  -9.218  1.00 10.79 ? 26  CYS A C   1 
ATOM   192  O O   . CYS A 1 26  ? -1.450  -8.530  -8.100  1.00 9.58  ? 26  CYS A O   1 
ATOM   193  C CB  . CYS A 1 26  ? -0.869  -5.739  -9.837  1.00 9.63  ? 26  CYS A CB  1 
ATOM   194  S SG  . CYS A 1 26  ? -0.038  -4.211  -9.397  1.00 10.50 ? 26  CYS A SG  1 
ATOM   195  N N   . ASN A 1 27  ? -1.128  -8.870  -10.328 1.00 11.11 ? 27  ASN A N   1 
ATOM   196  C CA  . ASN A 1 27  ? -1.922  -10.109 -10.367 1.00 12.27 ? 27  ASN A CA  1 
ATOM   197  C C   . ASN A 1 27  ? -1.396  -11.113 -9.352  1.00 12.91 ? 27  ASN A C   1 
ATOM   198  O O   . ASN A 1 27  ? -2.219  -11.686 -8.610  1.00 13.57 ? 27  ASN A O   1 
ATOM   199  C CB  . ASN A 1 27  ? -1.919  -10.643 -11.805 1.00 13.42 ? 27  ASN A CB  1 
ATOM   200  C CG  . ASN A 1 27  ? -2.834  -9.807  -12.702 1.00 14.71 ? 27  ASN A CG  1 
ATOM   201  O OD1 . ASN A 1 27  ? -3.693  -9.064  -12.228 1.00 15.64 ? 27  ASN A OD1 1 
ATOM   202  N ND2 . ASN A 1 27  ? -2.597  -9.982  -14.007 1.00 16.56 ? 27  ASN A ND2 1 
ATOM   203  N N   . GLN A 1 28  ? -0.092  -11.322 -9.333  1.00 12.10 ? 28  GLN A N   1 
ATOM   204  C CA  . GLN A 1 28  ? 0.521   -12.263 -8.420  1.00 14.23 ? 28  GLN A CA  1 
ATOM   205  C C   . GLN A 1 28  ? 0.443   -11.789 -6.965  1.00 13.63 ? 28  GLN A C   1 
ATOM   206  O O   . GLN A 1 28  ? 0.052   -12.604 -6.080  1.00 14.98 ? 28  GLN A O   1 
ATOM   207  C CB  . GLN A 1 28  ? 1.986   -12.558 -8.727  1.00 17.93 ? 28  GLN A CB  1 
ATOM   208  C CG  . GLN A 1 28  ? 2.351   -13.287 -9.953  1.00 26.06 ? 28  GLN A CG  1 
ATOM   209  C CD  . GLN A 1 28  ? 3.566   -12.894 -10.743 1.00 29.48 ? 28  GLN A CD  1 
ATOM   210  O OE1 . GLN A 1 28  ? 4.408   -12.010 -10.528 1.00 31.55 ? 28  GLN A OE1 1 
ATOM   211  N NE2 . GLN A 1 28  ? 3.690   -13.632 -11.883 1.00 32.95 ? 28  GLN A NE2 1 
ATOM   212  N N   . MET A 1 29  ? 0.784   -10.563 -6.685  1.00 12.19 ? 29  MET A N   1 
ATOM   213  C CA  . MET A 1 29  ? 0.785   -10.044 -5.312  1.00 12.22 ? 29  MET A CA  1 
ATOM   214  C C   . MET A 1 29  ? -0.577  -9.878  -4.695  1.00 12.40 ? 29  MET A C   1 
ATOM   215  O O   . MET A 1 29  ? -0.718  -10.193 -3.492  1.00 11.59 ? 29  MET A O   1 
ATOM   216  C CB  . MET A 1 29  ? 1.613   -8.765  -5.246  1.00 13.90 ? 29  MET A CB  1 
ATOM   217  C CG  . MET A 1 29  ? 3.027   -9.084  -5.715  1.00 16.23 ? 29  MET A CG  1 
ATOM   218  S SD  . MET A 1 29  ? 3.868   -9.972  -4.389  1.00 18.11 ? 29  MET A SD  1 
ATOM   219  C CE  . MET A 1 29  ? 3.532   -8.877  -3.029  1.00 20.06 ? 29  MET A CE  1 
ATOM   220  N N   . MET A 1 30  ? -1.547  -9.417  -5.454  1.00 11.54 ? 30  MET A N   1 
ATOM   221  C CA  . MET A 1 30  ? -2.907  -9.238  -4.897  1.00 11.86 ? 30  MET A CA  1 
ATOM   222  C C   . MET A 1 30  ? -3.454  -10.605 -4.446  1.00 12.63 ? 30  MET A C   1 
ATOM   223  O O   . MET A 1 30  ? -4.171  -10.679 -3.452  1.00 12.31 ? 30  MET A O   1 
ATOM   224  C CB  . MET A 1 30  ? -3.838  -8.569  -5.879  1.00 11.56 ? 30  MET A CB  1 
ATOM   225  C CG  . MET A 1 30  ? -3.443  -7.158  -6.249  1.00 10.11 ? 30  MET A CG  1 
ATOM   226  S SD  . MET A 1 30  ? -3.693  -6.013  -4.939  1.00 10.63 ? 30  MET A SD  1 
ATOM   227  C CE  . MET A 1 30  ? -5.457  -5.783  -4.811  1.00 9.03  ? 30  MET A CE  1 
ATOM   228  N N   . LYS A 1 31  ? -3.115  -11.599 -5.232  1.00 12.48 ? 31  LYS A N   1 
ATOM   229  C CA  . LYS A 1 31  ? -3.563  -12.973 -4.965  1.00 14.91 ? 31  LYS A CA  1 
ATOM   230  C C   . LYS A 1 31  ? -2.867  -13.556 -3.745  1.00 14.62 ? 31  LYS A C   1 
ATOM   231  O O   . LYS A 1 31  ? -3.525  -13.996 -2.784  1.00 13.99 ? 31  LYS A O   1 
ATOM   232  C CB  . LYS A 1 31  ? -3.365  -13.873 -6.184  1.00 16.01 ? 31  LYS A CB  1 
ATOM   233  C CG  . LYS A 1 31  ? -3.484  -15.352 -5.830  1.00 19.19 ? 31  LYS A CG  1 
ATOM   234  C CD  . LYS A 1 31  ? -4.828  -15.590 -5.159  1.00 23.30 ? 31  LYS A CD  1 
ATOM   235  C CE  . LYS A 1 31  ? -5.928  -15.587 -6.210  1.00 27.71 ? 31  LYS A CE  1 
ATOM   236  N NZ  . LYS A 1 31  ? -6.381  -17.015 -6.465  1.00 29.82 ? 31  LYS A NZ  1 
ATOM   237  N N   . SER A 1 32  ? -1.549  -13.529 -3.778  1.00 14.51 ? 32  SER A N   1 
ATOM   238  C CA  . SER A 1 32  ? -0.722  -14.084 -2.699  1.00 15.15 ? 32  SER A CA  1 
ATOM   239  C C   . SER A 1 32  ? -0.890  -13.396 -1.373  1.00 13.84 ? 32  SER A C   1 
ATOM   240  O O   . SER A 1 32  ? -0.671  -14.055 -0.319  1.00 14.39 ? 32  SER A O   1 
ATOM   241  C CB  . SER A 1 32  ? 0.733   -14.200 -3.129  1.00 16.59 ? 32  SER A CB  1 
ATOM   242  O OG  . SER A 1 32  ? 1.339   -12.933 -3.169  1.00 22.10 ? 32  SER A OG  1 
ATOM   243  N N   . ARG A 1 33  ? -1.240  -12.141 -1.359  1.00 12.68 ? 33  ARG A N   1 
ATOM   244  C CA  . ARG A 1 33  ? -1.434  -11.398 -0.108  1.00 12.20 ? 33  ARG A CA  1 
ATOM   245  C C   . ARG A 1 33  ? -2.879  -11.547 0.364   1.00 12.45 ? 33  ARG A C   1 
ATOM   246  O O   . ARG A 1 33  ? -3.246  -10.878 1.317   1.00 12.88 ? 33  ARG A O   1 
ATOM   247  C CB  . ARG A 1 33  ? -0.983  -9.936  -0.181  1.00 10.66 ? 33  ARG A CB  1 
ATOM   248  C CG  . ARG A 1 33  ? 0.540   -9.852  -0.375  1.00 8.98  ? 33  ARG A CG  1 
ATOM   249  C CD  . ARG A 1 33  ? 1.329   -10.397 0.760   1.00 9.23  ? 33  ARG A CD  1 
ATOM   250  N NE  . ARG A 1 33  ? 2.784   -10.210 0.522   1.00 11.46 ? 33  ARG A NE  1 
ATOM   251  C CZ  . ARG A 1 33  ? 3.398   -9.042  0.777   1.00 11.73 ? 33  ARG A CZ  1 
ATOM   252  N NH1 . ARG A 1 33  ? 2.759   -7.999  1.272   1.00 9.78  ? 33  ARG A NH1 1 
ATOM   253  N NH2 . ARG A 1 33  ? 4.735   -8.921  0.599   1.00 10.51 ? 33  ARG A NH2 1 
ATOM   254  N N   . ASN A 1 34  ? -3.624  -12.404 -0.333  1.00 12.56 ? 34  ASN A N   1 
ATOM   255  C CA  . ASN A 1 34  ? -5.018  -12.644 0.061   1.00 15.35 ? 34  ASN A CA  1 
ATOM   256  C C   . ASN A 1 34  ? -5.893  -11.425 -0.009  1.00 15.73 ? 34  ASN A C   1 
ATOM   257  O O   . ASN A 1 34  ? -6.868  -11.292 0.772   1.00 16.34 ? 34  ASN A O   1 
ATOM   258  C CB  . ASN A 1 34  ? -4.950  -13.192 1.523   1.00 18.36 ? 34  ASN A CB  1 
ATOM   259  C CG  . ASN A 1 34  ? -6.051  -14.162 1.773   1.00 23.27 ? 34  ASN A CG  1 
ATOM   260  O OD1 . ASN A 1 34  ? -6.229  -15.031 0.911   1.00 26.29 ? 34  ASN A OD1 1 
ATOM   261  N ND2 . ASN A 1 34  ? -6.775  -14.061 2.900   1.00 26.20 ? 34  ASN A ND2 1 
ATOM   262  N N   . LEU A 1 35  ? -5.624  -10.533 -0.958  1.00 14.67 ? 35  LEU A N   1 
ATOM   263  C CA  . LEU A 1 35  ? -6.466  -9.320  -1.067  1.00 15.01 ? 35  LEU A CA  1 
ATOM   264  C C   . LEU A 1 35  ? -7.669  -9.549  -1.953  1.00 15.42 ? 35  LEU A C   1 
ATOM   265  O O   . LEU A 1 35  ? -8.554  -8.655  -1.984  1.00 16.42 ? 35  LEU A O   1 
ATOM   266  C CB  . LEU A 1 35  ? -5.568  -8.165  -1.503  1.00 13.28 ? 35  LEU A CB  1 
ATOM   267  C CG  . LEU A 1 35  ? -4.353  -7.955  -0.577  1.00 15.01 ? 35  LEU A CG  1 
ATOM   268  C CD1 . LEU A 1 35  ? -3.551  -6.805  -1.113  1.00 16.08 ? 35  LEU A CD1 1 
ATOM   269  C CD2 . LEU A 1 35  ? -4.870  -7.694  0.825   1.00 14.53 ? 35  LEU A CD2 1 
ATOM   270  N N   . THR A 1 36  ? -7.676  -10.666 -2.626  1.00 14.60 ? 36  THR A N   1 
ATOM   271  C CA  . THR A 1 36  ? -8.794  -10.991 -3.548  1.00 16.85 ? 36  THR A CA  1 
ATOM   272  C C   . THR A 1 36  ? -9.620  -12.154 -3.020  1.00 17.09 ? 36  THR A C   1 
ATOM   273  O O   . THR A 1 36  ? -10.293 -12.796 -3.846  1.00 17.82 ? 36  THR A O   1 
ATOM   274  C CB  . THR A 1 36  ? -8.263  -11.275 -5.001  1.00 16.95 ? 36  THR A CB  1 
ATOM   275  O OG1 . THR A 1 36  ? -7.562  -12.541 -4.893  1.00 17.71 ? 36  THR A OG1 1 
ATOM   276  C CG2 . THR A 1 36  ? -7.363  -10.184 -5.598  1.00 17.49 ? 36  THR A CG2 1 
ATOM   277  N N   . LYS A 1 37  ? -9.542  -12.365 -1.708  1.00 19.12 ? 37  LYS A N   1 
ATOM   278  C CA  . LYS A 1 37  ? -10.294 -13.479 -1.116  1.00 21.15 ? 37  LYS A CA  1 
ATOM   279  C C   . LYS A 1 37  ? -11.797 -13.347 -1.207  1.00 18.67 ? 37  LYS A C   1 
ATOM   280  O O   . LYS A 1 37  ? -12.354 -14.323 -1.766  1.00 20.03 ? 37  LYS A O   1 
ATOM   281  C CB  . LYS A 1 37  ? -9.857  -13.850 0.305   1.00 23.93 ? 37  LYS A CB  1 
ATOM   282  C CG  . LYS A 1 37  ? -9.046  -15.198 0.132   1.00 30.20 ? 37  LYS A CG  1 
ATOM   283  C CD  . LYS A 1 37  ? -8.119  -14.958 -1.105  1.00 32.83 ? 37  LYS A CD  1 
ATOM   284  C CE  . LYS A 1 37  ? -7.756  -16.286 -1.747  1.00 35.24 ? 37  LYS A CE  1 
ATOM   285  N NZ  . LYS A 1 37  ? -6.400  -16.207 -2.398  1.00 36.39 ? 37  LYS A NZ  1 
ATOM   286  N N   . ASP A 1 38  ? -12.417 -12.312 -0.749  1.00 17.58 ? 38  ASP A N   1 
ATOM   287  C CA  . ASP A 1 38  ? -13.875 -12.171 -0.809  1.00 16.97 ? 38  ASP A CA  1 
ATOM   288  C C   . ASP A 1 38  ? -14.423 -11.469 -2.035  1.00 16.51 ? 38  ASP A C   1 
ATOM   289  O O   . ASP A 1 38  ? -15.582 -11.664 -2.444  1.00 15.81 ? 38  ASP A O   1 
ATOM   290  C CB  . ASP A 1 38  ? -14.363 -11.422 0.460   1.00 18.51 ? 38  ASP A CB  1 
ATOM   291  C CG  . ASP A 1 38  ? -14.061 -12.199 1.685   1.00 21.99 ? 38  ASP A CG  1 
ATOM   292  O OD1 . ASP A 1 38  ? -14.305 -13.435 1.679   1.00 24.58 ? 38  ASP A OD1 1 
ATOM   293  O OD2 . ASP A 1 38  ? -13.547 -11.672 2.659   1.00 25.25 ? 38  ASP A OD2 1 
ATOM   294  N N   . ARG A 1 39  ? -13.591 -10.636 -2.615  1.00 15.39 ? 39  ARG A N   1 
ATOM   295  C CA  . ARG A 1 39  ? -13.897 -9.827  -3.784  1.00 14.99 ? 39  ARG A CA  1 
ATOM   296  C C   . ARG A 1 39  ? -12.587 -9.180  -4.273  1.00 13.73 ? 39  ARG A C   1 
ATOM   297  O O   . ARG A 1 39  ? -11.585 -9.197  -3.540  1.00 13.43 ? 39  ARG A O   1 
ATOM   298  C CB  . ARG A 1 39  ? -14.858 -8.696  -3.359  1.00 16.58 ? 39  ARG A CB  1 
ATOM   299  C CG  . ARG A 1 39  ? -14.307 -7.894  -2.181  1.00 21.91 ? 39  ARG A CG  1 
ATOM   300  C CD  . ARG A 1 39  ? -15.146 -6.786  -1.710  1.00 24.32 ? 39  ARG A CD  1 
ATOM   301  N NE  . ARG A 1 39  ? -14.525 -5.859  -0.818  1.00 28.23 ? 39  ARG A NE  1 
ATOM   302  C CZ  . ARG A 1 39  ? -14.147 -4.600  -0.968  1.00 29.57 ? 39  ARG A CZ  1 
ATOM   303  N NH1 . ARG A 1 39  ? -14.274 -3.920  -2.104  1.00 29.44 ? 39  ARG A NH1 1 
ATOM   304  N NH2 . ARG A 1 39  ? -13.650 -3.942  0.123   1.00 30.01 ? 39  ARG A NH2 1 
ATOM   305  N N   . CYS A 1 40  ? -12.636 -8.628  -5.463  1.00 13.80 ? 40  CYS A N   1 
ATOM   306  C CA  . CYS A 1 40  ? -11.436 -7.966  -6.026  1.00 13.85 ? 40  CYS A CA  1 
ATOM   307  C C   . CYS A 1 40  ? -11.284 -6.603  -5.373  1.00 14.61 ? 40  CYS A C   1 
ATOM   308  O O   . CYS A 1 40  ? -12.212 -5.791  -5.562  1.00 15.18 ? 40  CYS A O   1 
ATOM   309  C CB  . CYS A 1 40  ? -11.609 -7.794  -7.537  1.00 14.37 ? 40  CYS A CB  1 
ATOM   310  S SG  . CYS A 1 40  ? -11.940 -9.336  -8.434  1.00 13.74 ? 40  CYS A SG  1 
ATOM   311  N N   . LYS A 1 41  ? -10.191 -6.409  -4.657  1.00 16.01 ? 41  LYS A N   1 
ATOM   312  C CA  . LYS A 1 41  ? -9.968  -5.042  -4.041  1.00 17.06 ? 41  LYS A CA  1 
ATOM   313  C C   . LYS A 1 41  ? -9.709  -4.220  -5.314  1.00 16.40 ? 41  LYS A C   1 
ATOM   314  O O   . LYS A 1 41  ? -8.853  -4.698  -6.101  1.00 17.50 ? 41  LYS A O   1 
ATOM   315  C CB  . LYS A 1 41  ? -8.815  -5.059  -3.088  1.00 17.67 ? 41  LYS A CB  1 
ATOM   316  C CG  . LYS A 1 41  ? -8.471  -3.723  -2.476  1.00 19.94 ? 41  LYS A CG  1 
ATOM   317  C CD  . LYS A 1 41  ? -7.550  -3.784  -1.283  1.00 21.16 ? 41  LYS A CD  1 
ATOM   318  C CE  . LYS A 1 41  ? -7.136  -2.352  -0.865  1.00 21.71 ? 41  LYS A CE  1 
ATOM   319  N NZ  . LYS A 1 41  ? -6.137  -2.413  0.244   1.00 22.33 ? 41  LYS A NZ  1 
ATOM   320  N N   . PRO A 1 42  ? -10.396 -3.129  -5.552  1.00 14.86 ? 42  PRO A N   1 
ATOM   321  C CA  . PRO A 1 42  ? -10.257 -2.349  -6.743  1.00 14.16 ? 42  PRO A CA  1 
ATOM   322  C C   . PRO A 1 42  ? -8.936  -1.665  -6.981  1.00 14.56 ? 42  PRO A C   1 
ATOM   323  O O   . PRO A 1 42  ? -8.523  -1.567  -8.166  1.00 15.64 ? 42  PRO A O   1 
ATOM   324  C CB  . PRO A 1 42  ? -11.381 -1.310  -6.672  1.00 15.21 ? 42  PRO A CB  1 
ATOM   325  C CG  . PRO A 1 42  ? -11.809 -1.266  -5.271  1.00 15.12 ? 42  PRO A CG  1 
ATOM   326  C CD  . PRO A 1 42  ? -11.430 -2.596  -4.638  1.00 15.37 ? 42  PRO A CD  1 
ATOM   327  N N   . VAL A 1 43  ? -8.299  -1.204  -5.968  1.00 13.66 ? 43  VAL A N   1 
ATOM   328  C CA  . VAL A 1 43  ? -7.020  -0.499  -5.995  1.00 13.73 ? 43  VAL A CA  1 
ATOM   329  C C   . VAL A 1 43  ? -6.177  -0.864  -4.781  1.00 12.89 ? 43  VAL A C   1 
ATOM   330  O O   . VAL A 1 43  ? -6.756  -1.016  -3.679  1.00 14.30 ? 43  VAL A O   1 
ATOM   331  C CB  . VAL A 1 43  ? -7.305  1.039   -5.940  1.00 13.81 ? 43  VAL A CB  1 
ATOM   332  C CG1 . VAL A 1 43  ? -6.089  1.858   -5.555  1.00 17.25 ? 43  VAL A CG1 1 
ATOM   333  C CG2 . VAL A 1 43  ? -7.914  1.523   -7.220  1.00 15.58 ? 43  VAL A CG2 1 
ATOM   334  N N   . ASN A 1 44  ? -4.892  -0.971  -4.957  1.00 11.39 ? 44  ASN A N   1 
ATOM   335  C CA  . ASN A 1 44  ? -3.981  -1.282  -3.867  1.00 10.88 ? 44  ASN A CA  1 
ATOM   336  C C   . ASN A 1 44  ? -2.564  -0.814  -4.223  1.00 10.85 ? 44  ASN A C   1 
ATOM   337  O O   . ASN A 1 44  ? -2.259  -0.902  -5.406  1.00 12.93 ? 44  ASN A O   1 
ATOM   338  C CB  . ASN A 1 44  ? -3.997  -2.775  -3.515  1.00 10.08 ? 44  ASN A CB  1 
ATOM   339  C CG  . ASN A 1 44  ? -3.244  -2.955  -2.188  1.00 12.34 ? 44  ASN A CG  1 
ATOM   340  O OD1 . ASN A 1 44  ? -3.702  -2.349  -1.188  1.00 14.02 ? 44  ASN A OD1 1 
ATOM   341  N ND2 . ASN A 1 44  ? -2.174  -3.715  -2.199  1.00 11.67 ? 44  ASN A ND2 1 
ATOM   342  N N   . THR A 1 45  ? -1.835  -0.357  -3.248  1.00 9.41  ? 45  THR A N   1 
ATOM   343  C CA  . THR A 1 45  ? -0.472  0.098   -3.447  1.00 10.07 ? 45  THR A CA  1 
ATOM   344  C C   . THR A 1 45  ? 0.509   -0.705  -2.550  1.00 9.97  ? 45  THR A C   1 
ATOM   345  O O   . THR A 1 45  ? 0.273   -0.873  -1.340  1.00 9.81  ? 45  THR A O   1 
ATOM   346  C CB  . THR A 1 45  ? -0.247  1.623   -3.056  1.00 10.76 ? 45  THR A CB  1 
ATOM   347  O OG1 . THR A 1 45  ? -1.324  2.377   -3.608  1.00 11.63 ? 45  THR A OG1 1 
ATOM   348  C CG2 . THR A 1 45  ? 1.143   2.118   -3.527  1.00 11.48 ? 45  THR A CG2 1 
ATOM   349  N N   . PHE A 1 46  ? 1.588   -1.122  -3.161  1.00 8.98  ? 46  PHE A N   1 
ATOM   350  C CA  . PHE A 1 46  ? 2.664   -1.838  -2.474  1.00 8.92  ? 46  PHE A CA  1 
ATOM   351  C C   . PHE A 1 46  ? 3.865   -0.863  -2.314  1.00 9.59  ? 46  PHE A C   1 
ATOM   352  O O   . PHE A 1 46  ? 4.099   -0.099  -3.257  1.00 10.21 ? 46  PHE A O   1 
ATOM   353  C CB  . PHE A 1 46  ? 3.101   -3.110  -3.169  1.00 8.48  ? 46  PHE A CB  1 
ATOM   354  C CG  . PHE A 1 46  ? 2.049   -4.167  -3.095  1.00 10.50 ? 46  PHE A CG  1 
ATOM   355  C CD1 . PHE A 1 46  ? 1.982   -4.983  -1.959  1.00 12.81 ? 46  PHE A CD1 1 
ATOM   356  C CD2 . PHE A 1 46  ? 1.137   -4.326  -4.145  1.00 12.00 ? 46  PHE A CD2 1 
ATOM   357  C CE1 . PHE A 1 46  ? 1.009   -5.972  -1.855  1.00 11.88 ? 46  PHE A CE1 1 
ATOM   358  C CE2 . PHE A 1 46  ? 0.148   -5.323  -4.053  1.00 13.94 ? 46  PHE A CE2 1 
ATOM   359  C CZ  . PHE A 1 46  ? 0.105   -6.130  -2.898  1.00 13.44 ? 46  PHE A CZ  1 
ATOM   360  N N   . VAL A 1 47  ? 4.517   -0.927  -1.198  1.00 9.28  ? 47  VAL A N   1 
ATOM   361  C CA  . VAL A 1 47  ? 5.706   -0.036  -0.956  1.00 9.77  ? 47  VAL A CA  1 
ATOM   362  C C   . VAL A 1 47  ? 6.940   -0.936  -0.931  1.00 10.39 ? 47  VAL A C   1 
ATOM   363  O O   . VAL A 1 47  ? 7.007   -1.899  -0.159  1.00 11.02 ? 47  VAL A O   1 
ATOM   364  C CB  . VAL A 1 47  ? 5.463   0.806   0.283   1.00 10.32 ? 47  VAL A CB  1 
ATOM   365  C CG1 . VAL A 1 47  ? 6.606   1.805   0.570   1.00 11.14 ? 47  VAL A CG1 1 
ATOM   366  C CG2 . VAL A 1 47  ? 4.147   1.578   0.243   1.00 9.86  ? 47  VAL A CG2 1 
ATOM   367  N N   . HIS A 1 48  ? 7.929   -0.627  -1.748  1.00 10.23 ? 48  HIS A N   1 
ATOM   368  C CA  . HIS A 1 48  ? 9.167   -1.375  -1.873  1.00 10.93 ? 48  HIS A CA  1 
ATOM   369  C C   . HIS A 1 48  ? 10.330  -0.749  -1.114  1.00 11.95 ? 48  HIS A C   1 
ATOM   370  O O   . HIS A 1 48  ? 11.354  -0.403  -1.725  1.00 13.46 ? 48  HIS A O   1 
ATOM   371  C CB  . HIS A 1 48  ? 9.636   -1.521  -3.344  1.00 10.21 ? 48  HIS A CB  1 
ATOM   372  C CG  . HIS A 1 48  ? 8.558   -2.126  -4.187  1.00 10.30 ? 48  HIS A CG  1 
ATOM   373  N ND1 . HIS A 1 48  ? 8.328   -3.437  -4.289  1.00 12.83 ? 48  HIS A ND1 1 
ATOM   374  C CD2 . HIS A 1 48  ? 7.674   -1.503  -5.018  1.00 12.14 ? 48  HIS A CD2 1 
ATOM   375  C CE1 . HIS A 1 48  ? 7.306   -3.632  -5.156  1.00 12.24 ? 48  HIS A CE1 1 
ATOM   376  N NE2 . HIS A 1 48  ? 6.917   -2.476  -5.605  1.00 11.52 ? 48  HIS A NE2 1 
ATOM   377  N N   . GLU A 1 49  ? 10.155  -0.618  0.157   1.00 12.73 ? 49  GLU A N   1 
ATOM   378  C CA  . GLU A 1 49  ? 11.070  -0.040  1.113   1.00 12.90 ? 49  GLU A CA  1 
ATOM   379  C C   . GLU A 1 49  ? 11.094  -0.861  2.372   1.00 12.49 ? 49  GLU A C   1 
ATOM   380  O O   . GLU A 1 49  ? 10.170  -1.682  2.615   1.00 12.80 ? 49  GLU A O   1 
ATOM   381  C CB  . GLU A 1 49  ? 10.575  1.383   1.506   1.00 14.55 ? 49  GLU A CB  1 
ATOM   382  C CG  . GLU A 1 49  ? 10.392  2.397   0.343   1.00 14.35 ? 49  GLU A CG  1 
ATOM   383  C CD  . GLU A 1 49  ? 11.621  2.859   -0.383  1.00 14.46 ? 49  GLU A CD  1 
ATOM   384  O OE1 . GLU A 1 49  ? 12.654  2.686   0.288   1.00 15.37 ? 49  GLU A OE1 1 
ATOM   385  O OE2 . GLU A 1 49  ? 11.663  3.318   -1.511  1.00 12.97 ? 49  GLU A OE2 1 
ATOM   386  N N   . SER A 1 50  ? 12.108  -0.631  3.191   1.00 13.62 ? 50  SER A N   1 
ATOM   387  C CA  . SER A 1 50  ? 12.173  -1.404  4.482   1.00 13.65 ? 50  SER A CA  1 
ATOM   388  C C   . SER A 1 50  ? 11.000  -0.947  5.356   1.00 12.92 ? 50  SER A C   1 
ATOM   389  O O   . SER A 1 50  ? 10.524  0.188   5.265   1.00 12.09 ? 50  SER A O   1 
ATOM   390  C CB  . SER A 1 50  ? 13.478  -1.229  5.221   1.00 14.07 ? 50  SER A CB  1 
ATOM   391  O OG  . SER A 1 50  ? 13.470  0.127   5.624   1.00 16.11 ? 50  SER A OG  1 
ATOM   392  N N   . LEU A 1 51  ? 10.574  -1.882  6.194   1.00 12.54 ? 51  LEU A N   1 
ATOM   393  C CA  . LEU A 1 51  ? 9.454   -1.593  7.105   1.00 12.73 ? 51  LEU A CA  1 
ATOM   394  C C   . LEU A 1 51  ? 9.819   -0.463  8.026   1.00 12.70 ? 51  LEU A C   1 
ATOM   395  O O   . LEU A 1 51  ? 8.956   0.397   8.278   1.00 13.78 ? 51  LEU A O   1 
ATOM   396  C CB  . LEU A 1 51  ? 9.063   -2.891  7.816   1.00 15.47 ? 51  LEU A CB  1 
ATOM   397  C CG  . LEU A 1 51  ? 7.868   -2.708  8.774   1.00 16.75 ? 51  LEU A CG  1 
ATOM   398  C CD1 . LEU A 1 51  ? 6.653   -2.279  7.967   1.00 16.23 ? 51  LEU A CD1 1 
ATOM   399  C CD2 . LEU A 1 51  ? 7.657   -4.026  9.506   1.00 18.62 ? 51  LEU A CD2 1 
ATOM   400  N N   . ALA A 1 52  ? 11.061  -0.436  8.551   1.00 12.20 ? 52  ALA A N   1 
ATOM   401  C CA  . ALA A 1 52  ? 11.508  0.645   9.435   1.00 10.67 ? 52  ALA A CA  1 
ATOM   402  C C   . ALA A 1 52  ? 11.321  2.006   8.771   1.00 10.67 ? 52  ALA A C   1 
ATOM   403  O O   . ALA A 1 52  ? 10.796  2.943   9.425   1.00 11.47 ? 52  ALA A O   1 
ATOM   404  C CB  . ALA A 1 52  ? 12.956  0.379   9.816   1.00 11.27 ? 52  ALA A CB  1 
ATOM   405  N N   . ASP A 1 53  ? 11.709  2.155   7.513   1.00 9.05  ? 53  ASP A N   1 
ATOM   406  C CA  . ASP A 1 53  ? 11.555  3.403   6.770   1.00 10.40 ? 53  ASP A CA  1 
ATOM   407  C C   . ASP A 1 53  ? 10.081  3.824   6.677   1.00 10.45 ? 53  ASP A C   1 
ATOM   408  O O   . ASP A 1 53  ? 9.797   5.035   6.766   1.00 12.19 ? 53  ASP A O   1 
ATOM   409  C CB  . ASP A 1 53  ? 12.147  3.350   5.345   1.00 12.75 ? 53  ASP A CB  1 
ATOM   410  C CG  . ASP A 1 53  ? 13.644  3.493   5.403   1.00 14.71 ? 53  ASP A CG  1 
ATOM   411  O OD1 . ASP A 1 53  ? 14.178  3.777   6.467   1.00 17.97 ? 53  ASP A OD1 1 
ATOM   412  O OD2 . ASP A 1 53  ? 14.289  3.325   4.383   1.00 18.74 ? 53  ASP A OD2 1 
ATOM   413  N N   . VAL A 1 54  ? 9.210   2.853   6.494   1.00 10.00 ? 54  VAL A N   1 
ATOM   414  C CA  . VAL A 1 54  ? 7.766   3.179   6.396   1.00 9.01  ? 54  VAL A CA  1 
ATOM   415  C C   . VAL A 1 54  ? 7.223   3.476   7.778   1.00 8.87  ? 54  VAL A C   1 
ATOM   416  O O   . VAL A 1 54  ? 6.408   4.394   7.851   1.00 9.10  ? 54  VAL A O   1 
ATOM   417  C CB  . VAL A 1 54  ? 7.001   2.150   5.594   1.00 9.69  ? 54  VAL A CB  1 
ATOM   418  C CG1 . VAL A 1 54  ? 5.509   2.487   5.550   1.00 12.08 ? 54  VAL A CG1 1 
ATOM   419  C CG2 . VAL A 1 54  ? 7.587   2.061   4.186   1.00 9.93  ? 54  VAL A CG2 1 
ATOM   420  N N   . GLN A 1 55  ? 7.663   2.730   8.771   1.00 9.38  ? 55  GLN A N   1 
ATOM   421  C CA  . GLN A 1 55  ? 7.201   3.014   10.149  1.00 10.81 ? 55  GLN A CA  1 
ATOM   422  C C   . GLN A 1 55  ? 7.641   4.420   10.534  1.00 12.00 ? 55  GLN A C   1 
ATOM   423  O O   . GLN A 1 55  ? 6.897   5.094   11.241  1.00 13.80 ? 55  GLN A O   1 
ATOM   424  C CB  . GLN A 1 55  ? 7.698   2.036   11.178  1.00 10.16 ? 55  GLN A CB  1 
ATOM   425  C CG  . GLN A 1 55  ? 7.118   0.660   10.961  1.00 13.88 ? 55  GLN A CG  1 
ATOM   426  C CD  . GLN A 1 55  ? 7.759   -0.452  11.743  1.00 12.78 ? 55  GLN A CD  1 
ATOM   427  O OE1 . GLN A 1 55  ? 8.946   -0.417  12.034  1.00 17.62 ? 55  GLN A OE1 1 
ATOM   428  N NE2 . GLN A 1 55  ? 6.978   -1.440  12.103  1.00 13.80 ? 55  GLN A NE2 1 
ATOM   429  N N   . ALA A 1 56  ? 8.837   4.853   10.093  1.00 12.49 ? 56  ALA A N   1 
ATOM   430  C CA  . ALA A 1 56  ? 9.291   6.217   10.475  1.00 12.44 ? 56  ALA A CA  1 
ATOM   431  C C   . ALA A 1 56  ? 8.401   7.333   9.960   1.00 11.61 ? 56  ALA A C   1 
ATOM   432  O O   . ALA A 1 56  ? 8.525   8.481   10.461  1.00 11.19 ? 56  ALA A O   1 
ATOM   433  C CB  . ALA A 1 56  ? 10.716  6.432   9.943   1.00 11.87 ? 56  ALA A CB  1 
ATOM   434  N N   . VAL A 1 57  ? 7.570   7.030   8.973   1.00 10.70 ? 57  VAL A N   1 
ATOM   435  C CA  . VAL A 1 57  ? 6.683   8.073   8.415   1.00 10.44 ? 57  VAL A CA  1 
ATOM   436  C C   . VAL A 1 57  ? 5.789   8.593   9.525   1.00 10.22 ? 57  VAL A C   1 
ATOM   437  O O   . VAL A 1 57  ? 5.442   9.786   9.466   1.00 10.92 ? 57  VAL A O   1 
ATOM   438  C CB  . VAL A 1 57  ? 6.001   7.626   7.104   1.00 8.97  ? 57  VAL A CB  1 
ATOM   439  C CG1 . VAL A 1 57  ? 5.069   8.707   6.575   1.00 9.97  ? 57  VAL A CG1 1 
ATOM   440  C CG2 . VAL A 1 57  ? 6.975   7.239   6.005   1.00 8.39  ? 57  VAL A CG2 1 
ATOM   441  N N   . CYS A 1 58  ? 5.462   7.791   10.513  1.00 11.02 ? 58  CYS A N   1 
ATOM   442  C CA  . CYS A 1 58  ? 4.596   8.225   11.616  1.00 13.43 ? 58  CYS A CA  1 
ATOM   443  C C   . CYS A 1 58  ? 5.150   9.366   12.442  1.00 14.67 ? 58  CYS A C   1 
ATOM   444  O O   . CYS A 1 58  ? 4.348   9.884   13.254  1.00 16.20 ? 58  CYS A O   1 
ATOM   445  C CB  . CYS A 1 58  ? 4.104   7.098   12.540  1.00 12.63 ? 58  CYS A CB  1 
ATOM   446  S SG  . CYS A 1 58  ? 3.115   5.909   11.527  1.00 13.33 ? 58  CYS A SG  1 
ATOM   447  N N   . SER A 1 59  ? 6.386   9.706   12.246  1.00 16.12 ? 59  SER A N   1 
ATOM   448  C CA  . SER A 1 59  ? 7.032   10.838  12.959  1.00 17.39 ? 59  SER A CA  1 
ATOM   449  C C   . SER A 1 59  ? 7.463   11.913  11.964  1.00 16.98 ? 59  SER A C   1 
ATOM   450  O O   . SER A 1 59  ? 8.257   12.811  12.319  1.00 18.18 ? 59  SER A O   1 
ATOM   451  C CB  . SER A 1 59  ? 8.150   10.341  13.875  1.00 19.61 ? 59  SER A CB  1 
ATOM   452  O OG  . SER A 1 59  ? 9.207   9.755   13.117  1.00 22.90 ? 59  SER A OG  1 
ATOM   453  N N   . GLN A 1 60  ? 6.972   11.882  10.739  1.00 15.22 ? 60  GLN A N   1 
ATOM   454  C CA  . GLN A 1 60  ? 7.354   12.891  9.726   1.00 14.03 ? 60  GLN A CA  1 
ATOM   455  C C   . GLN A 1 60  ? 6.316   13.979  9.651   1.00 14.91 ? 60  GLN A C   1 
ATOM   456  O O   . GLN A 1 60  ? 5.826   14.460  10.716  1.00 16.58 ? 60  GLN A O   1 
ATOM   457  C CB  . GLN A 1 60  ? 7.744   12.218  8.413   1.00 14.97 ? 60  GLN A CB  1 
ATOM   458  C CG  . GLN A 1 60  ? 9.080   11.457  8.664   1.00 15.72 ? 60  GLN A CG  1 
ATOM   459  C CD  . GLN A 1 60  ? 9.499   10.600  7.517   1.00 15.03 ? 60  GLN A CD  1 
ATOM   460  O OE1 . GLN A 1 60  ? 9.027   10.680  6.390   1.00 16.13 ? 60  GLN A OE1 1 
ATOM   461  N NE2 . GLN A 1 60  ? 10.434  9.688   7.788   1.00 16.57 ? 60  GLN A NE2 1 
ATOM   462  N N   . LYS A 1 61  ? 5.911   14.407  8.496   1.00 14.75 ? 61  LYS A N   1 
ATOM   463  C CA  . LYS A 1 61  ? 4.968   15.485  8.287   1.00 16.02 ? 61  LYS A CA  1 
ATOM   464  C C   . LYS A 1 61  ? 3.516   15.172  8.533   1.00 15.70 ? 61  LYS A C   1 
ATOM   465  O O   . LYS A 1 61  ? 2.944   14.420  7.723   1.00 15.42 ? 61  LYS A O   1 
ATOM   466  C CB  . LYS A 1 61  ? 5.146   16.049  6.852   1.00 17.44 ? 61  LYS A CB  1 
ATOM   467  C CG  . LYS A 1 61  ? 4.575   17.475  6.833   1.00 22.01 ? 61  LYS A CG  1 
ATOM   468  C CD  . LYS A 1 61  ? 5.024   18.186  5.583   1.00 27.74 ? 61  LYS A CD  1 
ATOM   469  C CE  . LYS A 1 61  ? 6.552   18.217  5.429   1.00 30.26 ? 61  LYS A CE  1 
ATOM   470  N NZ  . LYS A 1 61  ? 6.844   18.846  4.078   1.00 32.94 ? 61  LYS A NZ  1 
ATOM   471  N N   . ASN A 1 62  ? 2.958   15.751  9.565   1.00 15.71 ? 62  ASN A N   1 
ATOM   472  C CA  . ASN A 1 62  ? 1.549   15.564  9.949   1.00 16.15 ? 62  ASN A CA  1 
ATOM   473  C C   . ASN A 1 62  ? 0.672   16.355  8.977   1.00 16.33 ? 62  ASN A C   1 
ATOM   474  O O   . ASN A 1 62  ? 0.913   17.535  8.748   1.00 16.73 ? 62  ASN A O   1 
ATOM   475  C CB  . ASN A 1 62  ? 1.284   15.929  11.401  1.00 17.88 ? 62  ASN A CB  1 
ATOM   476  C CG  . ASN A 1 62  ? -0.135  15.673  11.851  1.00 20.74 ? 62  ASN A CG  1 
ATOM   477  O OD1 . ASN A 1 62  ? -0.673  16.465  12.644  1.00 21.80 ? 62  ASN A OD1 1 
ATOM   478  N ND2 . ASN A 1 62  ? -0.794  14.598  11.411  1.00 19.72 ? 62  ASN A ND2 1 
ATOM   479  N N   . VAL A 1 63  ? -0.313  15.659  8.435   1.00 14.58 ? 63  VAL A N   1 
ATOM   480  C CA  . VAL A 1 63  ? -1.239  16.210  7.464   1.00 14.05 ? 63  VAL A CA  1 
ATOM   481  C C   . VAL A 1 63  ? -2.629  15.575  7.660   1.00 13.59 ? 63  VAL A C   1 
ATOM   482  O O   . VAL A 1 63  ? -2.782  14.576  8.361   1.00 12.69 ? 63  VAL A O   1 
ATOM   483  C CB  . VAL A 1 63  ? -0.697  16.028  6.023   1.00 14.39 ? 63  VAL A CB  1 
ATOM   484  C CG1 . VAL A 1 63  ? 0.739   16.549  5.878   1.00 15.28 ? 63  VAL A CG1 1 
ATOM   485  C CG2 . VAL A 1 63  ? -0.785  14.605  5.500   1.00 14.39 ? 63  VAL A CG2 1 
ATOM   486  N N   . ALA A 1 64  ? -3.556  16.232  7.011   1.00 12.80 ? 64  ALA A N   1 
ATOM   487  C CA  . ALA A 1 64  ? -4.967  15.746  7.058   1.00 13.37 ? 64  ALA A CA  1 
ATOM   488  C C   . ALA A 1 64  ? -5.073  14.581  6.079   1.00 12.23 ? 64  ALA A C   1 
ATOM   489  O O   . ALA A 1 64  ? -4.463  14.561  4.978   1.00 12.52 ? 64  ALA A O   1 
ATOM   490  C CB  . ALA A 1 64  ? -5.931  16.868  6.753   1.00 12.58 ? 64  ALA A CB  1 
ATOM   491  N N   . CYS A 1 65  ? -5.840  13.601  6.467   1.00 11.69 ? 65  CYS A N   1 
ATOM   492  C CA  . CYS A 1 65  ? -6.122  12.420  5.635   1.00 11.36 ? 65  CYS A CA  1 
ATOM   493  C C   . CYS A 1 65  ? -7.190  12.935  4.623   1.00 11.52 ? 65  CYS A C   1 
ATOM   494  O O   . CYS A 1 65  ? -7.784  13.967  4.883   1.00 11.20 ? 65  CYS A O   1 
ATOM   495  C CB  . CYS A 1 65  ? -6.711  11.276  6.407   1.00 12.18 ? 65  CYS A CB  1 
ATOM   496  S SG  . CYS A 1 65  ? -5.675  10.724  7.764   1.00 12.99 ? 65  CYS A SG  1 
ATOM   497  N N   . LYS A 1 66  ? -7.321  12.177  3.586   1.00 12.87 ? 66  LYS A N   1 
ATOM   498  C CA  . LYS A 1 66  ? -8.315  12.579  2.533   1.00 16.24 ? 66  LYS A CA  1 
ATOM   499  C C   . LYS A 1 66  ? -9.680  12.738  3.157   1.00 17.08 ? 66  LYS A C   1 
ATOM   500  O O   . LYS A 1 66  ? -10.450 13.649  2.717   1.00 17.52 ? 66  LYS A O   1 
ATOM   501  C CB  . LYS A 1 66  ? -8.135  11.696  1.352   1.00 17.83 ? 66  LYS A CB  1 
ATOM   502  C CG  . LYS A 1 66  ? -9.223  10.975  0.646   1.00 24.05 ? 66  LYS A CG  1 
ATOM   503  C CD  . LYS A 1 66  ? -9.234  9.468   0.953   1.00 26.24 ? 66  LYS A CD  1 
ATOM   504  C CE  . LYS A 1 66  ? -7.878  8.823   0.747   1.00 27.99 ? 66  LYS A CE  1 
ATOM   505  N NZ  . LYS A 1 66  ? -7.834  7.440   1.365   1.00 28.52 ? 66  LYS A NZ  1 
ATOM   506  N N   . ASN A 1 67  ? -10.036 11.960  4.169   1.00 16.51 ? 67  ASN A N   1 
ATOM   507  C CA  . ASN A 1 67  ? -11.352 12.061  4.814   1.00 16.94 ? 67  ASN A CA  1 
ATOM   508  C C   . ASN A 1 67  ? -11.403 13.085  5.942   1.00 16.73 ? 67  ASN A C   1 
ATOM   509  O O   . ASN A 1 67  ? -12.444 13.157  6.649   1.00 16.57 ? 67  ASN A O   1 
ATOM   510  C CB  . ASN A 1 67  ? -11.784 10.652  5.269   1.00 18.49 ? 67  ASN A CB  1 
ATOM   511  C CG  . ASN A 1 67  ? -11.054 10.305  6.563   1.00 22.76 ? 67  ASN A CG  1 
ATOM   512  O OD1 . ASN A 1 67  ? -10.041 10.900  6.981   1.00 22.64 ? 67  ASN A OD1 1 
ATOM   513  N ND2 . ASN A 1 67  ? -11.625 9.281   7.273   1.00 23.63 ? 67  ASN A ND2 1 
ATOM   514  N N   . GLY A 1 68  ? -10.353 13.860  6.149   1.00 14.12 ? 68  GLY A N   1 
ATOM   515  C CA  . GLY A 1 68  ? -10.360 14.895  7.187   1.00 13.58 ? 68  GLY A CA  1 
ATOM   516  C C   . GLY A 1 68  ? -9.776  14.537  8.510   1.00 14.49 ? 68  GLY A C   1 
ATOM   517  O O   . GLY A 1 68  ? -9.579  15.410  9.397   1.00 14.99 ? 68  GLY A O   1 
ATOM   518  N N   . GLN A 1 69  ? -9.486  13.252  8.717   1.00 15.65 ? 69  GLN A N   1 
ATOM   519  C CA  . GLN A 1 69  ? -8.875  12.792  9.979   1.00 16.48 ? 69  GLN A CA  1 
ATOM   520  C C   . GLN A 1 69  ? -7.484  13.452  9.999   1.00 16.36 ? 69  GLN A C   1 
ATOM   521  O O   . GLN A 1 69  ? -6.849  13.669  8.958   1.00 16.01 ? 69  GLN A O   1 
ATOM   522  C CB  . GLN A 1 69  ? -8.693  11.308  10.161  1.00 18.06 ? 69  GLN A CB  1 
ATOM   523  C CG  . GLN A 1 69  ? -9.948  10.490  10.126  1.00 21.08 ? 69  GLN A CG  1 
ATOM   524  C CD  . GLN A 1 69  ? -9.722  9.007   10.007  1.00 24.64 ? 69  GLN A CD  1 
ATOM   525  O OE1 . GLN A 1 69  ? -10.570 8.314   9.436   1.00 27.25 ? 69  GLN A OE1 1 
ATOM   526  N NE2 . GLN A 1 69  ? -8.580  8.499   10.493  1.00 24.69 ? 69  GLN A NE2 1 
ATOM   527  N N   . THR A 1 70  ? -7.053  13.682  11.187  1.00 14.86 ? 70  THR A N   1 
ATOM   528  C CA  . THR A 1 70  ? -5.795  14.336  11.509  1.00 15.47 ? 70  THR A CA  1 
ATOM   529  C C   . THR A 1 70  ? -4.653  13.535  11.958  1.00 14.21 ? 70  THR A C   1 
ATOM   530  O O   . THR A 1 70  ? -3.619  14.067  12.415  1.00 15.65 ? 70  THR A O   1 
ATOM   531  C CB  . THR A 1 70  ? -6.463  15.430  12.541  1.00 15.01 ? 70  THR A CB  1 
ATOM   532  O OG1 . THR A 1 70  ? -6.549  16.536  11.588  1.00 20.02 ? 70  THR A OG1 1 
ATOM   533  C CG2 . THR A 1 70  ? -5.833  15.544  13.800  1.00 16.48 ? 70  THR A CG2 1 
ATOM   534  N N   . ASN A 1 71  ? -4.696  12.213  11.825  1.00 14.29 ? 71  ASN A N   1 
ATOM   535  C CA  . ASN A 1 71  ? -3.597  11.309  12.201  1.00 14.10 ? 71  ASN A CA  1 
ATOM   536  C C   . ASN A 1 71  ? -2.836  10.749  10.995  1.00 14.48 ? 71  ASN A C   1 
ATOM   537  O O   . ASN A 1 71  ? -2.272  9.649   11.082  1.00 13.51 ? 71  ASN A O   1 
ATOM   538  C CB  . ASN A 1 71  ? -4.142  10.213  13.116  1.00 15.72 ? 71  ASN A CB  1 
ATOM   539  C CG  . ASN A 1 71  ? -5.144  9.328   12.434  1.00 15.92 ? 71  ASN A CG  1 
ATOM   540  O OD1 . ASN A 1 71  ? -5.981  9.787   11.624  1.00 17.05 ? 71  ASN A OD1 1 
ATOM   541  N ND2 . ASN A 1 71  ? -5.012  8.041   12.748  1.00 16.38 ? 71  ASN A ND2 1 
ATOM   542  N N   . CYS A 1 72  ? -2.802  11.485  9.886   1.00 14.12 ? 72  CYS A N   1 
ATOM   543  C CA  . CYS A 1 72  ? -2.073  11.112  8.674   1.00 12.46 ? 72  CYS A CA  1 
ATOM   544  C C   . CYS A 1 72  ? -0.682  11.807  8.728   1.00 12.74 ? 72  CYS A C   1 
ATOM   545  O O   . CYS A 1 72  ? -0.435  12.840  9.373   1.00 12.19 ? 72  CYS A O   1 
ATOM   546  C CB  . CYS A 1 72  ? -2.806  11.407  7.404   1.00 12.70 ? 72  CYS A CB  1 
ATOM   547  S SG  . CYS A 1 72  ? -3.992  10.095  6.870   1.00 14.86 ? 72  CYS A SG  1 
ATOM   548  N N   . TYR A 1 73  ? 0.245   11.181  8.041   1.00 12.13 ? 73  TYR A N   1 
ATOM   549  C CA  . TYR A 1 73  ? 1.642   11.625  7.940   1.00 11.73 ? 73  TYR A CA  1 
ATOM   550  C C   . TYR A 1 73  ? 2.132   11.347  6.520   1.00 12.17 ? 73  TYR A C   1 
ATOM   551  O O   . TYR A 1 73  ? 1.847   10.294  5.942   1.00 11.46 ? 73  TYR A O   1 
ATOM   552  C CB  . TYR A 1 73  ? 2.516   10.907  8.992   1.00 10.93 ? 73  TYR A CB  1 
ATOM   553  C CG  . TYR A 1 73  ? 2.058   11.286  10.375  1.00 12.68 ? 73  TYR A CG  1 
ATOM   554  C CD1 . TYR A 1 73  ? 1.031   10.580  10.997  1.00 14.29 ? 73  TYR A CD1 1 
ATOM   555  C CD2 . TYR A 1 73  ? 2.627   12.345  11.071  1.00 14.91 ? 73  TYR A CD2 1 
ATOM   556  C CE1 . TYR A 1 73  ? 0.583   10.902  12.260  1.00 15.79 ? 73  TYR A CE1 1 
ATOM   557  C CE2 . TYR A 1 73  ? 2.189   12.690  12.356  1.00 16.69 ? 73  TYR A CE2 1 
ATOM   558  C CZ  . TYR A 1 73  ? 1.153   11.964  12.932  1.00 16.58 ? 73  TYR A CZ  1 
ATOM   559  O OH  . TYR A 1 73  ? 0.689   12.266  14.191  1.00 18.97 ? 73  TYR A OH  1 
ATOM   560  N N   . GLN A 1 74  ? 2.856   12.320  6.021   1.00 12.18 ? 74  GLN A N   1 
ATOM   561  C CA  . GLN A 1 74  ? 3.439   12.308  4.670   1.00 12.54 ? 74  GLN A CA  1 
ATOM   562  C C   . GLN A 1 74  ? 4.947   12.117  4.751   1.00 11.75 ? 74  GLN A C   1 
ATOM   563  O O   . GLN A 1 74  ? 5.604   12.808  5.570   1.00 12.81 ? 74  GLN A O   1 
ATOM   564  C CB  . GLN A 1 74  ? 3.083   13.587  3.939   1.00 12.41 ? 74  GLN A CB  1 
ATOM   565  C CG  . GLN A 1 74  ? 3.644   13.572  2.529   1.00 17.38 ? 74  GLN A CG  1 
ATOM   566  C CD  . GLN A 1 74  ? 3.366   14.915  1.876   1.00 21.77 ? 74  GLN A CD  1 
ATOM   567  O OE1 . GLN A 1 74  ? 2.222   15.376  1.911   1.00 24.30 ? 74  GLN A OE1 1 
ATOM   568  N NE2 . GLN A 1 74  ? 4.400   15.476  1.286   1.00 25.24 ? 74  GLN A NE2 1 
ATOM   569  N N   . SER A 1 75  ? 5.458   11.208  3.963   1.00 12.00 ? 75  SER A N   1 
ATOM   570  C CA  . SER A 1 75  ? 6.902   10.919  3.995   1.00 13.08 ? 75  SER A CA  1 
ATOM   571  C C   . SER A 1 75  ? 7.650   12.179  3.508   1.00 14.86 ? 75  SER A C   1 
ATOM   572  O O   . SER A 1 75  ? 7.133   12.875  2.615   1.00 14.99 ? 75  SER A O   1 
ATOM   573  C CB  . SER A 1 75  ? 7.286   9.724   3.161   1.00 11.18 ? 75  SER A CB  1 
ATOM   574  O OG  . SER A 1 75  ? 6.915   9.910   1.820   1.00 11.53 ? 75  SER A OG  1 
ATOM   575  N N   . TYR A 1 76  ? 8.806   12.359  4.122   1.00 16.94 ? 76  TYR A N   1 
ATOM   576  C CA  . TYR A 1 76  ? 9.676   13.511  3.735   1.00 18.98 ? 76  TYR A CA  1 
ATOM   577  C C   . TYR A 1 76  ? 10.321  13.181  2.391   1.00 20.09 ? 76  TYR A C   1 
ATOM   578  O O   . TYR A 1 76  ? 10.562  14.079  1.556   1.00 22.27 ? 76  TYR A O   1 
ATOM   579  C CB  . TYR A 1 76  ? 10.705  13.762  4.824   1.00 18.32 ? 76  TYR A CB  1 
ATOM   580  C CG  . TYR A 1 76  ? 10.211  14.513  6.033   1.00 18.43 ? 76  TYR A CG  1 
ATOM   581  C CD1 . TYR A 1 76  ? 9.306   15.567  5.900   1.00 19.30 ? 76  TYR A CD1 1 
ATOM   582  C CD2 . TYR A 1 76  ? 10.682  14.199  7.308   1.00 19.53 ? 76  TYR A CD2 1 
ATOM   583  C CE1 . TYR A 1 76  ? 8.861   16.265  7.035   1.00 20.16 ? 76  TYR A CE1 1 
ATOM   584  C CE2 . TYR A 1 76  ? 10.256  14.889  8.432   1.00 19.19 ? 76  TYR A CE2 1 
ATOM   585  C CZ  . TYR A 1 76  ? 9.340   15.914  8.279   1.00 19.48 ? 76  TYR A CZ  1 
ATOM   586  O OH  . TYR A 1 76  ? 8.947   16.575  9.415   1.00 22.37 ? 76  TYR A OH  1 
ATOM   587  N N   . SER A 1 77  ? 10.579  11.920  2.182   1.00 19.87 ? 77  SER A N   1 
ATOM   588  C CA  . SER A 1 77  ? 11.194  11.356  0.982   1.00 20.57 ? 77  SER A CA  1 
ATOM   589  C C   . SER A 1 77  ? 10.207  10.594  0.105   1.00 19.12 ? 77  SER A C   1 
ATOM   590  O O   . SER A 1 77  ? 9.119   10.193  0.544   1.00 17.17 ? 77  SER A O   1 
ATOM   591  C CB  . SER A 1 77  ? 12.333  10.447  1.487   1.00 23.57 ? 77  SER A CB  1 
ATOM   592  O OG  . SER A 1 77  ? 13.038  9.860   0.372   1.00 31.38 ? 77  SER A OG  1 
ATOM   593  N N   . THR A 1 78  ? 10.580  10.441  -1.172  1.00 16.99 ? 78  THR A N   1 
ATOM   594  C CA  . THR A 1 78  ? 9.755   9.715   -2.130  1.00 15.78 ? 78  THR A CA  1 
ATOM   595  C C   . THR A 1 78  ? 10.213  8.236   -1.919  1.00 14.59 ? 78  THR A C   1 
ATOM   596  O O   . THR A 1 78  ? 11.328  7.980   -1.471  1.00 12.61 ? 78  THR A O   1 
ATOM   597  C CB  . THR A 1 78  ? 9.775   10.121  -3.617  1.00 16.51 ? 78  THR A CB  1 
ATOM   598  O OG1 . THR A 1 78  ? 11.139  9.902   -4.115  1.00 17.91 ? 78  THR A OG1 1 
ATOM   599  C CG2 . THR A 1 78  ? 9.322   11.529  -3.948  1.00 17.13 ? 78  THR A CG2 1 
ATOM   600  N N   . MET A 1 79  ? 9.261   7.368   -2.244  1.00 13.61 ? 79  MET A N   1 
ATOM   601  C CA  . MET A 1 79  ? 9.468   5.921   -2.104  1.00 12.15 ? 79  MET A CA  1 
ATOM   602  C C   . MET A 1 79  ? 9.118   5.143   -3.361  1.00 11.64 ? 79  MET A C   1 
ATOM   603  O O   . MET A 1 79  ? 8.336   5.598   -4.152  1.00 11.92 ? 79  MET A O   1 
ATOM   604  C CB  . MET A 1 79  ? 8.588   5.479   -0.908  1.00 11.92 ? 79  MET A CB  1 
ATOM   605  C CG  . MET A 1 79  ? 9.186   6.056   0.352   1.00 13.64 ? 79  MET A CG  1 
ATOM   606  S SD  . MET A 1 79  ? 8.276   5.290   1.775   1.00 16.94 ? 79  MET A SD  1 
ATOM   607  C CE  . MET A 1 79  ? 9.417   5.889   3.051   1.00 18.70 ? 79  MET A CE  1 
ATOM   608  N N   . SER A 1 80  ? 9.694   3.985   -3.548  1.00 10.72 ? 80  SER A N   1 
ATOM   609  C CA  . SER A 1 80  ? 9.449   3.132   -4.674  1.00 10.84 ? 80  SER A CA  1 
ATOM   610  C C   . SER A 1 80  ? 8.079   2.434   -4.345  1.00 11.45 ? 80  SER A C   1 
ATOM   611  O O   . SER A 1 80  ? 7.984   1.816   -3.302  1.00 11.53 ? 80  SER A O   1 
ATOM   612  C CB  . SER A 1 80  ? 10.548  2.138   -4.869  1.00 11.63 ? 80  SER A CB  1 
ATOM   613  O OG  . SER A 1 80  ? 10.165  1.211   -5.868  1.00 13.94 ? 80  SER A OG  1 
ATOM   614  N N   . ILE A 1 81  ? 7.117   2.650   -5.188  1.00 11.05 ? 81  ILE A N   1 
ATOM   615  C CA  . ILE A 1 81  ? 5.789   2.067   -4.999  1.00 11.25 ? 81  ILE A CA  1 
ATOM   616  C C   . ILE A 1 81  ? 5.278   1.499   -6.324  1.00 12.28 ? 81  ILE A C   1 
ATOM   617  O O   . ILE A 1 81  ? 5.677   1.850   -7.438  1.00 11.35 ? 81  ILE A O   1 
ATOM   618  C CB  . ILE A 1 81  ? 4.761   3.106   -4.455  1.00 11.75 ? 81  ILE A CB  1 
ATOM   619  C CG1 . ILE A 1 81  ? 4.521   4.124   -5.592  1.00 12.61 ? 81  ILE A CG1 1 
ATOM   620  C CG2 . ILE A 1 81  ? 5.198   3.783   -3.138  1.00 10.19 ? 81  ILE A CG2 1 
ATOM   621  C CD1 . ILE A 1 81  ? 3.247   4.968   -5.402  1.00 16.88 ? 81  ILE A CD1 1 
ATOM   622  N N   . THR A 1 82  ? 4.306   0.575   -6.110  1.00 11.54 ? 82  THR A N   1 
ATOM   623  C CA  . THR A 1 82  ? 3.614   -0.082  -7.191  1.00 10.84 ? 82  THR A CA  1 
ATOM   624  C C   . THR A 1 82  ? 2.098   0.151   -7.021  1.00 12.26 ? 82  THR A C   1 
ATOM   625  O O   . THR A 1 82  ? 1.587   -0.177  -5.922  1.00 13.09 ? 82  THR A O   1 
ATOM   626  C CB  . THR A 1 82  ? 3.877   -1.595  -7.434  1.00 10.30 ? 82  THR A CB  1 
ATOM   627  O OG1 . THR A 1 82  ? 5.305   -1.766  -7.696  1.00 12.19 ? 82  THR A OG1 1 
ATOM   628  C CG2 . THR A 1 82  ? 3.064   -2.155  -8.598  1.00 9.75  ? 82  THR A CG2 1 
ATOM   629  N N   . ASP A 1 83  ? 1.476   0.677   -8.031  1.00 11.69 ? 83  ASP A N   1 
ATOM   630  C CA  . ASP A 1 83  ? 0.025   0.916   -8.009  1.00 14.07 ? 83  ASP A CA  1 
ATOM   631  C C   . ASP A 1 83  ? -0.641  -0.255  -8.761  1.00 13.14 ? 83  ASP A C   1 
ATOM   632  O O   . ASP A 1 83  ? -0.196  -0.564  -9.847  1.00 11.48 ? 83  ASP A O   1 
ATOM   633  C CB  . ASP A 1 83  ? -0.396  2.220   -8.619  1.00 19.74 ? 83  ASP A CB  1 
ATOM   634  C CG  . ASP A 1 83  ? -1.032  3.161   -7.609  1.00 27.54 ? 83  ASP A CG  1 
ATOM   635  O OD1 . ASP A 1 83  ? -0.394  3.609   -6.607  1.00 31.12 ? 83  ASP A OD1 1 
ATOM   636  O OD2 . ASP A 1 83  ? -2.217  3.403   -7.924  1.00 28.88 ? 83  ASP A OD2 1 
ATOM   637  N N   . CYS A 1 84  ? -1.656  -0.810  -8.115  1.00 11.79 ? 84  CYS A N   1 
ATOM   638  C CA  . CYS A 1 84  ? -2.419  -1.924  -8.624  1.00 12.20 ? 84  CYS A CA  1 
ATOM   639  C C   . CYS A 1 84  ? -3.868  -1.446  -8.795  1.00 13.65 ? 84  CYS A C   1 
ATOM   640  O O   . CYS A 1 84  ? -4.448  -1.047  -7.806  1.00 14.87 ? 84  CYS A O   1 
ATOM   641  C CB  . CYS A 1 84  ? -2.314  -3.111  -7.705  1.00 11.64 ? 84  CYS A CB  1 
ATOM   642  S SG  . CYS A 1 84  ? -0.671  -3.810  -7.481  1.00 10.96 ? 84  CYS A SG  1 
ATOM   643  N N   . ARG A 1 85  ? -4.351  -1.531  -10.020 1.00 13.30 ? 85  ARG A N   1 
ATOM   644  C CA  . ARG A 1 85  ? -5.745  -1.074  -10.289 1.00 14.87 ? 85  ARG A CA  1 
ATOM   645  C C   . ARG A 1 85  ? -6.389  -2.109  -11.180 1.00 15.23 ? 85  ARG A C   1 
ATOM   646  O O   . ARG A 1 85  ? -5.830  -2.696  -12.118 1.00 14.35 ? 85  ARG A O   1 
ATOM   647  C CB  . ARG A 1 85  ? -5.711  0.335   -10.796 1.00 19.21 ? 85  ARG A CB  1 
ATOM   648  C CG  . ARG A 1 85  ? -6.880  1.138   -11.268 1.00 23.17 ? 85  ARG A CG  1 
ATOM   649  C CD  . ARG A 1 85  ? -6.491  2.638   -11.306 1.00 26.06 ? 85  ARG A CD  1 
ATOM   650  N NE  . ARG A 1 85  ? -5.390  2.803   -10.397 1.00 28.42 ? 85  ARG A NE  1 
ATOM   651  C CZ  . ARG A 1 85  ? -5.268  3.574   -9.345  1.00 30.63 ? 85  ARG A CZ  1 
ATOM   652  N NH1 . ARG A 1 85  ? -6.167  4.454   -8.862  1.00 32.09 ? 85  ARG A NH1 1 
ATOM   653  N NH2 . ARG A 1 85  ? -4.151  3.416   -8.616  1.00 32.38 ? 85  ARG A NH2 1 
ATOM   654  N N   . GLU A 1 86  ? -7.645  -2.397  -10.794 1.00 14.42 ? 86  GLU A N   1 
ATOM   655  C CA  . GLU A 1 86  ? -8.444  -3.383  -11.500 1.00 15.41 ? 86  GLU A CA  1 
ATOM   656  C C   . GLU A 1 86  ? -8.646  -3.006  -12.967 1.00 16.55 ? 86  GLU A C   1 
ATOM   657  O O   . GLU A 1 86  ? -8.891  -1.849  -13.297 1.00 16.61 ? 86  GLU A O   1 
ATOM   658  C CB  . GLU A 1 86  ? -9.811  -3.490  -10.820 1.00 16.45 ? 86  GLU A CB  1 
ATOM   659  C CG  . GLU A 1 86  ? -10.225 -4.886  -10.471 1.00 18.51 ? 86  GLU A CG  1 
ATOM   660  C CD  . GLU A 1 86  ? -11.633 -5.068  -9.953  1.00 17.22 ? 86  GLU A CD  1 
ATOM   661  O OE1 . GLU A 1 86  ? -12.032 -4.030  -9.385  1.00 18.17 ? 86  GLU A OE1 1 
ATOM   662  O OE2 . GLU A 1 86  ? -12.177 -6.126  -10.123 1.00 16.73 ? 86  GLU A OE2 1 
ATOM   663  N N   . THR A 1 87  ? -8.547  -4.008  -13.799 1.00 16.53 ? 87  THR A N   1 
ATOM   664  C CA  . THR A 1 87  ? -8.676  -3.978  -15.254 1.00 18.14 ? 87  THR A CA  1 
ATOM   665  C C   . THR A 1 87  ? -10.112 -4.209  -15.671 1.00 16.93 ? 87  THR A C   1 
ATOM   666  O O   . THR A 1 87  ? -10.896 -4.754  -14.864 1.00 17.48 ? 87  THR A O   1 
ATOM   667  C CB  . THR A 1 87  ? -7.709  -5.127  -15.836 1.00 18.56 ? 87  THR A CB  1 
ATOM   668  O OG1 . THR A 1 87  ? -7.039  -4.617  -17.001 1.00 24.04 ? 87  THR A OG1 1 
ATOM   669  C CG2 . THR A 1 87  ? -8.468  -6.409  -16.048 1.00 18.13 ? 87  THR A CG2 1 
ATOM   670  N N   . GLY A 1 88  ? -10.449 -3.793  -16.880 1.00 15.85 ? 88  GLY A N   1 
ATOM   671  C CA  . GLY A 1 88  ? -11.827 -3.994  -17.383 1.00 15.37 ? 88  GLY A CA  1 
ATOM   672  C C   . GLY A 1 88  ? -12.175 -5.453  -17.498 1.00 15.83 ? 88  GLY A C   1 
ATOM   673  O O   . GLY A 1 88  ? -13.379 -5.806  -17.516 1.00 17.54 ? 88  GLY A O   1 
ATOM   674  N N   . SER A 1 89  ? -11.194 -6.342  -17.566 1.00 14.92 ? 89  SER A N   1 
ATOM   675  C CA  . SER A 1 89  ? -11.390 -7.776  -17.679 1.00 15.20 ? 89  SER A CA  1 
ATOM   676  C C   . SER A 1 89  ? -11.434 -8.505  -16.351 1.00 16.08 ? 89  SER A C   1 
ATOM   677  O O   . SER A 1 89  ? -11.574 -9.744  -16.313 1.00 17.17 ? 89  SER A O   1 
ATOM   678  C CB  . SER A 1 89  ? -10.263 -8.425  -18.515 1.00 15.52 ? 89  SER A CB  1 
ATOM   679  O OG  . SER A 1 89  ? -10.543 -8.102  -19.853 1.00 19.62 ? 89  SER A OG  1 
ATOM   680  N N   . SER A 1 90  ? -11.305 -7.756  -15.284 1.00 15.80 ? 90  SER A N   1 
ATOM   681  C CA  . SER A 1 90  ? -11.321 -8.345  -13.926 1.00 15.18 ? 90  SER A CA  1 
ATOM   682  C C   . SER A 1 90  ? -12.767 -8.809  -13.644 1.00 14.58 ? 90  SER A C   1 
ATOM   683  O O   . SER A 1 90  ? -13.677 -8.019  -13.894 1.00 14.62 ? 90  SER A O   1 
ATOM   684  C CB  . SER A 1 90  ? -10.885 -7.342  -12.911 1.00 14.26 ? 90  SER A CB  1 
ATOM   685  O OG  . SER A 1 90  ? -10.777 -7.847  -11.610 1.00 15.33 ? 90  SER A OG  1 
ATOM   686  N N   . LYS A 1 91  ? -12.823 -10.006 -13.113 1.00 15.27 ? 91  LYS A N   1 
ATOM   687  C CA  . LYS A 1 91  ? -14.123 -10.630 -12.743 1.00 15.35 ? 91  LYS A CA  1 
ATOM   688  C C   . LYS A 1 91  ? -13.844 -11.727 -11.715 1.00 13.99 ? 91  LYS A C   1 
ATOM   689  O O   . LYS A 1 91  ? -13.256 -12.759 -12.016 1.00 15.21 ? 91  LYS A O   1 
ATOM   690  C CB  . LYS A 1 91  ? -14.843 -11.183 -13.919 1.00 19.06 ? 91  LYS A CB  1 
ATOM   691  C CG  . LYS A 1 91  ? -16.085 -12.018 -13.847 1.00 22.29 ? 91  LYS A CG  1 
ATOM   692  C CD  . LYS A 1 91  ? -17.366 -11.211 -13.741 1.00 26.11 ? 91  LYS A CD  1 
ATOM   693  C CE  . LYS A 1 91  ? -18.451 -11.514 -14.689 1.00 27.53 ? 91  LYS A CE  1 
ATOM   694  N NZ  . LYS A 1 91  ? -18.771 -12.920 -15.003 1.00 28.86 ? 91  LYS A NZ  1 
ATOM   695  N N   . TYR A 1 92  ? -14.290 -11.426 -10.524 1.00 13.94 ? 92  TYR A N   1 
ATOM   696  C CA  . TYR A 1 92  ? -14.141 -12.308 -9.373  1.00 14.11 ? 92  TYR A CA  1 
ATOM   697  C C   . TYR A 1 92  ? -14.529 -13.728 -9.747  1.00 15.17 ? 92  TYR A C   1 
ATOM   698  O O   . TYR A 1 92  ? -15.595 -13.891 -10.340 1.00 15.26 ? 92  TYR A O   1 
ATOM   699  C CB  . TYR A 1 92  ? -15.064 -11.813 -8.221  1.00 14.28 ? 92  TYR A CB  1 
ATOM   700  C CG  . TYR A 1 92  ? -14.811 -12.681 -7.006  1.00 14.49 ? 92  TYR A CG  1 
ATOM   701  C CD1 . TYR A 1 92  ? -13.745 -12.382 -6.152  1.00 14.60 ? 92  TYR A CD1 1 
ATOM   702  C CD2 . TYR A 1 92  ? -15.607 -13.797 -6.726  1.00 14.95 ? 92  TYR A CD2 1 
ATOM   703  C CE1 . TYR A 1 92  ? -13.474 -13.177 -5.040  1.00 16.49 ? 92  TYR A CE1 1 
ATOM   704  C CE2 . TYR A 1 92  ? -15.347 -14.591 -5.624  1.00 13.83 ? 92  TYR A CE2 1 
ATOM   705  C CZ  . TYR A 1 92  ? -14.304 -14.289 -4.778  1.00 15.45 ? 92  TYR A CZ  1 
ATOM   706  O OH  . TYR A 1 92  ? -14.049 -15.056 -3.690  1.00 15.54 ? 92  TYR A OH  1 
ATOM   707  N N   . PRO A 1 93  ? -13.752 -14.736 -9.408  1.00 16.67 ? 93  PRO A N   1 
ATOM   708  C CA  . PRO A 1 93  ? -12.513 -14.709 -8.654  1.00 16.97 ? 93  PRO A CA  1 
ATOM   709  C C   . PRO A 1 93  ? -11.261 -14.516 -9.447  1.00 17.16 ? 93  PRO A C   1 
ATOM   710  O O   . PRO A 1 93  ? -10.177 -14.550 -8.858  1.00 17.12 ? 93  PRO A O   1 
ATOM   711  C CB  . PRO A 1 93  ? -12.558 -16.025 -7.854  1.00 17.43 ? 93  PRO A CB  1 
ATOM   712  C CG  . PRO A 1 93  ? -13.369 -16.951 -8.701  1.00 18.68 ? 93  PRO A CG  1 
ATOM   713  C CD  . PRO A 1 93  ? -14.135 -16.126 -9.718  1.00 18.28 ? 93  PRO A CD  1 
ATOM   714  N N   . ASN A 1 94  ? -11.424 -14.263 -10.743 1.00 18.26 ? 94  ASN A N   1 
ATOM   715  C CA  . ASN A 1 94  ? -10.227 -14.028 -11.610 1.00 18.95 ? 94  ASN A CA  1 
ATOM   716  C C   . ASN A 1 94  ? -10.030 -12.517 -11.708 1.00 17.55 ? 94  ASN A C   1 
ATOM   717  O O   . ASN A 1 94  ? -10.307 -11.897 -12.709 1.00 17.64 ? 94  ASN A O   1 
ATOM   718  C CB  . ASN A 1 94  ? -10.388 -14.761 -12.922 1.00 20.74 ? 94  ASN A CB  1 
ATOM   719  C CG  . ASN A 1 94  ? -10.568 -16.252 -12.643 1.00 22.53 ? 94  ASN A CG  1 
ATOM   720  O OD1 . ASN A 1 94  ? -9.679  -16.914 -12.110 1.00 25.45 ? 94  ASN A OD1 1 
ATOM   721  N ND2 . ASN A 1 94  ? -11.750 -16.727 -12.971 1.00 24.42 ? 94  ASN A ND2 1 
ATOM   722  N N   . CYS A 1 95  ? -9.586  -11.978 -10.587 1.00 16.75 ? 95  CYS A N   1 
ATOM   723  C CA  . CYS A 1 95  ? -9.323  -10.543 -10.411 1.00 15.42 ? 95  CYS A CA  1 
ATOM   724  C C   . CYS A 1 95  ? -8.117  -10.220 -11.295 1.00 15.52 ? 95  CYS A C   1 
ATOM   725  O O   . CYS A 1 95  ? -7.185  -11.030 -11.252 1.00 17.32 ? 95  CYS A O   1 
ATOM   726  C CB  . CYS A 1 95  ? -9.070  -10.240 -8.946  1.00 14.08 ? 95  CYS A CB  1 
ATOM   727  S SG  . CYS A 1 95  ? -10.495 -10.573 -7.914  1.00 13.58 ? 95  CYS A SG  1 
ATOM   728  N N   . ALA A 1 96  ? -8.191  -9.141  -12.012 1.00 14.52 ? 96  ALA A N   1 
ATOM   729  C CA  . ALA A 1 96  ? -7.081  -8.754  -12.928 1.00 13.22 ? 96  ALA A CA  1 
ATOM   730  C C   . ALA A 1 96  ? -6.734  -7.297  -12.629 1.00 11.58 ? 96  ALA A C   1 
ATOM   731  O O   . ALA A 1 96  ? -7.612  -6.467  -12.432 1.00 10.72 ? 96  ALA A O   1 
ATOM   732  C CB  . ALA A 1 96  ? -7.484  -8.991  -14.354 1.00 13.73 ? 96  ALA A CB  1 
ATOM   733  N N   . TYR A 1 97  ? -5.435  -7.069  -12.613 1.00 11.03 ? 97  TYR A N   1 
ATOM   734  C CA  . TYR A 1 97  ? -4.886  -5.750  -12.334 1.00 11.10 ? 97  TYR A CA  1 
ATOM   735  C C   . TYR A 1 97  ? -3.846  -5.262  -13.328 1.00 10.98 ? 97  TYR A C   1 
ATOM   736  O O   . TYR A 1 97  ? -3.139  -6.039  -13.961 1.00 10.98 ? 97  TYR A O   1 
ATOM   737  C CB  . TYR A 1 97  ? -4.092  -5.823  -10.933 1.00 11.25 ? 97  TYR A CB  1 
ATOM   738  C CG  . TYR A 1 97  ? -5.122  -6.136  -9.857  1.00 10.92 ? 97  TYR A CG  1 
ATOM   739  C CD1 . TYR A 1 97  ? -5.854  -5.092  -9.315  1.00 11.39 ? 97  TYR A CD1 1 
ATOM   740  C CD2 . TYR A 1 97  ? -5.382  -7.429  -9.455  1.00 10.90 ? 97  TYR A CD2 1 
ATOM   741  C CE1 . TYR A 1 97  ? -6.841  -5.324  -8.363  1.00 13.47 ? 97  TYR A CE1 1 
ATOM   742  C CE2 . TYR A 1 97  ? -6.359  -7.681  -8.480  1.00 12.75 ? 97  TYR A CE2 1 
ATOM   743  C CZ  . TYR A 1 97  ? -7.086  -6.638  -7.946  1.00 12.81 ? 97  TYR A CZ  1 
ATOM   744  O OH  . TYR A 1 97  ? -8.039  -6.883  -6.994  1.00 13.70 ? 97  TYR A OH  1 
ATOM   745  N N   . LYS A 1 98  ? -3.795  -3.953  -13.360 1.00 11.59 ? 98  LYS A N   1 
ATOM   746  C CA  . LYS A 1 98  ? -2.776  -3.262  -14.220 1.00 12.88 ? 98  LYS A CA  1 
ATOM   747  C C   . LYS A 1 98  ? -1.704  -2.841  -13.203 1.00 13.20 ? 98  LYS A C   1 
ATOM   748  O O   . LYS A 1 98  ? -2.084  -2.335  -12.135 1.00 12.57 ? 98  LYS A O   1 
ATOM   749  C CB  . LYS A 1 98  ? -3.407  -2.118  -14.923 1.00 15.02 ? 98  LYS A CB  1 
ATOM   750  C CG  . LYS A 1 98  ? -2.559  -0.976  -15.395 1.00 19.94 ? 98  LYS A CG  1 
ATOM   751  C CD  . LYS A 1 98  ? -1.787  -1.375  -16.665 1.00 24.00 ? 98  LYS A CD  1 
ATOM   752  C CE  . LYS A 1 98  ? -1.125  -0.053  -17.180 1.00 28.35 ? 98  LYS A CE  1 
ATOM   753  N NZ  . LYS A 1 98  ? -2.082  0.633   -18.128 1.00 31.79 ? 98  LYS A NZ  1 
ATOM   754  N N   . THR A 1 99  ? -0.435  -3.064  -13.495 1.00 12.44 ? 99  THR A N   1 
ATOM   755  C CA  . THR A 1 99  ? 0.676   -2.709  -12.634 1.00 13.45 ? 99  THR A CA  1 
ATOM   756  C C   . THR A 1 99  ? 1.323   -1.403  -13.049 1.00 14.61 ? 99  THR A C   1 
ATOM   757  O O   . THR A 1 99  ? 1.682   -1.360  -14.244 1.00 14.25 ? 99  THR A O   1 
ATOM   758  C CB  . THR A 1 99  ? 1.812   -3.835  -12.688 1.00 13.40 ? 99  THR A CB  1 
ATOM   759  O OG1 . THR A 1 99  ? 1.142   -5.038  -12.273 1.00 13.65 ? 99  THR A OG1 1 
ATOM   760  C CG2 . THR A 1 99  ? 3.038   -3.517  -11.829 1.00 11.57 ? 99  THR A CG2 1 
ATOM   761  N N   . THR A 1 100 ? 1.460   -0.458  -12.164 1.00 15.06 ? 100 THR A N   1 
ATOM   762  C CA  . THR A 1 100 ? 2.087   0.841   -12.449 1.00 17.05 ? 100 THR A CA  1 
ATOM   763  C C   . THR A 1 100 ? 3.188   1.113   -11.444 1.00 16.97 ? 100 THR A C   1 
ATOM   764  O O   . THR A 1 100 ? 2.942   1.154   -10.233 1.00 16.00 ? 100 THR A O   1 
ATOM   765  C CB  . THR A 1 100 ? 1.019   2.012   -12.462 1.00 16.42 ? 100 THR A CB  1 
ATOM   766  O OG1 . THR A 1 100 ? 0.060   1.629   -13.485 1.00 18.13 ? 100 THR A OG1 1 
ATOM   767  C CG2 . THR A 1 100 ? 1.638   3.397   -12.697 1.00 18.25 ? 100 THR A CG2 1 
ATOM   768  N N   . GLN A 1 101 ? 4.399   1.309   -11.944 1.00 18.28 ? 101 GLN A N   1 
ATOM   769  C CA  . GLN A 1 101 ? 5.557   1.557   -11.022 1.00 19.40 ? 101 GLN A CA  1 
ATOM   770  C C   . GLN A 1 101 ? 5.679   3.054   -10.821 1.00 19.30 ? 101 GLN A C   1 
ATOM   771  O O   . GLN A 1 101 ? 5.376   3.802   -11.812 1.00 20.94 ? 101 GLN A O   1 
ATOM   772  C CB  . GLN A 1 101 ? 6.821   0.895   -11.557 1.00 21.07 ? 101 GLN A CB  1 
ATOM   773  C CG  . GLN A 1 101 ? 8.038   1.035   -10.657 1.00 22.20 ? 101 GLN A CG  1 
ATOM   774  C CD  . GLN A 1 101 ? 7.928   0.534   -9.235  1.00 23.58 ? 101 GLN A CD  1 
ATOM   775  O OE1 . GLN A 1 101 ? 7.366   -0.541  -8.969  1.00 19.72 ? 101 GLN A OE1 1 
ATOM   776  N NE2 . GLN A 1 101 ? 8.523   1.381   -8.360  1.00 17.85 ? 101 GLN A NE2 1 
ATOM   777  N N   . ALA A 1 102 ? 6.080   3.488   -9.644  1.00 17.22 ? 102 ALA A N   1 
ATOM   778  C CA  . ALA A 1 102 ? 6.207   4.962   -9.444  1.00 16.31 ? 102 ALA A CA  1 
ATOM   779  C C   . ALA A 1 102 ? 7.132   5.230   -8.284  1.00 16.59 ? 102 ALA A C   1 
ATOM   780  O O   . ALA A 1 102 ? 7.559   4.310   -7.586  1.00 16.82 ? 102 ALA A O   1 
ATOM   781  C CB  . ALA A 1 102 ? 4.803   5.473   -9.234  1.00 14.55 ? 102 ALA A CB  1 
ATOM   782  N N   . ASN A 1 103 ? 7.435   6.485   -8.085  1.00 17.44 ? 103 ASN A N   1 
ATOM   783  C CA  . ASN A 1 103 ? 8.276   7.011   -6.988  1.00 17.11 ? 103 ASN A CA  1 
ATOM   784  C C   . ASN A 1 103 ? 7.529   8.258   -6.500  1.00 16.26 ? 103 ASN A C   1 
ATOM   785  O O   . ASN A 1 103 ? 7.533   9.241   -7.260  1.00 16.47 ? 103 ASN A O   1 
ATOM   786  C CB  . ASN A 1 103 ? 9.706   7.311   -7.390  1.00 21.21 ? 103 ASN A CB  1 
ATOM   787  C CG  . ASN A 1 103 ? 10.319  6.047   -7.972  1.00 24.83 ? 103 ASN A CG  1 
ATOM   788  O OD1 . ASN A 1 103 ? 9.985   5.694   -9.116  1.00 28.15 ? 103 ASN A OD1 1 
ATOM   789  N ND2 . ASN A 1 103 ? 11.132  5.372   -7.168  1.00 28.34 ? 103 ASN A ND2 1 
ATOM   790  N N   . LYS A 1 104 ? 6.915   8.162   -5.342  1.00 14.01 ? 104 LYS A N   1 
ATOM   791  C CA  . LYS A 1 104 ? 6.181   9.319   -4.846  1.00 12.83 ? 104 LYS A CA  1 
ATOM   792  C C   . LYS A 1 104 ? 6.274   9.342   -3.326  1.00 12.30 ? 104 LYS A C   1 
ATOM   793  O O   . LYS A 1 104 ? 6.796   8.421   -2.736  1.00 11.90 ? 104 LYS A O   1 
ATOM   794  C CB  . LYS A 1 104 ? 4.703   9.234   -5.116  1.00 15.83 ? 104 LYS A CB  1 
ATOM   795  C CG  . LYS A 1 104 ? 4.129   8.590   -6.294  1.00 19.08 ? 104 LYS A CG  1 
ATOM   796  C CD  . LYS A 1 104 ? 3.525   9.556   -7.286  1.00 22.74 ? 104 LYS A CD  1 
ATOM   797  C CE  . LYS A 1 104 ? 2.499   8.830   -8.128  1.00 26.38 ? 104 LYS A CE  1 
ATOM   798  N NZ  . LYS A 1 104 ? 2.314   9.499   -9.458  1.00 29.41 ? 104 LYS A NZ  1 
ATOM   799  N N   . HIS A 1 105 ? 5.725   10.381  -2.788  1.00 12.57 ? 105 HIS A N   1 
ATOM   800  C CA  . HIS A 1 105 ? 5.643   10.546  -1.326  1.00 12.68 ? 105 HIS A CA  1 
ATOM   801  C C   . HIS A 1 105 ? 4.398   9.698   -0.929  1.00 12.13 ? 105 HIS A C   1 
ATOM   802  O O   . HIS A 1 105 ? 3.483   9.649   -1.746  1.00 12.12 ? 105 HIS A O   1 
ATOM   803  C CB  . HIS A 1 105 ? 5.350   11.978  -0.879  1.00 15.12 ? 105 HIS A CB  1 
ATOM   804  C CG  . HIS A 1 105 ? 6.531   12.829  -1.262  1.00 15.98 ? 105 HIS A CG  1 
ATOM   805  N ND1 . HIS A 1 105 ? 7.584   13.057  -0.426  1.00 18.89 ? 105 HIS A ND1 1 
ATOM   806  C CD2 . HIS A 1 105 ? 6.773   13.477  -2.408  1.00 17.45 ? 105 HIS A CD2 1 
ATOM   807  C CE1 . HIS A 1 105 ? 8.450   13.843  -1.079  1.00 20.29 ? 105 HIS A CE1 1 
ATOM   808  N NE2 . HIS A 1 105 ? 7.964   14.100  -2.272  1.00 17.96 ? 105 HIS A NE2 1 
ATOM   809  N N   . ILE A 1 106 ? 4.475   9.103   0.251   1.00 10.92 ? 106 ILE A N   1 
ATOM   810  C CA  . ILE A 1 106 ? 3.317   8.310   0.708   1.00 10.06 ? 106 ILE A CA  1 
ATOM   811  C C   . ILE A 1 106 ? 2.674   9.030   1.886   1.00 10.34 ? 106 ILE A C   1 
ATOM   812  O O   . ILE A 1 106 ? 3.297   9.790   2.615   1.00 10.21 ? 106 ILE A O   1 
ATOM   813  C CB  . ILE A 1 106 ? 3.687   6.806   0.966   1.00 9.34  ? 106 ILE A CB  1 
ATOM   814  C CG1 . ILE A 1 106 ? 4.526   6.676   2.223   1.00 11.42 ? 106 ILE A CG1 1 
ATOM   815  C CG2 . ILE A 1 106 ? 4.302   6.154   -0.316  1.00 11.45 ? 106 ILE A CG2 1 
ATOM   816  C CD1 . ILE A 1 106 ? 4.812   5.287   2.788   1.00 12.01 ? 106 ILE A CD1 1 
ATOM   817  N N   . ILE A 1 107 ? 1.378   8.793   2.043   1.00 10.30 ? 107 ILE A N   1 
ATOM   818  C CA  . ILE A 1 107 ? 0.566   9.357   3.108   1.00 10.12 ? 107 ILE A CA  1 
ATOM   819  C C   . ILE A 1 107 ? -0.144  8.158   3.801   1.00 9.72  ? 107 ILE A C   1 
ATOM   820  O O   . ILE A 1 107 ? -0.952  7.476   3.158   1.00 10.21 ? 107 ILE A O   1 
ATOM   821  C CB  . ILE A 1 107 ? -0.477  10.406  2.676   1.00 10.53 ? 107 ILE A CB  1 
ATOM   822  C CG1 . ILE A 1 107 ? 0.233   11.525  1.826   1.00 13.98 ? 107 ILE A CG1 1 
ATOM   823  C CG2 . ILE A 1 107 ? -1.252  11.046  3.856   1.00 9.86  ? 107 ILE A CG2 1 
ATOM   824  C CD1 . ILE A 1 107 ? -0.771  12.575  1.333   1.00 13.09 ? 107 ILE A CD1 1 
ATOM   825  N N   . VAL A 1 108 ? 0.226   8.014   5.066   1.00 10.23 ? 108 VAL A N   1 
ATOM   826  C CA  . VAL A 1 108 ? -0.344  6.916   5.880   1.00 9.62  ? 108 VAL A CA  1 
ATOM   827  C C   . VAL A 1 108 ? -1.042  7.492   7.091   1.00 9.67  ? 108 VAL A C   1 
ATOM   828  O O   . VAL A 1 108 ? -0.815  8.625   7.512   1.00 10.19 ? 108 VAL A O   1 
ATOM   829  C CB  . VAL A 1 108 ? 0.756   5.878   6.218   1.00 9.42  ? 108 VAL A CB  1 
ATOM   830  C CG1 . VAL A 1 108 ? 1.432   5.251   4.991   1.00 9.57  ? 108 VAL A CG1 1 
ATOM   831  C CG2 . VAL A 1 108 ? 1.828   6.392   7.152   1.00 10.26 ? 108 VAL A CG2 1 
ATOM   832  N N   . ALA A 1 109 ? -1.939  6.674   7.640   1.00 10.36 ? 109 ALA A N   1 
ATOM   833  C CA  . ALA A 1 109 ? -2.670  6.986   8.884   1.00 11.27 ? 109 ALA A CA  1 
ATOM   834  C C   . ALA A 1 109 ? -1.895  6.132   9.932   1.00 12.48 ? 109 ALA A C   1 
ATOM   835  O O   . ALA A 1 109 ? -1.563  4.950   9.636   1.00 12.30 ? 109 ALA A O   1 
ATOM   836  C CB  . ALA A 1 109 ? -4.108  6.642   8.898   1.00 12.06 ? 109 ALA A CB  1 
ATOM   837  N N   . CYS A 1 110 ? -1.627  6.739   11.062  1.00 12.39 ? 110 CYS A N   1 
ATOM   838  C CA  . CYS A 1 110 ? -0.912  6.050   12.143  1.00 13.57 ? 110 CYS A CA  1 
ATOM   839  C C   . CYS A 1 110 ? -1.744  5.978   13.420  1.00 14.88 ? 110 CYS A C   1 
ATOM   840  O O   . CYS A 1 110 ? -2.496  6.906   13.737  1.00 15.60 ? 110 CYS A O   1 
ATOM   841  C CB  . CYS A 1 110 ? 0.422   6.731   12.477  1.00 14.28 ? 110 CYS A CB  1 
ATOM   842  S SG  . CYS A 1 110 ? 1.481   6.885   11.023  1.00 13.17 ? 110 CYS A SG  1 
ATOM   843  N N   . GLU A 1 111 ? -1.510  4.872   14.091  1.00 16.19 ? 111 GLU A N   1 
ATOM   844  C CA  . GLU A 1 111 ? -2.211  4.634   15.375  1.00 19.04 ? 111 GLU A CA  1 
ATOM   845  C C   . GLU A 1 111 ? -1.239  4.035   16.367  1.00 22.05 ? 111 GLU A C   1 
ATOM   846  O O   . GLU A 1 111 ? -0.246  3.414   15.989  1.00 20.78 ? 111 GLU A O   1 
ATOM   847  C CB  . GLU A 1 111 ? -3.416  3.749   15.238  1.00 19.88 ? 111 GLU A CB  1 
ATOM   848  C CG  . GLU A 1 111 ? -4.713  4.503   14.867  1.00 23.37 ? 111 GLU A CG  1 
ATOM   849  C CD  . GLU A 1 111 ? -5.805  3.596   14.386  1.00 27.57 ? 111 GLU A CD  1 
ATOM   850  O OE1 . GLU A 1 111 ? -5.756  2.478   14.977  1.00 29.69 ? 111 GLU A OE1 1 
ATOM   851  O OE2 . GLU A 1 111 ? -6.597  3.927   13.510  1.00 28.68 ? 111 GLU A OE2 1 
ATOM   852  N N   . GLY A 1 112 ? -1.601  4.287   17.632  1.00 25.79 ? 112 GLY A N   1 
ATOM   853  C CA  . GLY A 1 112 ? -0.735  3.745   18.740  1.00 31.28 ? 112 GLY A CA  1 
ATOM   854  C C   . GLY A 1 112 ? -1.531  4.200   20.003  1.00 35.66 ? 112 GLY A C   1 
ATOM   855  O O   . GLY A 1 112 ? -1.414  5.505   20.094  1.00 38.71 ? 112 GLY A O   1 
ATOM   856  N N   . PRO B 2 1   ? 3.766   1.265   20.225  1.00 28.96 ? 114 PRO B N   1 
ATOM   857  C CA  . PRO B 2 1   ? 4.411   2.315   19.398  1.00 27.39 ? 114 PRO B CA  1 
ATOM   858  C C   . PRO B 2 1   ? 3.445   2.816   18.336  1.00 25.32 ? 114 PRO B C   1 
ATOM   859  O O   . PRO B 2 1   ? 2.511   2.066   17.979  1.00 25.83 ? 114 PRO B O   1 
ATOM   860  C CB  . PRO B 2 1   ? 5.617   1.607   18.800  1.00 28.19 ? 114 PRO B CB  1 
ATOM   861  C CG  . PRO B 2 1   ? 5.479   0.146   19.178  1.00 29.86 ? 114 PRO B CG  1 
ATOM   862  C CD  . PRO B 2 1   ? 4.012   -0.048  19.566  1.00 28.90 ? 114 PRO B CD  1 
ATOM   863  N N   . TYR B 2 2   ? 3.666   3.979   17.823  1.00 23.40 ? 115 TYR B N   1 
ATOM   864  C CA  . TYR B 2 2   ? 2.807   4.620   16.773  1.00 21.87 ? 115 TYR B CA  1 
ATOM   865  C C   . TYR B 2 2   ? 3.184   4.114   15.406  1.00 20.28 ? 115 TYR B C   1 
ATOM   866  O O   . TYR B 2 2   ? 4.269   4.510   14.900  1.00 21.10 ? 115 TYR B O   1 
ATOM   867  C CB  . TYR B 2 2   ? 3.021   6.120   17.001  1.00 22.75 ? 115 TYR B CB  1 
ATOM   868  C CG  . TYR B 2 2   ? 2.005   7.068   16.474  1.00 25.18 ? 115 TYR B CG  1 
ATOM   869  C CD1 . TYR B 2 2   ? 0.643   6.948   16.748  1.00 25.49 ? 115 TYR B CD1 1 
ATOM   870  C CD2 . TYR B 2 2   ? 2.407   8.159   15.667  1.00 26.07 ? 115 TYR B CD2 1 
ATOM   871  C CE1 . TYR B 2 2   ? -0.296  7.843   16.236  1.00 26.79 ? 115 TYR B CE1 1 
ATOM   872  C CE2 . TYR B 2 2   ? 1.486   9.065   15.158  1.00 26.23 ? 115 TYR B CE2 1 
ATOM   873  C CZ  . TYR B 2 2   ? 0.135   8.910   15.443  1.00 26.68 ? 115 TYR B CZ  1 
ATOM   874  O OH  . TYR B 2 2   ? -0.736  9.824   14.921  1.00 26.68 ? 115 TYR B OH  1 
ATOM   875  N N   . VAL B 2 3   ? 2.372   3.275   14.769  1.00 16.51 ? 116 VAL B N   1 
ATOM   876  C CA  . VAL B 2 3   ? 2.675   2.709   13.440  1.00 13.88 ? 116 VAL B CA  1 
ATOM   877  C C   . VAL B 2 3   ? 1.595   2.934   12.400  1.00 12.17 ? 116 VAL B C   1 
ATOM   878  O O   . VAL B 2 3   ? 0.444   3.264   12.751  1.00 12.74 ? 116 VAL B O   1 
ATOM   879  C CB  . VAL B 2 3   ? 2.896   1.187   13.676  1.00 15.33 ? 116 VAL B CB  1 
ATOM   880  C CG1 . VAL B 2 3   ? 4.227   0.881   14.334  1.00 14.50 ? 116 VAL B CG1 1 
ATOM   881  C CG2 . VAL B 2 3   ? 1.712   0.609   14.458  1.00 14.61 ? 116 VAL B CG2 1 
ATOM   882  N N   . PRO B 2 4   ? 1.950   2.742   11.139  1.00 11.72 ? 117 PRO B N   1 
ATOM   883  C CA  . PRO B 2 4   ? 0.994   2.890   10.017  1.00 11.19 ? 117 PRO B CA  1 
ATOM   884  C C   . PRO B 2 4   ? -0.068  1.793   10.052  1.00 12.25 ? 117 PRO B C   1 
ATOM   885  O O   . PRO B 2 4   ? 0.187   0.546   10.163  1.00 11.71 ? 117 PRO B O   1 
ATOM   886  C CB  . PRO B 2 4   ? 1.840   2.876   8.765   1.00 11.52 ? 117 PRO B CB  1 
ATOM   887  C CG  . PRO B 2 4   ? 3.273   2.728   9.210   1.00 12.15 ? 117 PRO B CG  1 
ATOM   888  C CD  . PRO B 2 4   ? 3.293   2.343   10.661  1.00 10.66 ? 117 PRO B CD  1 
ATOM   889  N N   . VAL B 2 5   ? -1.291  2.216   9.901   1.00 10.54 ? 118 VAL B N   1 
ATOM   890  C CA  . VAL B 2 5   ? -2.490  1.346   9.929   1.00 12.54 ? 118 VAL B CA  1 
ATOM   891  C C   . VAL B 2 5   ? -3.363  1.412   8.722   1.00 13.01 ? 118 VAL B C   1 
ATOM   892  O O   . VAL B 2 5   ? -4.275  0.629   8.470   1.00 12.71 ? 118 VAL B O   1 
ATOM   893  C CB  . VAL B 2 5   ? -3.070  1.900   11.268  1.00 14.62 ? 118 VAL B CB  1 
ATOM   894  C CG1 . VAL B 2 5   ? -4.433  2.416   11.176  1.00 15.48 ? 118 VAL B CG1 1 
ATOM   895  C CG2 . VAL B 2 5   ? -2.684  0.976   12.419  1.00 13.41 ? 118 VAL B CG2 1 
ATOM   896  N N   . HIS B 2 6   ? -3.065  2.394   7.847   1.00 13.23 ? 119 HIS B N   1 
ATOM   897  C CA  . HIS B 2 6   ? -3.822  2.632   6.599   1.00 12.09 ? 119 HIS B CA  1 
ATOM   898  C C   . HIS B 2 6   ? -2.960  3.393   5.601   1.00 10.58 ? 119 HIS B C   1 
ATOM   899  O O   . HIS B 2 6   ? -2.246  4.279   5.995   1.00 9.22  ? 119 HIS B O   1 
ATOM   900  C CB  . HIS B 2 6   ? -5.037  3.516   6.963   1.00 13.17 ? 119 HIS B CB  1 
ATOM   901  C CG  . HIS B 2 6   ? -5.718  4.235   5.865   1.00 14.18 ? 119 HIS B CG  1 
ATOM   902  N ND1 . HIS B 2 6   ? -6.553  3.717   4.938   1.00 16.53 ? 119 HIS B ND1 1 
ATOM   903  C CD2 . HIS B 2 6   ? -5.672  5.574   5.594   1.00 16.47 ? 119 HIS B CD2 1 
ATOM   904  C CE1 . HIS B 2 6   ? -7.013  4.629   4.114   1.00 16.90 ? 119 HIS B CE1 1 
ATOM   905  N NE2 . HIS B 2 6   ? -6.480  5.780   4.503   1.00 17.66 ? 119 HIS B NE2 1 
ATOM   906  N N   . PHE B 2 7   ? -3.069  3.050   4.363   1.00 10.75 ? 120 PHE B N   1 
ATOM   907  C CA  . PHE B 2 7   ? -2.363  3.701   3.245   1.00 11.59 ? 120 PHE B CA  1 
ATOM   908  C C   . PHE B 2 7   ? -3.392  4.714   2.704   1.00 11.62 ? 120 PHE B C   1 
ATOM   909  O O   . PHE B 2 7   ? -4.460  4.275   2.199   1.00 12.27 ? 120 PHE B O   1 
ATOM   910  C CB  . PHE B 2 7   ? -1.897  2.733   2.176   1.00 10.79 ? 120 PHE B CB  1 
ATOM   911  C CG  . PHE B 2 7   ? -0.964  3.400   1.190   1.00 10.93 ? 120 PHE B CG  1 
ATOM   912  C CD1 . PHE B 2 7   ? -1.493  4.102   0.124   1.00 11.71 ? 120 PHE B CD1 1 
ATOM   913  C CD2 . PHE B 2 7   ? 0.413   3.281   1.411   1.00 11.70 ? 120 PHE B CD2 1 
ATOM   914  C CE1 . PHE B 2 7   ? -0.636  4.732   -0.792  1.00 11.81 ? 120 PHE B CE1 1 
ATOM   915  C CE2 . PHE B 2 7   ? 1.299   3.920   0.461   1.00 11.62 ? 120 PHE B CE2 1 
ATOM   916  C CZ  . PHE B 2 7   ? 0.753   4.629   -0.582  1.00 10.17 ? 120 PHE B CZ  1 
ATOM   917  N N   . ASP B 2 8   ? -3.072  5.985   2.809   1.00 10.91 ? 121 ASP B N   1 
ATOM   918  C CA  . ASP B 2 8   ? -4.070  6.976   2.368   1.00 11.63 ? 121 ASP B CA  1 
ATOM   919  C C   . ASP B 2 8   ? -3.962  7.468   0.965   1.00 12.63 ? 121 ASP B C   1 
ATOM   920  O O   . ASP B 2 8   ? -4.995  7.689   0.287   1.00 14.94 ? 121 ASP B O   1 
ATOM   921  C CB  . ASP B 2 8   ? -4.019  8.147   3.402   1.00 13.29 ? 121 ASP B CB  1 
ATOM   922  C CG  . ASP B 2 8   ? -5.339  8.940   3.345   1.00 15.76 ? 121 ASP B CG  1 
ATOM   923  O OD1 . ASP B 2 8   ? -6.430  8.325   3.567   1.00 15.70 ? 121 ASP B OD1 1 
ATOM   924  O OD2 . ASP B 2 8   ? -5.153  10.137  3.081   1.00 14.81 ? 121 ASP B OD2 1 
ATOM   925  N N   . ALA B 2 9   ? -2.757  7.709   0.490   1.00 12.69 ? 122 ALA B N   1 
ATOM   926  C CA  . ALA B 2 9   ? -2.468  8.245   -0.814  1.00 13.40 ? 122 ALA B CA  1 
ATOM   927  C C   . ALA B 2 9   ? -0.984  8.368   -1.100  1.00 12.40 ? 122 ALA B C   1 
ATOM   928  O O   . ALA B 2 9   ? -0.144  8.302   -0.206  1.00 12.21 ? 122 ALA B O   1 
ATOM   929  C CB  . ALA B 2 9   ? -3.048  9.699   -0.815  1.00 12.12 ? 122 ALA B CB  1 
ATOM   930  N N   . SER B 2 10  ? -0.710  8.517   -2.380  1.00 14.24 ? 123 SER B N   1 
ATOM   931  C CA  . SER B 2 10  ? 0.667   8.692   -2.883  1.00 16.10 ? 123 SER B CA  1 
ATOM   932  C C   . SER B 2 10  ? 0.599   10.115  -3.490  1.00 18.20 ? 123 SER B C   1 
ATOM   933  O O   . SER B 2 10  ? -0.434  10.431  -4.137  1.00 18.82 ? 123 SER B O   1 
ATOM   934  C CB  . SER B 2 10  ? 1.193   7.699   -3.838  1.00 16.89 ? 123 SER B CB  1 
ATOM   935  O OG  . SER B 2 10  ? 0.397   7.426   -4.957  1.00 18.56 ? 123 SER B OG  1 
ATOM   936  N N   . VAL B 2 11  ? 1.654   10.829  -3.248  1.00 19.17 ? 124 VAL B N   1 
ATOM   937  C CA  . VAL B 2 11  ? 1.641   12.263  -3.788  1.00 22.51 ? 124 VAL B CA  1 
ATOM   938  C C   . VAL B 2 11  ? 2.977   12.451  -4.465  1.00 23.51 ? 124 VAL B C   1 
ATOM   939  O O   . VAL B 2 11  ? 2.966   13.067  -5.571  1.00 24.37 ? 124 VAL B O   1 
ATOM   940  C CB  . VAL B 2 11  ? 1.159   13.041  -2.561  1.00 23.09 ? 124 VAL B CB  1 
ATOM   941  C CG1 . VAL B 2 11  ? 2.131   13.995  -1.926  1.00 24.64 ? 124 VAL B CG1 1 
ATOM   942  C CG2 . VAL B 2 11  ? -0.195  13.702  -2.761  1.00 24.42 ? 124 VAL B CG2 1 
ATOM   943  O OXT . VAL B 2 11  ? 4.030   11.975  -3.958  1.00 22.44 ? 124 VAL B OXT 1 
HETATM 944  P P   . PO4 C 3 .   ? -6.037  0.321   3.503   1.00 37.13 ? 125 PO4 A P   1 
HETATM 945  O O1  . PO4 C 3 .   ? -6.846  1.552   3.814   1.00 37.35 ? 125 PO4 A O1  1 
HETATM 946  O O2  . PO4 C 3 .   ? -4.609  0.453   3.857   1.00 32.08 ? 125 PO4 A O2  1 
HETATM 947  O O3  . PO4 C 3 .   ? -6.677  -0.759  4.383   1.00 37.00 ? 125 PO4 A O3  1 
HETATM 948  O O4  . PO4 C 3 .   ? -6.187  -0.160  2.065   1.00 36.87 ? 125 PO4 A O4  1 
HETATM 949  O O   . HOH D 4 .   ? -15.172 11.944  7.206   1.00 26.53 ? 126 HOH A O   1 
HETATM 950  O O   . HOH D 4 .   ? -12.574 8.342   11.809  1.00 15.15 ? 127 HOH A O   1 
HETATM 951  O O   . HOH D 4 .   ? -10.254 18.021  9.302   1.00 23.77 ? 128 HOH A O   1 
HETATM 952  O O   . HOH D 4 .   ? -6.725  5.582   11.350  1.00 27.38 ? 129 HOH A O   1 
HETATM 953  O O   . HOH D 4 .   ? -14.971 -4.762  -4.922  1.00 34.09 ? 130 HOH A O   1 
HETATM 954  O O   . HOH D 4 .   ? -11.834 -9.728  -0.199  1.00 31.00 ? 131 HOH A O   1 
HETATM 955  O O   . HOH D 4 .   ? -2.184  -2.693  15.265  1.00 22.37 ? 132 HOH A O   1 
HETATM 956  O O   . HOH D 4 .   ? -15.505 -8.854  -9.769  1.00 26.12 ? 134 HOH A O   1 
HETATM 957  O O   . HOH D 4 .   ? -7.657  -8.853  3.261   1.00 39.45 ? 135 HOH A O   1 
HETATM 958  O O   . HOH D 4 .   ? -1.307  -10.118 13.690  1.00 24.49 ? 137 HOH A O   1 
HETATM 959  O O   . HOH D 4 .   ? -9.480  -0.237  -2.667  1.00 33.73 ? 138 HOH A O   1 
HETATM 960  O O   . HOH D 4 .   ? -6.306  16.639  2.942   1.00 29.26 ? 139 HOH A O   1 
HETATM 961  O O   . HOH D 4 .   ? -9.751  -14.779 -5.681  1.00 31.58 ? 140 HOH A O   1 
HETATM 962  O O   . HOH D 4 .   ? -4.050  -1.511  5.749   1.00 17.41 ? 141 HOH A O   1 
HETATM 963  O O   . HOH D 4 .   ? -0.894  -10.923 8.524   1.00 19.59 ? 143 HOH A O   1 
HETATM 964  O O   . HOH D 4 .   ? -8.704  1.968   -4.073  1.00 53.27 ? 144 HOH A O   1 
HETATM 965  O O   . HOH D 4 .   ? -6.525  -13.776 -2.846  1.00 24.04 ? 145 HOH A O   1 
HETATM 966  O O   . HOH D 4 .   ? -14.368 -10.243 -17.606 1.00 31.92 ? 147 HOH A O   1 
HETATM 967  O O   . HOH D 4 .   ? -10.218 1.256   -9.456  1.00 35.26 ? 148 HOH A O   1 
HETATM 968  O O   . HOH D 4 .   ? 2.248   -1.560  10.193  1.00 20.97 ? 149 HOH A O   1 
HETATM 969  O O   . HOH D 4 .   ? -10.359 0.067   -11.362 1.00 41.63 ? 150 HOH A O   1 
HETATM 970  O O   . HOH D 4 .   ? 1.500   -8.999  8.121   1.00 16.44 ? 151 HOH A O   1 
HETATM 971  O O   . HOH D 4 .   ? -3.616  1.332   -1.377  1.00 23.11 ? 152 HOH A O   1 
HETATM 972  O O   . HOH D 4 .   ? -10.666 -11.762 -15.412 1.00 30.51 ? 153 HOH A O   1 
HETATM 973  O O   . HOH D 4 .   ? 2.120   19.370  10.147  1.00 30.05 ? 154 HOH A O   1 
HETATM 974  O O   . HOH D 4 .   ? -12.402 -10.174 -21.094 1.00 33.80 ? 155 HOH A O   1 
HETATM 975  O O   . HOH D 4 .   ? -5.184  -11.418 -8.658  1.00 25.77 ? 156 HOH A O   1 
HETATM 976  O O   . HOH D 4 .   ? -0.125  -13.801 2.769   1.00 39.51 ? 157 HOH A O   1 
HETATM 977  O O   . HOH D 4 .   ? -0.508  16.226  -0.446  1.00 40.03 ? 158 HOH A O   1 
HETATM 978  O O   . HOH D 4 .   ? 6.541   -9.768  9.410   1.00 26.94 ? 159 HOH A O   1 
HETATM 979  O O   . HOH D 4 .   ? 4.005   -12.483 0.213   1.00 41.69 ? 162 HOH A O   1 
HETATM 980  O O   . HOH D 4 .   ? -6.686  -7.623  -17.362 1.00 49.89 ? 163 HOH A O   1 
HETATM 981  O O   . HOH D 4 .   ? 11.165  3.240   12.526  1.00 32.00 ? 164 HOH A O   1 
HETATM 982  O O   . HOH D 4 .   ? -1.852  0.673   -12.103 1.00 15.83 ? 165 HOH A O   1 
HETATM 983  O O   . HOH D 4 .   ? 7.475   -7.376  2.566   1.00 24.34 ? 166 HOH A O   1 
HETATM 984  O O   . HOH D 4 .   ? 11.727  9.926   10.671  1.00 33.96 ? 167 HOH A O   1 
HETATM 985  O O   . HOH D 4 .   ? -0.665  -7.262  -12.874 1.00 12.38 ? 168 HOH A O   1 
HETATM 986  O O   . HOH D 4 .   ? 11.245  7.232   6.185   1.00 17.06 ? 169 HOH A O   1 
HETATM 987  O O   . HOH D 4 .   ? 12.989  -2.752  8.797   1.00 20.07 ? 170 HOH A O   1 
HETATM 988  O O   . HOH D 4 .   ? 10.716  9.923   4.227   1.00 24.74 ? 171 HOH A O   1 
HETATM 989  O O   . HOH D 4 .   ? 12.269  -4.631  6.191   1.00 25.59 ? 172 HOH A O   1 
HETATM 990  O O   . HOH D 4 .   ? 0.065   -4.431  -15.960 1.00 30.16 ? 173 HOH A O   1 
HETATM 991  O O   . HOH D 4 .   ? 7.435   -9.486  -4.683  1.00 25.81 ? 174 HOH A O   1 
HETATM 992  O O   . HOH D 4 .   ? 13.969  1.524   2.372   1.00 17.66 ? 175 HOH A O   1 
HETATM 993  O O   . HOH D 4 .   ? 6.649   -9.688  -11.284 1.00 33.70 ? 176 HOH A O   1 
HETATM 994  O O   . HOH D 4 .   ? 4.495   1.762   -15.124 1.00 33.16 ? 177 HOH A O   1 
HETATM 995  O O   . HOH D 4 .   ? 4.882   -9.746  -17.996 1.00 22.18 ? 179 HOH A O   1 
HETATM 996  O O   . HOH D 4 .   ? 12.287  7.152   -4.702  1.00 40.48 ? 180 HOH A O   1 
HETATM 997  O O   . HOH D 4 .   ? 11.659  2.737   -9.749  1.00 43.30 ? 181 HOH A O   1 
HETATM 998  O O   . HOH D 4 .   ? -15.677 -17.631 2.217   1.00 33.24 ? 182 HOH A O   1 
HETATM 999  O O   . HOH D 4 .   ? -13.145 9.864   3.155   1.00 56.94 ? 183 HOH A O   1 
HETATM 1000 O O   . HOH D 4 .   ? -7.761  -8.143  8.789   1.00 31.09 ? 184 HOH A O   1 
HETATM 1001 O O   . HOH D 4 .   ? -2.195  0.446   16.517  1.00 35.06 ? 186 HOH A O   1 
HETATM 1002 O O   . HOH D 4 .   ? -9.089  17.876  5.104   1.00 36.82 ? 187 HOH A O   1 
HETATM 1003 O O   . HOH D 4 .   ? -2.368  15.642  15.182  1.00 42.07 ? 189 HOH A O   1 
HETATM 1004 O O   . HOH D 4 .   ? -0.818  -11.463 12.125  1.00 29.50 ? 191 HOH A O   1 
HETATM 1005 O O   . HOH D 4 .   ? 4.043   -1.520  12.110  1.00 38.53 ? 192 HOH A O   1 
HETATM 1006 O O   . HOH D 4 .   ? 4.390   17.723  11.167  1.00 29.83 ? 193 HOH A O   1 
HETATM 1007 O O   . HOH D 4 .   ? 6.921   18.506  9.920   1.00 37.79 ? 195 HOH A O   1 
HETATM 1008 O O   . HOH D 4 .   ? 5.113   -7.767  4.332   1.00 33.43 ? 196 HOH A O   1 
HETATM 1009 O O   . HOH D 4 .   ? 0.322   6.532   -8.548  1.00 47.11 ? 197 HOH A O   1 
HETATM 1010 O O   . HOH D 4 .   ? -9.441  -6.428  0.653   1.00 54.77 ? 199 HOH A O   1 
HETATM 1011 O O   . HOH D 4 .   ? -5.449  1.988   0.651   1.00 28.24 ? 200 HOH A O   1 
HETATM 1012 O O   . HOH D 4 .   ? 3.767   -2.614  14.128  1.00 51.69 ? 201 HOH A O   1 
HETATM 1013 O O   . HOH D 4 .   ? 5.119   14.786  14.692  1.00 40.64 ? 202 HOH A O   1 
HETATM 1014 O O   . HOH D 4 .   ? 4.968   -10.997 -6.989  1.00 49.50 ? 203 HOH A O   1 
HETATM 1015 O O   . HOH D 4 .   ? -4.097  -1.146  -19.807 1.00 40.36 ? 204 HOH A O   1 
HETATM 1016 O O   . HOH D 4 .   ? 12.552  7.518   3.556   1.00 39.91 ? 205 HOH A O   1 
HETATM 1017 O O   . HOH D 4 .   ? 12.395  5.423   2.182   1.00 60.45 ? 206 HOH A O   1 
HETATM 1018 O O   . HOH D 4 .   ? 2.866   -14.297 -14.066 1.00 52.41 ? 207 HOH A O   1 
HETATM 1019 O O   . HOH D 4 .   ? 6.638   12.696  -7.271  1.00 34.08 ? 208 HOH A O   1 
HETATM 1020 O O   . HOH D 4 .   ? 12.780  13.328  -1.844  1.00 51.57 ? 209 HOH A O   1 
HETATM 1021 O O   . HOH D 4 .   ? 16.365  4.598   3.279   1.00 47.73 ? 210 HOH A O   1 
HETATM 1022 O O   . HOH D 4 .   ? -9.868  1.363   4.832   1.00 40.54 ? 211 HOH A O   1 
HETATM 1023 O O   . HOH D 4 .   ? -14.467 -4.602  -7.488  1.00 40.97 ? 212 HOH A O   1 
HETATM 1024 O O   . HOH D 4 .   ? -15.717 -7.463  -15.056 1.00 58.00 ? 213 HOH A O   1 
HETATM 1025 O O   . HOH D 4 .   ? 13.558  5.931   -0.337  1.00 45.65 ? 214 HOH A O   1 
HETATM 1026 O O   . HOH D 4 .   ? -14.280 16.853  7.260   1.00 51.90 ? 215 HOH A O   1 
HETATM 1027 O O   . HOH D 4 .   ? -15.185 -9.702  3.196   1.00 43.22 ? 216 HOH A O   1 
HETATM 1028 O O   . HOH D 4 .   ? -5.253  1.459   18.176  1.00 47.08 ? 217 HOH A O   1 
HETATM 1029 O O   . HOH D 4 .   ? -4.706  0.625   15.642  1.00 51.65 ? 218 HOH A O   1 
HETATM 1030 O O   . HOH D 4 .   ? 15.000  7.908   3.857   1.00 48.78 ? 221 HOH A O   1 
HETATM 1031 O O   . HOH D 4 .   ? 9.240   16.741  1.743   1.00 42.33 ? 222 HOH A O   1 
HETATM 1032 O O   . HOH D 4 .   ? 13.334  4.679   -2.869  1.00 29.03 ? 223 HOH A O   1 
HETATM 1033 O O   . HOH D 4 .   ? -3.452  6.529   18.170  1.00 45.17 ? 224 HOH A O   1 
HETATM 1034 O O   . HOH D 4 .   ? -5.180  4.366   19.408  1.00 45.04 ? 229 HOH A O   1 
HETATM 1035 O O   . HOH D 4 .   ? -4.855  8.224   16.586  1.00 47.90 ? 230 HOH A O   1 
HETATM 1036 O O   . HOH E 4 .   ? -8.901  8.962   4.394   1.00 24.77 ? 133 HOH B O   1 
HETATM 1037 O O   . HOH E 4 .   ? -5.129  -1.890  8.352   1.00 27.07 ? 136 HOH B O   1 
HETATM 1038 O O   . HOH E 4 .   ? -4.069  12.557  2.326   1.00 28.05 ? 146 HOH B O   1 
HETATM 1039 O O   . HOH E 4 .   ? 6.270   6.434   14.211  1.00 43.44 ? 160 HOH B O   1 
HETATM 1040 O O   . HOH E 4 .   ? -0.610  5.322   -4.838  1.00 30.03 ? 161 HOH B O   1 
HETATM 1041 O O   . HOH E 4 .   ? -7.792  0.972   10.614  1.00 34.57 ? 185 HOH B O   1 
HETATM 1042 O O   . HOH E 4 .   ? -6.590  9.946   -1.071  1.00 42.66 ? 219 HOH B O   1 
HETATM 1043 O O   . HOH E 4 .   ? -0.203  0.345   22.405  1.00 51.12 ? 226 HOH B O   1 
# 
